data_7UCI
#
_entry.id   7UCI
#
_cell.length_a   43.802
_cell.length_b   69.668
_cell.length_c   127.608
_cell.angle_alpha   86.440
_cell.angle_beta   83.260
_cell.angle_gamma   83.950
#
_symmetry.space_group_name_H-M   'P 1'
#
loop_
_entity.id
_entity.type
_entity.pdbx_description
1 polymer 'Polyketide synthase-related protein'
2 non-polymer S-ADENOSYL-L-HOMOCYSTEINE
3 non-polymer 'MANGANESE (II) ION'
4 non-polymer GLYCEROL
5 water water
#
_entity_poly.entity_id   1
_entity_poly.type   'polypeptide(L)'
_entity_poly.pdbx_seq_one_letter_code
;SNAMLQKINRYTHGFVAVPVILACREKGVFELLADESPLSLNQMVEHLGANSGHFQVALRMLESLHWLSRNKELKYSLTA
EAAIHNKISEDILQLYNLPIQSYLEGKQGNLLGRWIERSCQLWNLDNPLMADFLDGLLVIPLLLALHKHNLLADSEDKPL
LSSLSSTVQEELGKLFLHLGWADLTAGRLTITELGRFMGERALNTAIVASYTPMLSRIHDVLFGNCLSVFQRDASGHERH
IDRTLNVIGSGFQHQKYFADLEESILSVFNQLPLEEQPKYITDMGCGDGTLLKRVWETIQFKSARGKALEQYPLRLIGVD
YNEASLKATTRTLASLPHLVLQGDIGNPEQMVRSLEAHGIHDPENILHIRSFLDHDRLFIPPQKRNELKERAHLPYQSVC
VDDQGELIPPHVMVQSLVEHLERWSQVVNKHGLMILEVHCLEPRVVYQFLDKSENLHFDAFQGFSQQYLVEAEVFLMSAA
QVGLFPKLELSKRYPKTFPFTRITLNYFEKRPYKISHAYLSDLPALVDLEVKCWPENLRASTHEIRRRLELNPQGNLVLI
IEDQIIGAIYSQTITSTEALENVKYAQVPTLHTPQGSVIQLLALNILPEFQARGLGNELRDFMLYYCTLKGGIESVVGVT
RCRNYVNYSQMPMMEYLKLHNEQRQLLDPIVGFHVSGGAEIRGIIANYRPEDTDNLGMGILIEYNLRDSALHS
;
_entity_poly.pdbx_strand_id   A,B
#
# COMPACT_ATOMS: atom_id res chain seq x y z
N SER A 1 26.29 20.04 -1.44
CA SER A 1 27.53 20.01 -0.61
C SER A 1 27.17 19.93 0.87
N ASN A 2 28.15 19.58 1.70
CA ASN A 2 27.94 19.62 3.15
C ASN A 2 27.62 21.03 3.60
N ALA A 3 28.30 22.03 3.03
CA ALA A 3 28.10 23.41 3.46
C ALA A 3 26.66 23.87 3.24
N MET A 4 26.04 23.45 2.14
CA MET A 4 24.66 23.82 1.90
C MET A 4 23.72 23.12 2.88
N LEU A 5 23.97 21.84 3.15
CA LEU A 5 23.19 21.14 4.17
C LEU A 5 23.32 21.83 5.53
N GLN A 6 24.47 22.44 5.80
CA GLN A 6 24.63 23.20 7.03
C GLN A 6 23.69 24.39 7.06
N LYS A 7 23.55 25.10 5.94
CA LYS A 7 22.57 26.17 5.86
C LYS A 7 21.17 25.64 6.09
N ILE A 8 20.83 24.52 5.44
CA ILE A 8 19.55 23.87 5.70
C ILE A 8 19.42 23.53 7.18
N ASN A 9 20.52 23.05 7.78
CA ASN A 9 20.46 22.63 9.17
C ASN A 9 20.13 23.80 10.09
N ARG A 10 20.73 24.97 9.87
CA ARG A 10 20.48 26.09 10.75
C ARG A 10 19.17 26.79 10.46
N TYR A 11 18.62 26.65 9.25
CA TYR A 11 17.23 27.06 9.03
C TYR A 11 16.29 26.26 9.90
N THR A 12 16.43 24.93 9.89
CA THR A 12 15.59 24.07 10.71
C THR A 12 15.97 24.10 12.18
N HIS A 13 17.13 24.66 12.52
CA HIS A 13 17.46 24.86 13.93
C HIS A 13 16.54 25.90 14.57
N GLY A 14 16.34 27.02 13.89
CA GLY A 14 15.48 28.06 14.43
C GLY A 14 14.02 27.68 14.47
N PHE A 15 13.56 26.89 13.49
CA PHE A 15 12.19 26.40 13.49
C PHE A 15 11.82 25.80 14.84
N VAL A 16 12.74 25.06 15.45
CA VAL A 16 12.48 24.46 16.75
C VAL A 16 13.01 25.33 17.88
N ALA A 17 14.16 25.98 17.69
CA ALA A 17 14.81 26.65 18.79
C ALA A 17 14.12 27.95 19.17
N VAL A 18 13.40 28.57 18.27
CA VAL A 18 12.87 29.91 18.53
C VAL A 18 11.63 29.84 19.41
N PRO A 19 10.66 28.95 19.15
CA PRO A 19 9.49 28.88 20.04
C PRO A 19 9.87 28.72 21.50
N VAL A 20 10.89 27.90 21.77
CA VAL A 20 11.27 27.59 23.15
C VAL A 20 12.00 28.76 23.80
N ILE A 21 12.91 29.39 23.07
CA ILE A 21 13.57 30.59 23.58
C ILE A 21 12.53 31.62 23.98
N LEU A 22 11.57 31.88 23.10
CA LEU A 22 10.49 32.81 23.40
C LEU A 22 9.67 32.31 24.59
N ALA A 23 9.33 31.02 24.61
CA ALA A 23 8.59 30.48 25.74
C ALA A 23 9.35 30.66 27.04
N CYS A 24 10.66 30.35 27.03
CA CYS A 24 11.47 30.55 28.23
C CYS A 24 11.54 32.02 28.61
N ARG A 25 11.61 32.91 27.62
CA ARG A 25 11.70 34.34 27.92
C ARG A 25 10.41 34.87 28.52
N GLU A 26 9.28 34.28 28.18
CA GLU A 26 8.00 34.78 28.70
C GLU A 26 7.76 34.30 30.12
N LYS A 27 8.08 33.05 30.42
CA LYS A 27 8.00 32.56 31.80
C LYS A 27 9.11 33.14 32.67
N GLY A 28 10.10 33.81 32.07
CA GLY A 28 11.13 34.45 32.85
C GLY A 28 12.34 33.60 33.15
N VAL A 29 12.69 32.65 32.27
CA VAL A 29 13.87 31.83 32.50
C VAL A 29 15.12 32.70 32.48
N PHE A 30 15.24 33.56 31.47
CA PHE A 30 16.44 34.38 31.34
C PHE A 30 16.48 35.47 32.40
N GLU A 31 15.34 36.08 32.71
CA GLU A 31 15.30 37.06 33.78
C GLU A 31 15.69 36.43 35.11
N LEU A 32 15.29 35.18 35.34
CA LEU A 32 15.67 34.50 36.57
C LEU A 32 17.19 34.36 36.67
N LEU A 33 17.79 33.69 35.68
CA LEU A 33 19.24 33.46 35.73
C LEU A 33 20.02 34.77 35.72
N ALA A 34 19.43 35.84 35.16
CA ALA A 34 19.97 37.16 35.41
C ALA A 34 20.17 37.40 36.90
N ASP A 35 19.31 36.81 37.71
CA ASP A 35 19.48 36.74 39.15
C ASP A 35 19.94 35.32 39.53
N GLU A 36 20.24 35.15 40.83
CA GLU A 36 20.50 33.84 41.41
C GLU A 36 21.30 32.92 40.51
N SER A 37 22.23 33.48 39.74
CA SER A 37 22.75 32.86 38.54
C SER A 37 22.97 31.34 38.66
N PRO A 38 23.82 30.88 39.58
CA PRO A 38 24.06 29.43 39.66
C PRO A 38 22.81 28.68 40.11
N LEU A 39 22.19 27.90 39.21
CA LEU A 39 20.94 27.24 39.54
C LEU A 39 20.94 25.81 39.01
N SER A 40 20.29 24.92 39.77
CA SER A 40 20.12 23.53 39.38
C SER A 40 18.86 23.35 38.55
N LEU A 41 18.73 22.16 37.95
CA LEU A 41 17.49 21.80 37.29
C LEU A 41 16.33 21.88 38.27
N ASN A 42 16.42 21.15 39.38
CA ASN A 42 15.37 21.15 40.39
C ASN A 42 15.18 22.53 40.99
N GLN A 43 16.29 23.25 41.20
CA GLN A 43 16.20 24.62 41.72
C GLN A 43 15.31 25.48 40.85
N MET A 44 15.44 25.35 39.52
CA MET A 44 14.66 26.18 38.61
C MET A 44 13.23 25.66 38.46
N VAL A 45 13.08 24.35 38.25
CA VAL A 45 11.73 23.81 38.03
C VAL A 45 10.85 24.07 39.23
N GLU A 46 11.44 24.17 40.42
CA GLU A 46 10.67 24.56 41.59
C GLU A 46 10.37 26.06 41.56
N HIS A 47 11.34 26.87 41.17
CA HIS A 47 11.16 28.31 41.16
C HIS A 47 10.36 28.80 39.95
N LEU A 48 10.00 27.91 39.03
CA LEU A 48 9.26 28.29 37.84
C LEU A 48 8.01 27.46 37.60
N GLY A 49 7.73 26.47 38.45
CA GLY A 49 6.62 25.58 38.19
C GLY A 49 6.75 24.87 36.85
N ALA A 50 7.96 24.46 36.50
CA ALA A 50 8.22 23.84 35.21
C ALA A 50 8.00 22.34 35.27
N ASN A 51 7.86 21.74 34.09
CA ASN A 51 7.84 20.29 33.94
C ASN A 51 9.30 19.85 33.79
N SER A 52 9.87 19.32 34.88
CA SER A 52 11.33 19.14 34.96
C SER A 52 11.88 18.42 33.74
N GLY A 53 11.18 17.39 33.27
CA GLY A 53 11.63 16.65 32.11
C GLY A 53 11.74 17.52 30.88
N HIS A 54 10.61 18.07 30.43
CA HIS A 54 10.62 18.90 29.23
C HIS A 54 11.48 20.14 29.43
N PHE A 55 11.48 20.70 30.64
CA PHE A 55 12.31 21.88 30.86
C PHE A 55 13.80 21.54 30.77
N GLN A 56 14.18 20.32 31.16
CA GLN A 56 15.57 19.91 30.99
C GLN A 56 15.95 19.86 29.52
N VAL A 57 15.04 19.36 28.68
CA VAL A 57 15.27 19.34 27.24
C VAL A 57 15.58 20.76 26.75
N ALA A 58 14.80 21.73 27.21
CA ALA A 58 15.07 23.13 26.87
C ALA A 58 16.47 23.53 27.29
N LEU A 59 16.88 23.13 28.50
CA LEU A 59 18.21 23.50 28.98
C LEU A 59 19.30 22.90 28.10
N ARG A 60 19.17 21.61 27.75
CA ARG A 60 20.14 20.98 26.87
C ARG A 60 20.27 21.76 25.56
N MET A 61 19.15 22.10 24.95
CA MET A 61 19.18 22.91 23.73
C MET A 61 19.90 24.23 23.98
N LEU A 62 19.47 24.96 25.03
CA LEU A 62 20.08 26.26 25.31
C LEU A 62 21.57 26.13 25.57
N GLU A 63 21.98 25.13 26.35
CA GLU A 63 23.41 24.87 26.52
C GLU A 63 24.06 24.58 25.17
N SER A 64 23.42 23.72 24.36
CA SER A 64 23.97 23.38 23.06
C SER A 64 24.13 24.60 22.17
N LEU A 65 23.30 25.63 22.37
CA LEU A 65 23.49 26.90 21.70
C LEU A 65 24.50 27.79 22.43
N HIS A 66 25.08 27.30 23.52
CA HIS A 66 25.99 28.07 24.36
C HIS A 66 25.38 29.41 24.78
N TRP A 67 24.10 29.36 25.14
CA TRP A 67 23.51 30.45 25.91
C TRP A 67 23.64 30.21 27.40
N LEU A 68 23.90 28.98 27.81
CA LEU A 68 24.09 28.62 29.21
C LEU A 68 25.33 27.75 29.35
N SER A 69 26.12 28.02 30.37
CA SER A 69 27.21 27.15 30.79
C SER A 69 26.73 26.33 31.98
N ARG A 70 27.05 25.03 31.98
CA ARG A 70 26.66 24.13 33.05
C ARG A 70 27.93 23.71 33.79
N ASN A 71 28.03 24.12 35.06
CA ASN A 71 29.25 23.87 35.82
C ASN A 71 29.30 22.42 36.29
N LYS A 72 30.41 22.05 36.93
CA LYS A 72 30.61 20.68 37.37
C LYS A 72 29.69 20.30 38.53
N GLU A 73 29.10 21.29 39.21
CA GLU A 73 27.99 21.01 40.11
C GLU A 73 26.66 20.87 39.36
N LEU A 74 26.70 20.92 38.02
CA LEU A 74 25.54 20.75 37.14
C LEU A 74 24.59 21.95 37.16
N LYS A 75 24.99 23.06 37.78
CA LYS A 75 24.15 24.25 37.82
C LYS A 75 24.47 25.15 36.63
N TYR A 76 23.44 25.80 36.10
CA TYR A 76 23.54 26.56 34.86
C TYR A 76 23.80 28.04 35.13
N SER A 77 24.33 28.70 34.11
CA SER A 77 24.62 30.13 34.15
C SER A 77 24.41 30.69 32.76
N LEU A 78 24.07 31.97 32.67
CA LEU A 78 23.96 32.61 31.37
C LEU A 78 25.34 32.78 30.74
N THR A 79 25.34 33.00 29.43
CA THR A 79 26.53 33.41 28.69
C THR A 79 26.19 34.68 27.91
N ALA A 80 27.21 35.30 27.34
CA ALA A 80 26.99 36.54 26.59
C ALA A 80 26.06 36.30 25.41
N GLU A 81 26.22 35.16 24.72
CA GLU A 81 25.36 34.86 23.59
C GLU A 81 23.89 34.91 23.97
N ALA A 82 23.57 34.67 25.24
CA ALA A 82 22.17 34.58 25.66
C ALA A 82 21.49 35.95 25.75
N ALA A 83 22.24 37.05 25.62
CA ALA A 83 21.64 38.37 25.75
C ALA A 83 20.77 38.73 24.55
N ILE A 84 20.98 38.10 23.40
CA ILE A 84 20.27 38.44 22.18
C ILE A 84 18.79 38.10 22.23
N HIS A 85 18.35 37.35 23.24
CA HIS A 85 16.95 36.97 23.34
C HIS A 85 16.02 38.18 23.32
N ASN A 86 16.50 39.35 23.72
CA ASN A 86 15.63 40.51 23.85
C ASN A 86 15.12 41.00 22.49
N LYS A 87 15.89 40.77 21.42
CA LYS A 87 15.58 41.35 20.13
C LYS A 87 14.76 40.44 19.24
N ILE A 88 14.58 39.18 19.60
CA ILE A 88 13.64 38.31 18.91
C ILE A 88 12.24 38.80 19.21
N SER A 89 11.67 39.61 18.31
CA SER A 89 10.30 40.09 18.52
C SER A 89 9.35 38.90 18.53
N GLU A 90 8.32 38.99 19.37
CA GLU A 90 7.42 37.85 19.54
C GLU A 90 6.70 37.51 18.25
N ASP A 91 6.17 38.52 17.55
CA ASP A 91 5.23 38.29 16.46
C ASP A 91 5.76 37.37 15.38
N ILE A 92 7.06 37.03 15.40
CA ILE A 92 7.60 36.12 14.39
C ILE A 92 6.91 34.77 14.44
N LEU A 93 6.30 34.41 15.57
CA LEU A 93 5.64 33.11 15.67
C LEU A 93 4.43 33.01 14.74
N GLN A 94 3.97 34.14 14.18
CA GLN A 94 2.88 34.11 13.22
C GLN A 94 3.26 33.39 11.93
N LEU A 95 4.56 33.15 11.70
CA LEU A 95 4.98 32.48 10.47
C LEU A 95 4.45 31.06 10.41
N TYR A 96 4.24 30.41 11.55
CA TYR A 96 3.94 28.98 11.57
C TYR A 96 2.58 28.66 10.95
N ASN A 97 1.70 29.65 10.80
CA ASN A 97 0.32 29.38 10.37
C ASN A 97 -0.12 30.20 9.18
N LEU A 98 0.79 30.88 8.49
CA LEU A 98 0.41 31.64 7.32
C LEU A 98 -0.05 30.71 6.19
N PRO A 99 -0.99 31.16 5.36
CA PRO A 99 -1.45 30.30 4.23
C PRO A 99 -0.56 30.38 3.00
N ILE A 100 0.59 29.71 3.06
CA ILE A 100 1.56 29.80 1.98
C ILE A 100 1.18 28.90 0.81
N GLN A 101 0.48 27.80 1.07
CA GLN A 101 -0.05 27.00 -0.04
C GLN A 101 -0.87 27.88 -0.97
N SER A 102 -1.86 28.59 -0.42
CA SER A 102 -2.67 29.49 -1.23
C SER A 102 -1.82 30.63 -1.79
N TYR A 103 -0.88 31.14 -0.99
CA TYR A 103 -0.07 32.28 -1.41
C TYR A 103 0.56 32.02 -2.78
N LEU A 104 1.27 30.90 -2.92
CA LEU A 104 1.90 30.58 -4.19
C LEU A 104 0.88 30.50 -5.31
N GLU A 105 -0.35 30.11 -4.99
CA GLU A 105 -1.42 30.01 -5.98
C GLU A 105 -2.05 31.36 -6.31
N GLY A 106 -1.46 32.46 -5.81
CA GLY A 106 -1.90 33.79 -6.17
C GLY A 106 -3.08 34.32 -5.39
N LYS A 107 -3.55 33.61 -4.36
CA LYS A 107 -4.82 33.92 -3.72
C LYS A 107 -4.65 34.36 -2.27
N GLN A 108 -3.51 34.96 -1.92
CA GLN A 108 -3.33 35.53 -0.59
C GLN A 108 -2.73 36.92 -0.64
N GLY A 109 -2.69 37.56 -1.81
CA GLY A 109 -2.16 38.90 -1.90
C GLY A 109 -0.67 38.94 -1.58
N ASN A 110 -0.24 40.09 -1.07
CA ASN A 110 1.16 40.32 -0.70
C ASN A 110 1.47 39.80 0.69
N LEU A 111 1.08 38.55 0.96
CA LEU A 111 1.16 37.99 2.30
C LEU A 111 2.57 38.14 2.88
N LEU A 112 3.58 37.78 2.09
CA LEU A 112 4.95 37.66 2.59
C LEU A 112 5.81 38.86 2.22
N GLY A 113 5.23 40.06 2.15
CA GLY A 113 6.01 41.24 1.85
C GLY A 113 6.66 41.88 3.06
N ARG A 114 5.96 41.86 4.19
CA ARG A 114 6.48 42.51 5.39
C ARG A 114 7.56 41.68 6.07
N TRP A 115 7.43 40.36 6.05
CA TRP A 115 8.47 39.51 6.63
C TRP A 115 9.73 39.55 5.79
N ILE A 116 9.59 39.36 4.48
CA ILE A 116 10.75 39.31 3.58
C ILE A 116 11.59 40.57 3.74
N GLU A 117 10.95 41.71 3.98
CA GLU A 117 11.71 42.92 4.26
C GLU A 117 12.46 42.79 5.59
N ARG A 118 11.82 42.18 6.58
CA ARG A 118 12.47 41.99 7.88
C ARG A 118 13.57 40.94 7.80
N SER A 119 13.44 39.97 6.88
CA SER A 119 14.51 39.01 6.66
C SER A 119 15.63 39.58 5.81
N CYS A 120 15.31 40.46 4.85
CA CYS A 120 16.35 41.18 4.13
C CYS A 120 17.13 42.09 5.07
N GLN A 121 16.42 42.95 5.80
CA GLN A 121 16.96 43.41 7.07
C GLN A 121 17.40 42.19 7.87
N LEU A 122 18.43 42.36 8.70
CA LEU A 122 18.94 41.20 9.43
C LEU A 122 18.06 40.94 10.66
N TRP A 123 16.74 40.89 10.46
CA TRP A 123 15.77 40.86 11.54
C TRP A 123 16.15 41.87 12.61
N ASN A 124 16.72 43.01 12.18
CA ASN A 124 17.21 44.04 13.09
C ASN A 124 18.15 43.44 14.13
N LEU A 125 18.96 42.47 13.71
CA LEU A 125 19.91 41.80 14.59
C LEU A 125 21.31 41.96 14.04
N ASP A 126 22.28 42.12 14.94
CA ASP A 126 23.70 42.12 14.59
C ASP A 126 24.32 40.74 14.78
N ASN A 127 23.60 39.68 14.40
CA ASN A 127 24.08 38.32 14.57
C ASN A 127 23.62 37.46 13.40
N PRO A 128 24.53 37.06 12.51
CA PRO A 128 24.09 36.24 11.36
C PRO A 128 23.54 34.88 11.76
N LEU A 129 24.01 34.32 12.87
CA LEU A 129 23.54 33.00 13.27
C LEU A 129 22.06 33.01 13.62
N MET A 130 21.64 33.96 14.47
CA MET A 130 20.23 34.05 14.83
C MET A 130 19.39 34.49 13.64
N ALA A 131 19.92 35.38 12.80
CA ALA A 131 19.18 35.80 11.62
C ALA A 131 18.87 34.62 10.71
N ASP A 132 19.74 33.60 10.70
CA ASP A 132 19.44 32.39 9.95
C ASP A 132 18.41 31.53 10.69
N PHE A 133 18.45 31.52 12.02
CA PHE A 133 17.39 30.86 12.78
C PHE A 133 16.03 31.46 12.43
N LEU A 134 15.90 32.79 12.57
CA LEU A 134 14.64 33.46 12.25
C LEU A 134 14.22 33.16 10.81
N ASP A 135 15.14 33.34 9.86
CA ASP A 135 14.83 33.02 8.47
C ASP A 135 14.20 31.64 8.34
N GLY A 136 14.58 30.71 9.22
CA GLY A 136 13.97 29.39 9.18
C GLY A 136 12.46 29.44 9.21
N LEU A 137 11.91 30.21 10.14
CA LEU A 137 10.45 30.24 10.29
C LEU A 137 9.77 30.64 8.99
N LEU A 138 10.37 31.55 8.23
CA LEU A 138 9.85 31.85 6.90
C LEU A 138 10.26 30.79 5.89
N VAL A 139 11.50 30.31 5.97
CA VAL A 139 12.05 29.48 4.90
C VAL A 139 11.38 28.11 4.87
N ILE A 140 11.23 27.48 6.03
CA ILE A 140 10.73 26.10 6.05
C ILE A 140 9.37 25.98 5.37
N PRO A 141 8.34 26.75 5.75
CA PRO A 141 7.04 26.61 5.07
C PRO A 141 7.10 26.87 3.58
N LEU A 142 7.90 27.85 3.14
CA LEU A 142 7.95 28.16 1.72
C LEU A 142 8.45 26.97 0.90
N LEU A 143 9.57 26.37 1.33
CA LEU A 143 10.15 25.28 0.55
C LEU A 143 9.21 24.08 0.45
N LEU A 144 8.51 23.77 1.55
CA LEU A 144 7.49 22.73 1.48
C LEU A 144 6.43 23.07 0.44
N ALA A 145 5.90 24.29 0.50
CA ALA A 145 4.90 24.71 -0.48
C ALA A 145 5.50 24.77 -1.88
N LEU A 146 6.68 25.39 -2.01
CA LEU A 146 7.36 25.42 -3.29
C LEU A 146 7.60 24.03 -3.85
N HIS A 147 7.56 23.00 -3.01
CA HIS A 147 7.88 21.65 -3.43
C HIS A 147 6.67 20.87 -3.94
N LYS A 148 5.46 21.24 -3.51
CA LYS A 148 4.27 20.55 -4.00
C LYS A 148 4.10 20.70 -5.51
N HIS A 149 4.73 21.72 -6.11
CA HIS A 149 4.69 21.93 -7.55
C HIS A 149 6.08 22.18 -8.13
N ASN A 150 7.13 21.75 -7.43
CA ASN A 150 8.51 21.89 -7.90
C ASN A 150 8.76 23.30 -8.43
N LEU A 151 8.34 24.29 -7.65
CA LEU A 151 8.39 25.67 -8.11
C LEU A 151 9.80 26.23 -8.15
N LEU A 152 10.75 25.63 -7.42
CA LEU A 152 12.12 26.13 -7.39
C LEU A 152 12.93 25.35 -8.41
N ALA A 153 13.10 25.95 -9.60
CA ALA A 153 13.88 25.36 -10.67
C ALA A 153 14.41 26.49 -11.56
N ASP A 154 15.40 26.16 -12.38
CA ASP A 154 16.07 27.17 -13.19
C ASP A 154 15.18 27.61 -14.34
N SER A 155 15.63 28.67 -15.02
CA SER A 155 14.77 29.44 -15.92
C SER A 155 15.04 29.06 -17.37
N GLU A 156 14.67 27.82 -17.71
CA GLU A 156 14.83 27.31 -19.07
C GLU A 156 13.48 27.00 -19.71
N ASP A 157 12.76 25.99 -19.22
CA ASP A 157 11.43 25.67 -19.74
C ASP A 157 10.34 26.36 -18.93
N LYS A 158 10.52 26.47 -17.62
CA LYS A 158 9.70 27.32 -16.76
C LYS A 158 10.64 28.36 -16.16
N PRO A 159 10.67 29.58 -16.70
CA PRO A 159 11.48 30.64 -16.07
C PRO A 159 11.20 30.66 -14.57
N LEU A 160 12.27 30.70 -13.78
CA LEU A 160 12.16 30.55 -12.32
C LEU A 160 10.98 31.34 -11.78
N LEU A 161 10.03 30.62 -11.18
CA LEU A 161 8.84 31.21 -10.56
C LEU A 161 8.07 32.08 -11.56
N SER A 162 8.03 31.64 -12.81
CA SER A 162 7.33 32.39 -13.85
C SER A 162 5.85 32.04 -13.94
N SER A 163 5.44 30.90 -13.41
CA SER A 163 4.04 30.53 -13.43
C SER A 163 3.19 31.33 -12.46
N LEU A 164 3.79 32.25 -11.71
CA LEU A 164 3.17 32.83 -10.52
C LEU A 164 2.83 34.30 -10.74
N SER A 165 1.95 34.80 -9.88
CA SER A 165 1.45 36.16 -9.99
C SER A 165 2.59 37.17 -9.87
N SER A 166 2.34 38.38 -10.37
CA SER A 166 3.35 39.41 -10.36
C SER A 166 3.90 39.64 -8.95
N THR A 167 3.02 39.70 -7.96
CA THR A 167 3.44 40.00 -6.60
C THR A 167 4.26 38.86 -6.01
N VAL A 168 3.79 37.62 -6.19
CA VAL A 168 4.56 36.47 -5.72
C VAL A 168 5.96 36.51 -6.32
N GLN A 169 6.06 36.79 -7.62
CA GLN A 169 7.36 36.96 -8.25
C GLN A 169 8.17 38.03 -7.53
N GLU A 170 7.59 39.21 -7.35
CA GLU A 170 8.31 40.33 -6.74
C GLU A 170 8.78 39.97 -5.33
N GLU A 171 7.90 39.38 -4.52
CA GLU A 171 8.24 39.11 -3.14
C GLU A 171 9.26 37.99 -3.03
N LEU A 172 9.00 36.86 -3.70
CA LEU A 172 9.92 35.73 -3.63
C LEU A 172 11.28 36.10 -4.24
N GLY A 173 11.27 36.81 -5.36
CA GLY A 173 12.53 37.22 -5.96
C GLY A 173 13.39 38.03 -5.01
N LYS A 174 12.81 39.08 -4.43
CA LYS A 174 13.51 39.86 -3.42
C LYS A 174 14.09 38.96 -2.33
N LEU A 175 13.36 37.89 -1.98
CA LEU A 175 13.84 36.98 -0.96
C LEU A 175 14.93 36.06 -1.49
N PHE A 176 14.68 35.37 -2.60
CA PHE A 176 15.69 34.47 -3.15
C PHE A 176 16.98 35.23 -3.45
N LEU A 177 16.87 36.50 -3.84
CA LEU A 177 18.07 37.32 -4.01
C LEU A 177 18.80 37.49 -2.68
N HIS A 178 18.06 37.79 -1.62
CA HIS A 178 18.70 37.99 -0.32
C HIS A 178 19.34 36.70 0.18
N LEU A 179 18.64 35.58 0.08
CA LEU A 179 19.14 34.31 0.59
C LEU A 179 20.16 33.66 -0.34
N GLY A 180 20.43 34.26 -1.50
CA GLY A 180 21.38 33.69 -2.43
C GLY A 180 20.86 32.52 -3.24
N TRP A 181 19.55 32.30 -3.26
CA TRP A 181 18.99 31.21 -4.05
C TRP A 181 18.80 31.57 -5.51
N ALA A 182 19.04 32.83 -5.88
CA ALA A 182 18.84 33.28 -7.25
C ALA A 182 19.69 34.52 -7.47
N ASP A 183 20.09 34.73 -8.72
CA ASP A 183 20.83 35.92 -9.12
C ASP A 183 20.09 36.62 -10.24
N LEU A 184 20.10 37.95 -10.21
CA LEU A 184 19.43 38.75 -11.25
C LEU A 184 20.42 39.10 -12.36
N THR A 185 21.01 38.05 -12.94
CA THR A 185 21.91 38.21 -14.07
C THR A 185 21.10 38.45 -15.34
N ALA A 186 21.60 39.35 -16.18
CA ALA A 186 20.91 39.72 -17.41
C ALA A 186 19.48 40.17 -17.13
N GLY A 187 19.30 40.86 -16.00
CA GLY A 187 18.01 41.46 -15.68
C GLY A 187 16.87 40.48 -15.55
N ARG A 188 17.16 39.21 -15.34
CA ARG A 188 16.13 38.20 -15.12
C ARG A 188 16.61 37.25 -14.03
N LEU A 189 15.68 36.81 -13.18
CA LEU A 189 16.03 35.87 -12.14
C LEU A 189 16.44 34.54 -12.75
N THR A 190 17.55 33.98 -12.25
CA THR A 190 17.96 32.63 -12.59
C THR A 190 18.48 31.98 -11.31
N ILE A 191 17.99 30.77 -11.01
CA ILE A 191 18.30 30.13 -9.74
C ILE A 191 19.82 29.97 -9.58
N THR A 192 20.24 29.81 -8.34
CA THR A 192 21.59 29.42 -7.99
C THR A 192 21.58 27.96 -7.54
N GLU A 193 22.70 27.27 -7.74
CA GLU A 193 22.75 25.86 -7.33
C GLU A 193 22.46 25.71 -5.84
N LEU A 194 22.76 26.74 -5.05
CA LEU A 194 22.24 26.79 -3.69
C LEU A 194 20.72 26.75 -3.70
N GLY A 195 20.09 27.67 -4.44
CA GLY A 195 18.65 27.67 -4.55
C GLY A 195 18.11 26.37 -5.11
N ARG A 196 18.69 25.90 -6.22
CA ARG A 196 18.30 24.62 -6.77
C ARG A 196 18.42 23.53 -5.71
N PHE A 197 19.61 23.40 -5.11
CA PHE A 197 19.83 22.40 -4.07
C PHE A 197 18.92 22.64 -2.86
N MET A 198 18.70 23.91 -2.52
CA MET A 198 17.82 24.22 -1.39
C MET A 198 16.39 23.77 -1.67
N GLY A 199 15.99 23.71 -2.93
CA GLY A 199 14.66 23.26 -3.29
C GLY A 199 14.57 21.77 -3.52
N GLU A 200 15.66 21.18 -4.03
CA GLU A 200 15.68 19.72 -4.21
C GLU A 200 15.59 19.02 -2.87
N ARG A 201 16.54 19.30 -1.98
CA ARG A 201 16.53 18.75 -0.62
C ARG A 201 15.52 19.45 0.28
N ALA A 202 14.59 20.23 -0.29
CA ALA A 202 13.64 20.97 0.53
C ALA A 202 12.84 20.08 1.45
N LEU A 203 12.68 18.79 1.10
CA LEU A 203 11.85 17.90 1.90
C LEU A 203 12.56 17.36 3.13
N ASN A 204 13.88 17.53 3.23
CA ASN A 204 14.57 17.10 4.44
C ASN A 204 14.02 17.81 5.66
N THR A 205 13.93 19.14 5.60
CA THR A 205 13.37 19.89 6.72
C THR A 205 11.85 19.80 6.75
N ALA A 206 11.21 19.88 5.59
CA ALA A 206 9.75 19.89 5.53
C ALA A 206 9.16 18.66 6.20
N ILE A 207 9.71 17.48 5.86
CA ILE A 207 9.17 16.22 6.39
C ILE A 207 8.95 16.32 7.89
N VAL A 208 9.89 16.92 8.61
CA VAL A 208 9.79 17.07 10.05
C VAL A 208 9.30 18.48 10.42
N ALA A 209 8.68 19.19 9.48
CA ALA A 209 7.94 20.39 9.81
C ALA A 209 6.62 20.07 10.49
N SER A 210 6.35 18.78 10.75
CA SER A 210 5.17 18.33 11.48
C SER A 210 5.29 18.55 12.97
N TYR A 211 6.31 19.28 13.42
CA TYR A 211 6.42 19.65 14.83
C TYR A 211 5.54 20.83 15.17
N THR A 212 4.91 21.46 14.19
CA THR A 212 4.26 22.75 14.37
C THR A 212 3.30 22.81 15.56
N PRO A 213 2.37 21.87 15.74
CA PRO A 213 1.40 22.04 16.84
C PRO A 213 2.04 21.95 18.22
N MET A 214 3.00 21.06 18.42
CA MET A 214 3.69 21.02 19.72
C MET A 214 4.47 22.30 19.95
N LEU A 215 5.10 22.83 18.90
CA LEU A 215 5.83 24.09 19.02
C LEU A 215 4.89 25.24 19.36
N SER A 216 3.64 25.19 18.89
CA SER A 216 2.70 26.26 19.18
C SER A 216 2.22 26.22 20.62
N ARG A 217 2.13 25.03 21.21
CA ARG A 217 1.81 24.87 22.63
C ARG A 217 3.05 24.48 23.43
N ILE A 218 4.23 24.95 23.01
CA ILE A 218 5.45 24.59 23.71
C ILE A 218 5.52 25.24 25.08
N HIS A 219 4.84 26.38 25.26
CA HIS A 219 4.77 26.97 26.59
C HIS A 219 4.00 26.06 27.54
N ASP A 220 2.94 25.42 27.04
CA ASP A 220 2.26 24.38 27.82
C ASP A 220 3.23 23.26 28.17
N VAL A 221 3.94 22.74 27.17
CA VAL A 221 4.82 21.60 27.36
C VAL A 221 5.80 21.87 28.48
N LEU A 222 6.31 23.10 28.57
CA LEU A 222 7.40 23.41 29.48
C LEU A 222 6.90 23.81 30.86
N PHE A 223 5.91 24.70 30.92
CA PHE A 223 5.54 25.36 32.17
C PHE A 223 4.08 25.17 32.55
N GLY A 224 3.30 24.48 31.72
CA GLY A 224 1.89 24.28 32.02
C GLY A 224 1.45 22.86 31.77
N ASN A 225 0.18 22.70 31.40
CA ASN A 225 -0.43 21.39 31.23
C ASN A 225 0.19 20.69 30.03
N CYS A 226 1.40 20.16 30.25
CA CYS A 226 2.08 19.41 29.20
C CYS A 226 1.36 18.13 28.85
N LEU A 227 0.48 17.63 29.72
CA LEU A 227 -0.12 16.33 29.51
C LEU A 227 -1.11 16.36 28.36
N SER A 228 -1.86 17.46 28.22
CA SER A 228 -2.88 17.54 27.18
C SER A 228 -2.28 17.34 25.80
N VAL A 229 -1.15 17.98 25.52
CA VAL A 229 -0.49 17.91 24.23
C VAL A 229 0.45 16.71 24.24
N PHE A 230 0.07 15.64 23.56
CA PHE A 230 0.87 14.42 23.52
C PHE A 230 1.15 13.93 24.94
N GLN A 253 18.29 14.36 6.66
CA GLN A 253 17.73 13.12 6.16
C GLN A 253 18.61 12.54 5.05
N HIS A 254 19.68 11.86 5.46
CA HIS A 254 20.46 11.10 4.49
C HIS A 254 19.63 9.97 3.92
N GLN A 255 19.93 9.60 2.68
CA GLN A 255 19.43 8.36 2.10
C GLN A 255 20.47 7.25 2.12
N LYS A 256 21.71 7.56 2.50
CA LYS A 256 22.73 6.52 2.64
C LYS A 256 22.60 5.75 3.94
N TYR A 257 21.76 6.21 4.87
CA TYR A 257 21.33 5.34 5.96
C TYR A 257 20.86 4.00 5.40
N PHE A 258 19.95 4.06 4.43
CA PHE A 258 19.39 2.85 3.82
C PHE A 258 20.30 2.26 2.75
N ALA A 259 21.20 3.06 2.16
CA ALA A 259 22.12 2.52 1.17
C ALA A 259 23.07 1.52 1.81
N ASP A 260 23.71 1.92 2.92
CA ASP A 260 24.60 1.00 3.63
C ASP A 260 23.82 -0.17 4.21
N LEU A 261 22.60 0.09 4.70
CA LEU A 261 21.74 -1.01 5.14
C LEU A 261 21.60 -2.04 4.03
N GLU A 262 21.36 -1.58 2.80
CA GLU A 262 21.28 -2.48 1.67
C GLU A 262 22.63 -3.15 1.39
N GLU A 263 23.73 -2.44 1.61
CA GLU A 263 25.05 -3.05 1.45
C GLU A 263 25.17 -4.31 2.29
N SER A 264 24.76 -4.25 3.55
CA SER A 264 24.88 -5.40 4.43
C SER A 264 23.86 -6.48 4.11
N ILE A 265 22.76 -6.12 3.45
CA ILE A 265 21.79 -7.14 3.06
C ILE A 265 22.35 -7.99 1.92
N LEU A 266 22.97 -7.36 0.93
CA LEU A 266 23.62 -8.11 -0.14
C LEU A 266 24.60 -9.12 0.45
N SER A 267 25.46 -8.67 1.37
CA SER A 267 26.40 -9.58 2.01
C SER A 267 25.69 -10.80 2.58
N VAL A 268 24.53 -10.58 3.22
CA VAL A 268 23.81 -11.70 3.82
C VAL A 268 23.28 -12.64 2.75
N PHE A 269 22.85 -12.10 1.61
CA PHE A 269 22.23 -12.88 0.55
C PHE A 269 23.16 -13.10 -0.63
N ASN A 270 24.46 -13.08 -0.36
CA ASN A 270 25.46 -13.63 -1.27
C ASN A 270 26.34 -14.65 -0.55
N GLN A 271 25.93 -15.11 0.63
CA GLN A 271 26.76 -15.98 1.44
C GLN A 271 26.88 -17.35 0.77
N LEU A 272 27.84 -18.14 1.28
CA LEU A 272 28.31 -19.36 0.65
C LEU A 272 27.14 -20.22 0.15
N PRO A 273 26.51 -21.08 0.96
CA PRO A 273 25.39 -21.85 0.41
C PRO A 273 24.05 -21.13 0.55
N LEU A 274 23.27 -21.16 -0.52
CA LEU A 274 21.91 -20.62 -0.47
C LEU A 274 21.08 -21.35 0.57
N GLU A 275 21.44 -22.60 0.88
CA GLU A 275 20.69 -23.39 1.86
C GLU A 275 20.56 -22.66 3.18
N GLU A 276 21.59 -21.91 3.58
CA GLU A 276 21.67 -21.34 4.91
C GLU A 276 21.33 -19.85 4.96
N GLN A 277 20.80 -19.29 3.88
CA GLN A 277 20.37 -17.90 3.96
C GLN A 277 19.02 -17.82 4.66
N PRO A 278 18.72 -16.68 5.29
CA PRO A 278 17.43 -16.56 5.99
C PRO A 278 16.26 -16.76 5.04
N LYS A 279 15.21 -17.40 5.54
CA LYS A 279 13.97 -17.59 4.79
C LYS A 279 12.96 -16.48 5.05
N TYR A 280 13.23 -15.59 5.98
CA TYR A 280 12.31 -14.52 6.33
C TYR A 280 13.09 -13.26 6.67
N ILE A 281 12.50 -12.12 6.34
CA ILE A 281 13.03 -10.80 6.71
C ILE A 281 11.88 -10.05 7.36
N THR A 282 11.94 -9.91 8.68
CA THR A 282 10.87 -9.29 9.45
C THR A 282 11.31 -7.90 9.89
N ASP A 283 10.67 -6.87 9.34
CA ASP A 283 10.93 -5.49 9.71
C ASP A 283 9.94 -5.10 10.81
N MET A 284 10.46 -4.90 12.02
CA MET A 284 9.66 -4.27 13.07
C MET A 284 9.56 -2.78 12.79
N GLY A 285 8.35 -2.25 12.82
CA GLY A 285 8.12 -0.86 12.47
C GLY A 285 7.98 -0.69 10.97
N CYS A 286 7.04 -1.41 10.37
CA CYS A 286 6.87 -1.37 8.93
C CYS A 286 6.70 0.05 8.43
N GLY A 287 5.82 0.82 9.06
CA GLY A 287 5.44 2.09 8.48
C GLY A 287 4.72 1.84 7.17
N ASP A 288 5.15 2.55 6.14
CA ASP A 288 4.64 2.34 4.79
C ASP A 288 5.23 1.13 4.12
N GLY A 289 6.19 0.45 4.76
CA GLY A 289 6.82 -0.71 4.16
C GLY A 289 7.88 -0.39 3.14
N THR A 290 8.29 0.88 3.02
CA THR A 290 9.31 1.24 2.05
C THR A 290 10.60 0.45 2.28
N LEU A 291 11.00 0.30 3.54
CA LEU A 291 12.23 -0.43 3.84
C LEU A 291 12.18 -1.84 3.26
N LEU A 292 11.14 -2.60 3.61
CA LEU A 292 11.02 -3.96 3.10
C LEU A 292 11.13 -4.00 1.58
N LYS A 293 10.38 -3.12 0.89
CA LYS A 293 10.40 -3.14 -0.57
C LYS A 293 11.80 -2.89 -1.11
N ARG A 294 12.53 -1.95 -0.50
CA ARG A 294 13.89 -1.70 -0.94
C ARG A 294 14.80 -2.89 -0.67
N VAL A 295 14.56 -3.58 0.45
CA VAL A 295 15.35 -4.77 0.76
C VAL A 295 15.15 -5.84 -0.31
N TRP A 296 13.90 -6.05 -0.73
CA TRP A 296 13.63 -7.11 -1.70
C TRP A 296 14.22 -6.78 -3.07
N GLU A 297 14.11 -5.52 -3.51
CA GLU A 297 14.68 -5.15 -4.80
C GLU A 297 16.20 -5.27 -4.78
N THR A 298 16.83 -4.87 -3.68
CA THR A 298 18.25 -5.16 -3.52
C THR A 298 18.52 -6.65 -3.66
N ILE A 299 17.80 -7.47 -2.88
CA ILE A 299 17.97 -8.91 -2.98
C ILE A 299 17.59 -9.42 -4.36
N GLN A 300 16.47 -8.91 -4.89
CA GLN A 300 15.96 -9.44 -6.14
C GLN A 300 16.96 -9.26 -7.28
N PHE A 301 17.38 -8.03 -7.52
CA PHE A 301 18.09 -7.69 -8.75
C PHE A 301 19.62 -7.69 -8.61
N LYS A 302 20.15 -7.80 -7.41
CA LYS A 302 21.59 -7.73 -7.21
C LYS A 302 22.18 -8.95 -6.52
N SER A 303 21.52 -9.48 -5.51
CA SER A 303 22.10 -10.57 -4.73
C SER A 303 22.04 -11.89 -5.51
N ALA A 304 22.67 -12.91 -4.93
CA ALA A 304 22.59 -14.25 -5.49
C ALA A 304 21.22 -14.88 -5.23
N ARG A 305 20.63 -14.57 -4.06
CA ARG A 305 19.30 -15.08 -3.76
C ARG A 305 18.30 -14.69 -4.84
N GLY A 306 18.41 -13.47 -5.35
CA GLY A 306 17.48 -12.99 -6.36
C GLY A 306 17.45 -13.83 -7.62
N LYS A 307 18.49 -14.63 -7.87
CA LYS A 307 18.56 -15.49 -9.03
C LYS A 307 18.21 -16.93 -8.70
N ALA A 308 17.75 -17.21 -7.49
CA ALA A 308 17.32 -18.55 -7.11
C ALA A 308 16.05 -18.51 -6.27
N LEU A 309 15.20 -17.49 -6.49
CA LEU A 309 14.01 -17.33 -5.68
C LEU A 309 12.94 -18.37 -5.97
N GLU A 310 12.98 -19.00 -7.16
CA GLU A 310 12.00 -20.03 -7.45
C GLU A 310 12.30 -21.33 -6.71
N GLN A 311 13.57 -21.56 -6.36
CA GLN A 311 13.96 -22.76 -5.63
C GLN A 311 14.18 -22.50 -4.14
N TYR A 312 14.52 -21.28 -3.75
CA TYR A 312 14.72 -20.91 -2.35
C TYR A 312 13.88 -19.67 -2.07
N PRO A 313 12.57 -19.83 -1.87
CA PRO A 313 11.71 -18.65 -1.68
C PRO A 313 12.10 -17.85 -0.45
N LEU A 314 11.84 -16.54 -0.52
CA LEU A 314 12.09 -15.62 0.59
C LEU A 314 10.80 -14.85 0.86
N ARG A 315 10.32 -14.91 2.09
CA ARG A 315 9.07 -14.27 2.47
C ARG A 315 9.35 -13.07 3.36
N LEU A 316 8.99 -11.89 2.87
CA LEU A 316 9.01 -10.69 3.70
C LEU A 316 7.94 -10.77 4.77
N ILE A 317 8.24 -10.22 5.94
CA ILE A 317 7.29 -10.16 7.04
C ILE A 317 7.26 -8.73 7.56
N GLY A 318 6.06 -8.18 7.71
CA GLY A 318 5.88 -6.85 8.25
C GLY A 318 5.26 -6.91 9.64
N VAL A 319 5.82 -6.11 10.55
CA VAL A 319 5.34 -6.03 11.92
C VAL A 319 5.23 -4.58 12.36
N ASP A 320 4.17 -4.27 13.11
CA ASP A 320 3.84 -2.90 13.47
C ASP A 320 2.60 -2.91 14.34
N TYR A 321 2.41 -1.94 15.23
CA TYR A 321 1.29 -2.00 16.15
C TYR A 321 0.09 -1.16 15.72
N ASN A 322 0.21 -0.38 14.64
CA ASN A 322 -0.91 0.38 14.10
C ASN A 322 -1.39 -0.31 12.83
N GLU A 323 -2.67 -0.72 12.81
CA GLU A 323 -3.23 -1.33 11.60
C GLU A 323 -3.18 -0.36 10.42
N ALA A 324 -3.23 0.95 10.70
CA ALA A 324 -3.10 1.93 9.63
C ALA A 324 -1.91 1.63 8.75
N SER A 325 -0.70 1.64 9.31
CA SER A 325 0.50 1.36 8.55
C SER A 325 0.60 -0.10 8.14
N LEU A 326 -0.16 -0.99 8.79
CA LEU A 326 -0.13 -2.39 8.39
C LEU A 326 -0.74 -2.58 7.00
N LYS A 327 -1.83 -1.88 6.71
CA LYS A 327 -2.44 -1.96 5.39
C LYS A 327 -1.66 -1.14 4.37
N ALA A 328 -0.94 -0.11 4.82
CA ALA A 328 -0.10 0.66 3.90
C ALA A 328 1.02 -0.19 3.33
N THR A 329 1.52 -1.16 4.10
CA THR A 329 2.59 -2.04 3.63
C THR A 329 2.05 -3.22 2.83
N THR A 330 0.81 -3.64 3.12
CA THR A 330 0.16 -4.60 2.23
C THR A 330 0.03 -4.02 0.83
N ARG A 331 -0.24 -2.72 0.73
CA ARG A 331 -0.30 -2.07 -0.57
C ARG A 331 1.09 -1.91 -1.18
N THR A 332 2.07 -1.52 -0.37
CA THR A 332 3.43 -1.34 -0.88
C THR A 332 4.00 -2.67 -1.34
N LEU A 333 3.88 -3.71 -0.52
CA LEU A 333 4.40 -5.03 -0.82
C LEU A 333 3.42 -5.87 -1.63
N ALA A 334 2.45 -5.24 -2.29
CA ALA A 334 1.29 -5.97 -2.78
C ALA A 334 1.66 -6.98 -3.86
N SER A 335 2.66 -6.68 -4.69
CA SER A 335 3.10 -7.64 -5.70
C SER A 335 4.29 -8.47 -5.25
N LEU A 336 4.44 -8.66 -3.93
CA LEU A 336 5.62 -9.30 -3.37
C LEU A 336 5.23 -10.37 -2.36
N PRO A 337 5.99 -11.47 -2.29
CA PRO A 337 5.70 -12.49 -1.28
C PRO A 337 5.85 -11.94 0.13
N HIS A 338 4.76 -11.57 0.80
CA HIS A 338 4.87 -10.93 2.09
C HIS A 338 3.76 -11.41 3.02
N LEU A 339 3.80 -10.88 4.24
CA LEU A 339 2.92 -11.22 5.35
C LEU A 339 2.93 -10.00 6.25
N VAL A 340 1.80 -9.76 6.91
CA VAL A 340 1.68 -8.61 7.81
C VAL A 340 0.98 -9.06 9.09
N LEU A 341 1.45 -8.51 10.21
CA LEU A 341 0.88 -8.80 11.52
C LEU A 341 1.19 -7.63 12.44
N GLN A 342 0.42 -7.54 13.52
CA GLN A 342 0.59 -6.47 14.49
C GLN A 342 1.59 -6.88 15.56
N GLY A 343 2.37 -5.91 16.03
CA GLY A 343 3.40 -6.22 17.01
C GLY A 343 4.05 -4.98 17.57
N ASP A 344 4.85 -5.19 18.61
CA ASP A 344 5.50 -4.13 19.36
C ASP A 344 6.95 -4.53 19.63
N ILE A 345 7.84 -3.54 19.65
CA ILE A 345 9.25 -3.82 19.89
C ILE A 345 9.43 -4.37 21.30
N GLY A 346 8.64 -3.87 22.25
CA GLY A 346 8.78 -4.26 23.63
C GLY A 346 8.46 -5.70 23.92
N ASN A 347 7.84 -6.41 22.97
CA ASN A 347 7.44 -7.80 23.17
C ASN A 347 7.83 -8.60 21.92
N PRO A 348 9.13 -8.86 21.75
CA PRO A 348 9.54 -9.73 20.63
C PRO A 348 9.09 -11.17 20.78
N GLU A 349 8.63 -11.58 21.97
CA GLU A 349 8.15 -12.95 22.15
C GLU A 349 6.75 -13.15 21.61
N GLN A 350 5.90 -12.12 21.68
CA GLN A 350 4.61 -12.20 21.00
C GLN A 350 4.79 -12.39 19.50
N MET A 351 5.86 -11.83 18.95
CA MET A 351 6.06 -11.90 17.50
C MET A 351 6.21 -13.34 17.04
N VAL A 352 7.13 -14.09 17.65
CA VAL A 352 7.29 -15.50 17.27
C VAL A 352 5.97 -16.23 17.44
N ARG A 353 5.20 -15.86 18.47
CA ARG A 353 3.91 -16.51 18.70
C ARG A 353 2.85 -16.03 17.72
N SER A 354 2.84 -14.73 17.38
CA SER A 354 2.00 -14.28 16.29
C SER A 354 2.43 -14.92 14.98
N LEU A 355 3.74 -15.02 14.74
CA LEU A 355 4.23 -15.78 13.60
C LEU A 355 3.84 -17.24 13.70
N GLU A 356 3.80 -17.79 14.92
CA GLU A 356 3.23 -19.12 15.12
C GLU A 356 1.77 -19.14 14.72
N ALA A 357 1.00 -18.15 15.18
CA ALA A 357 -0.41 -18.07 14.79
C ALA A 357 -0.57 -18.01 13.28
N HIS A 358 0.25 -17.20 12.61
CA HIS A 358 0.25 -17.14 11.16
C HIS A 358 1.03 -18.30 10.52
N GLY A 359 1.29 -19.35 11.28
CA GLY A 359 1.84 -20.58 10.73
C GLY A 359 3.29 -20.51 10.30
N ILE A 360 4.16 -19.94 11.13
CA ILE A 360 5.60 -19.93 10.89
C ILE A 360 6.24 -20.61 12.08
N HIS A 361 6.68 -21.87 11.87
CA HIS A 361 7.21 -22.69 12.95
C HIS A 361 8.74 -22.76 12.94
N ASP A 362 9.40 -21.98 12.10
CA ASP A 362 10.86 -21.96 12.01
C ASP A 362 11.37 -20.54 12.24
N PRO A 363 11.10 -19.96 13.41
CA PRO A 363 11.56 -18.59 13.67
C PRO A 363 13.07 -18.44 13.59
N GLU A 364 13.82 -19.53 13.74
CA GLU A 364 15.27 -19.47 13.68
C GLU A 364 15.80 -19.10 12.29
N ASN A 365 14.92 -19.05 11.29
CA ASN A 365 15.32 -18.74 9.92
C ASN A 365 14.89 -17.35 9.50
N ILE A 366 14.70 -16.45 10.47
CA ILE A 366 14.29 -15.08 10.22
C ILE A 366 15.50 -14.17 10.38
N LEU A 367 15.75 -13.35 9.35
CA LEU A 367 16.59 -12.18 9.54
C LEU A 367 15.72 -11.06 10.09
N HIS A 368 16.11 -10.48 11.22
CA HIS A 368 15.37 -9.36 11.80
C HIS A 368 16.05 -8.05 11.43
N ILE A 369 15.24 -7.07 11.04
CA ILE A 369 15.71 -5.71 10.79
C ILE A 369 14.74 -4.76 11.48
N ARG A 370 15.19 -3.52 11.66
CA ARG A 370 14.35 -2.47 12.21
C ARG A 370 15.07 -1.15 11.97
N SER A 371 14.29 -0.07 11.91
CA SER A 371 14.84 1.23 11.49
C SER A 371 14.29 2.35 12.37
N PHE A 372 15.09 2.76 13.35
CA PHE A 372 14.87 4.00 14.11
C PHE A 372 13.62 3.91 14.97
N LEU A 373 13.51 2.84 15.77
CA LEU A 373 12.33 2.65 16.60
C LEU A 373 12.62 2.29 18.05
N ASP A 374 13.80 1.74 18.37
CA ASP A 374 14.10 1.40 19.75
C ASP A 374 13.92 2.58 20.69
N HIS A 375 14.17 3.79 20.20
CA HIS A 375 13.98 4.99 21.00
C HIS A 375 12.52 5.39 21.10
N ASP A 376 11.64 4.80 20.28
CA ASP A 376 10.21 5.05 20.34
C ASP A 376 9.45 3.91 20.99
N ARG A 377 10.15 2.96 21.61
CA ARG A 377 9.49 1.87 22.30
C ARG A 377 8.60 2.41 23.42
N LEU A 378 7.60 1.61 23.78
CA LEU A 378 6.84 1.86 24.99
C LEU A 378 7.70 1.50 26.20
N PHE A 379 7.91 2.47 27.09
CA PHE A 379 8.89 2.36 28.15
C PHE A 379 8.44 1.37 29.22
N ILE A 380 9.28 0.37 29.51
CA ILE A 380 9.15 -0.48 30.69
C ILE A 380 10.10 0.07 31.74
N PRO A 381 9.71 0.15 33.02
CA PRO A 381 10.68 0.47 34.07
C PRO A 381 11.73 -0.62 34.17
N PRO A 382 12.92 -0.32 34.69
CA PRO A 382 13.93 -1.37 34.82
C PRO A 382 13.48 -2.46 35.79
N GLN A 383 13.85 -3.70 35.48
CA GLN A 383 13.39 -4.87 36.21
C GLN A 383 14.43 -5.47 37.14
N LYS A 384 15.71 -5.30 36.82
CA LYS A 384 16.82 -5.86 37.60
C LYS A 384 17.46 -4.72 38.38
N ARG A 385 17.01 -4.54 39.63
CA ARG A 385 17.39 -3.35 40.38
C ARG A 385 18.87 -3.35 40.77
N ASN A 386 19.49 -4.53 40.87
CA ASN A 386 20.94 -4.53 41.10
C ASN A 386 21.68 -3.98 39.90
N GLU A 387 21.29 -4.40 38.69
CA GLU A 387 21.89 -3.85 37.49
C GLU A 387 21.60 -2.35 37.36
N LEU A 388 20.51 -1.87 37.96
CA LEU A 388 20.26 -0.43 37.92
C LEU A 388 21.29 0.31 38.74
N LYS A 389 21.63 -0.20 39.93
CA LYS A 389 22.47 0.58 40.84
C LYS A 389 23.94 0.55 40.44
N GLU A 390 24.40 -0.53 39.79
CA GLU A 390 25.77 -0.56 39.31
C GLU A 390 26.07 0.68 38.47
N ARG A 391 25.13 1.06 37.61
CA ARG A 391 25.34 2.09 36.59
C ARG A 391 24.87 3.46 37.05
N ALA A 392 24.29 3.57 38.24
CA ALA A 392 23.62 4.79 38.67
C ALA A 392 24.56 5.97 38.86
N HIS A 393 25.87 5.76 38.70
CA HIS A 393 26.87 6.81 38.84
C HIS A 393 27.58 7.11 37.53
N LEU A 394 27.32 6.34 36.48
CA LEU A 394 27.94 6.57 35.19
C LEU A 394 27.40 7.87 34.59
N PRO A 395 28.23 8.61 33.83
CA PRO A 395 27.87 9.96 33.39
C PRO A 395 27.10 10.01 32.08
N TYR A 396 26.00 9.25 32.01
CA TYR A 396 25.17 9.29 30.81
C TYR A 396 24.67 10.71 30.56
N GLN A 397 24.49 11.03 29.29
CA GLN A 397 23.95 12.32 28.87
C GLN A 397 22.78 12.12 27.92
N SER A 398 21.99 11.09 28.21
CA SER A 398 20.64 10.98 27.68
C SER A 398 19.72 11.91 28.45
N VAL A 399 18.70 12.41 27.77
CA VAL A 399 17.60 13.13 28.41
C VAL A 399 16.31 12.53 27.90
N CYS A 400 15.40 12.20 28.82
CA CYS A 400 14.18 11.50 28.48
C CYS A 400 13.08 11.94 29.44
N VAL A 401 11.84 11.89 28.96
CA VAL A 401 10.70 12.46 29.67
C VAL A 401 9.62 11.39 29.78
N ASP A 402 8.92 11.39 30.92
CA ASP A 402 7.86 10.42 31.18
C ASP A 402 6.50 11.03 30.87
N ASP A 403 5.49 10.16 30.80
CA ASP A 403 4.14 10.60 30.45
C ASP A 403 3.65 11.72 31.37
N GLN A 404 4.24 11.87 32.54
CA GLN A 404 3.95 12.97 33.44
C GLN A 404 4.77 14.21 33.11
N GLY A 405 5.69 14.14 32.15
CA GLY A 405 6.50 15.28 31.79
C GLY A 405 7.65 15.57 32.72
N GLU A 406 7.91 14.70 33.68
CA GLU A 406 9.06 14.83 34.56
C GLU A 406 10.26 14.11 33.96
N LEU A 407 11.43 14.30 34.56
CA LEU A 407 12.68 13.80 34.01
C LEU A 407 12.93 12.37 34.46
N ILE A 408 13.24 11.50 33.51
CA ILE A 408 13.67 10.13 33.79
C ILE A 408 15.19 10.16 33.97
N PRO A 409 15.72 9.65 35.08
CA PRO A 409 17.19 9.61 35.25
C PRO A 409 17.85 8.80 34.14
N PRO A 410 18.94 9.29 33.56
CA PRO A 410 19.56 8.56 32.43
C PRO A 410 19.83 7.08 32.74
N HIS A 411 20.39 6.78 33.91
CA HIS A 411 20.76 5.40 34.21
C HIS A 411 19.54 4.50 34.28
N VAL A 412 18.37 5.04 34.64
CA VAL A 412 17.15 4.24 34.58
C VAL A 412 16.81 3.92 33.13
N MET A 413 16.86 4.93 32.25
CA MET A 413 16.56 4.72 30.86
C MET A 413 17.50 3.68 30.24
N VAL A 414 18.81 3.85 30.45
CA VAL A 414 19.75 2.89 29.87
C VAL A 414 19.49 1.50 30.43
N GLN A 415 19.29 1.39 31.74
CA GLN A 415 18.94 0.10 32.31
C GLN A 415 17.68 -0.46 31.65
N SER A 416 16.67 0.39 31.49
CA SER A 416 15.50 0.01 30.70
C SER A 416 15.93 -0.52 29.33
N LEU A 417 16.77 0.25 28.63
CA LEU A 417 17.21 -0.16 27.29
C LEU A 417 17.81 -1.56 27.29
N VAL A 418 18.59 -1.89 28.33
CA VAL A 418 19.29 -3.17 28.34
C VAL A 418 18.30 -4.33 28.39
N GLU A 419 17.33 -4.24 29.29
CA GLU A 419 16.33 -5.31 29.40
C GLU A 419 15.43 -5.35 28.18
N HIS A 420 15.22 -4.20 27.53
CA HIS A 420 14.57 -4.18 26.24
C HIS A 420 15.38 -4.96 25.21
N LEU A 421 16.69 -4.67 25.14
CA LEU A 421 17.54 -5.41 24.21
C LEU A 421 17.64 -6.89 24.59
N GLU A 422 17.56 -7.20 25.88
CA GLU A 422 17.65 -8.60 26.28
C GLU A 422 16.44 -9.40 25.82
N ARG A 423 15.25 -8.80 25.88
CA ARG A 423 14.07 -9.45 25.31
C ARG A 423 14.33 -9.88 23.88
N TRP A 424 14.99 -9.03 23.10
CA TRP A 424 15.28 -9.35 21.71
C TRP A 424 16.44 -10.35 21.60
N SER A 425 17.48 -10.17 22.41
CA SER A 425 18.58 -11.13 22.38
C SER A 425 18.08 -12.56 22.52
N GLN A 426 16.98 -12.74 23.24
CA GLN A 426 16.40 -14.07 23.45
C GLN A 426 15.52 -14.53 22.30
N VAL A 427 15.34 -13.70 21.27
CA VAL A 427 14.69 -14.14 20.04
C VAL A 427 15.65 -14.13 18.85
N VAL A 428 16.81 -13.48 18.97
CA VAL A 428 17.74 -13.38 17.86
C VAL A 428 18.29 -14.76 17.54
N ASN A 429 18.44 -15.05 16.25
CA ASN A 429 18.87 -16.35 15.76
C ASN A 429 20.18 -16.22 15.00
N LYS A 430 20.56 -17.29 14.30
CA LYS A 430 21.83 -17.32 13.58
C LYS A 430 21.98 -16.18 12.60
N HIS A 431 20.88 -15.59 12.13
CA HIS A 431 20.91 -14.53 11.14
C HIS A 431 21.07 -13.15 11.75
N GLY A 432 20.98 -13.03 13.07
CA GLY A 432 21.29 -11.78 13.71
C GLY A 432 20.16 -10.76 13.64
N LEU A 433 20.53 -9.50 13.91
CA LEU A 433 19.57 -8.44 14.12
C LEU A 433 20.18 -7.13 13.62
N MET A 434 19.67 -6.63 12.50
CA MET A 434 20.23 -5.48 11.79
C MET A 434 19.43 -4.24 12.17
N ILE A 435 20.05 -3.35 12.94
CA ILE A 435 19.35 -2.25 13.58
C ILE A 435 20.02 -0.93 13.21
N LEU A 436 19.28 -0.07 12.52
CA LEU A 436 19.60 1.34 12.48
C LEU A 436 19.03 2.02 13.72
N GLU A 437 19.71 3.06 14.19
CA GLU A 437 19.20 3.81 15.33
C GLU A 437 19.85 5.19 15.38
N VAL A 438 19.14 6.13 15.99
CA VAL A 438 19.60 7.51 16.12
C VAL A 438 19.91 7.78 17.59
N HIS A 439 20.79 8.76 17.81
CA HIS A 439 21.37 8.98 19.12
C HIS A 439 21.52 10.47 19.37
N CYS A 440 21.54 10.84 20.66
CA CYS A 440 21.66 12.22 21.08
C CYS A 440 23.13 12.58 21.29
N LEU A 441 23.38 13.82 21.72
CA LEU A 441 24.75 14.29 21.88
C LEU A 441 24.88 15.21 23.08
N GLU A 442 26.08 15.20 23.65
CA GLU A 442 26.46 16.12 24.71
C GLU A 442 26.32 17.56 24.24
N PRO A 443 25.79 18.45 25.09
CA PRO A 443 25.66 19.86 24.66
C PRO A 443 26.98 20.46 24.19
N ARG A 444 28.09 20.15 24.87
CA ARG A 444 29.38 20.69 24.47
C ARG A 444 29.73 20.30 23.05
N VAL A 445 29.34 19.09 22.62
CA VAL A 445 29.67 18.64 21.28
C VAL A 445 28.72 19.25 20.26
N VAL A 446 27.44 19.36 20.62
CA VAL A 446 26.48 19.97 19.69
C VAL A 446 26.95 21.37 19.31
N TYR A 447 27.36 22.17 20.30
CA TYR A 447 27.80 23.52 19.99
C TYR A 447 29.00 23.49 19.06
N GLN A 448 30.03 22.70 19.40
CA GLN A 448 31.24 22.63 18.58
C GLN A 448 30.90 22.33 17.13
N PHE A 449 29.85 21.55 16.88
CA PHE A 449 29.43 21.17 15.54
C PHE A 449 27.98 21.57 15.30
N LEU A 450 27.60 22.75 15.78
CA LEU A 450 26.20 23.15 15.85
C LEU A 450 25.48 22.90 14.53
N ASP A 451 25.99 23.48 13.43
CA ASP A 451 25.31 23.42 12.16
C ASP A 451 25.82 22.29 11.27
N LYS A 452 26.76 21.48 11.74
CA LYS A 452 27.16 20.28 11.01
C LYS A 452 26.23 19.11 11.29
N SER A 453 25.40 19.20 12.33
CA SER A 453 24.47 18.15 12.71
C SER A 453 23.09 18.76 12.94
N GLU A 454 22.06 17.91 12.83
CA GLU A 454 20.69 18.33 13.07
C GLU A 454 20.23 18.01 14.48
N ASN A 455 21.17 17.70 15.39
CA ASN A 455 20.80 17.26 16.73
C ASN A 455 19.95 18.29 17.45
N LEU A 456 20.38 19.55 17.42
CA LEU A 456 19.78 20.56 18.30
C LEU A 456 18.26 20.51 18.26
N HIS A 457 17.68 20.54 17.06
CA HIS A 457 16.23 20.47 16.96
C HIS A 457 15.73 19.04 17.08
N PHE A 458 16.44 18.07 16.50
CA PHE A 458 15.96 16.69 16.55
C PHE A 458 15.99 16.15 17.97
N ASP A 459 17.12 16.32 18.66
CA ASP A 459 17.17 15.93 20.07
C ASP A 459 16.10 16.65 20.88
N ALA A 460 15.92 17.95 20.62
CA ALA A 460 14.97 18.73 21.39
C ALA A 460 13.56 18.22 21.21
N PHE A 461 13.18 17.86 19.98
CA PHE A 461 11.81 17.41 19.76
C PHE A 461 11.60 15.98 20.27
N GLN A 462 12.52 15.07 19.91
CA GLN A 462 12.37 13.68 20.30
C GLN A 462 12.34 13.53 21.83
N GLY A 463 12.91 14.50 22.56
CA GLY A 463 12.76 14.54 24.00
C GLY A 463 11.42 15.12 24.41
N PHE A 464 11.00 16.19 23.74
CA PHE A 464 9.67 16.73 24.00
C PHE A 464 8.59 15.71 23.67
N SER A 465 8.82 14.88 22.66
N SER A 465 8.82 14.88 22.66
CA SER A 465 7.82 13.91 22.21
CA SER A 465 7.84 13.90 22.19
C SER A 465 7.88 12.60 22.97
C SER A 465 7.89 12.59 22.97
N GLN A 466 8.62 12.54 24.08
CA GLN A 466 8.70 11.36 24.93
C GLN A 466 9.26 10.14 24.17
N GLN A 467 10.18 10.40 23.27
CA GLN A 467 11.05 9.36 22.69
C GLN A 467 12.38 9.39 23.41
N TYR A 468 13.11 8.27 23.34
CA TYR A 468 14.20 8.01 24.27
C TYR A 468 15.51 7.81 23.51
N LEU A 469 16.29 8.88 23.44
CA LEU A 469 17.57 8.87 22.74
C LEU A 469 18.72 8.71 23.72
N VAL A 470 19.64 7.81 23.40
CA VAL A 470 20.85 7.61 24.18
C VAL A 470 22.05 7.80 23.26
N GLU A 471 23.22 8.00 23.86
CA GLU A 471 24.44 8.15 23.08
C GLU A 471 24.73 6.86 22.32
N ALA A 472 25.44 7.01 21.20
CA ALA A 472 25.75 5.85 20.36
C ALA A 472 26.57 4.83 21.13
N GLU A 473 27.62 5.27 21.82
CA GLU A 473 28.43 4.35 22.60
C GLU A 473 27.58 3.60 23.61
N VAL A 474 26.58 4.27 24.19
CA VAL A 474 25.79 3.66 25.25
C VAL A 474 24.82 2.65 24.66
N PHE A 475 24.24 2.96 23.49
CA PHE A 475 23.37 1.98 22.84
C PHE A 475 24.15 0.72 22.48
N LEU A 476 25.30 0.89 21.83
CA LEU A 476 26.12 -0.28 21.48
C LEU A 476 26.52 -1.05 22.73
N MET A 477 26.94 -0.35 23.77
CA MET A 477 27.22 -1.01 25.05
C MET A 477 26.00 -1.79 25.53
N SER A 478 24.81 -1.19 25.43
CA SER A 478 23.59 -1.84 25.90
C SER A 478 23.39 -3.18 25.20
N ALA A 479 23.65 -3.24 23.90
CA ALA A 479 23.60 -4.52 23.20
C ALA A 479 24.70 -5.44 23.69
N ALA A 480 25.90 -4.89 23.93
CA ALA A 480 27.02 -5.71 24.39
C ALA A 480 26.67 -6.44 25.68
N GLN A 481 26.01 -5.76 26.61
CA GLN A 481 25.73 -6.35 27.92
C GLN A 481 24.71 -7.47 27.87
N VAL A 482 24.05 -7.68 26.73
CA VAL A 482 23.08 -8.76 26.58
C VAL A 482 23.52 -9.78 25.54
N GLY A 483 24.76 -9.69 25.07
CA GLY A 483 25.30 -10.69 24.16
C GLY A 483 25.12 -10.40 22.69
N LEU A 484 24.82 -9.16 22.32
CA LEU A 484 24.65 -8.77 20.93
C LEU A 484 25.79 -7.86 20.52
N PHE A 485 26.45 -8.21 19.41
CA PHE A 485 27.68 -7.54 19.04
C PHE A 485 27.71 -7.26 17.54
N PRO A 486 28.17 -6.07 17.15
CA PRO A 486 28.12 -5.70 15.73
C PRO A 486 29.20 -6.39 14.94
N LYS A 487 28.79 -7.08 13.87
CA LYS A 487 29.72 -7.43 12.81
C LYS A 487 30.28 -6.13 12.22
N LEU A 488 31.47 -5.73 12.67
CA LEU A 488 31.99 -4.41 12.30
C LEU A 488 32.18 -4.26 10.80
N GLU A 489 32.19 -5.36 10.05
CA GLU A 489 32.36 -5.25 8.60
C GLU A 489 31.09 -4.70 7.95
N LEU A 490 29.92 -5.10 8.43
CA LEU A 490 28.64 -4.66 7.87
C LEU A 490 27.98 -3.60 8.74
N SER A 491 28.70 -3.04 9.72
CA SER A 491 28.18 -2.00 10.58
C SER A 491 28.83 -0.67 10.20
N LYS A 492 28.02 0.38 10.10
CA LYS A 492 28.49 1.69 9.67
C LYS A 492 28.09 2.75 10.69
N ARG A 493 28.84 3.84 10.67
CA ARG A 493 28.66 4.97 11.58
C ARG A 493 28.39 6.22 10.76
N TYR A 494 27.69 7.18 11.36
CA TYR A 494 27.36 8.44 10.70
C TYR A 494 27.25 9.53 11.76
N PRO A 495 27.59 10.79 11.41
CA PRO A 495 28.13 11.27 10.12
C PRO A 495 29.58 10.86 9.90
N LYS A 496 29.88 10.27 8.74
CA LYS A 496 31.12 9.52 8.59
C LYS A 496 32.36 10.38 8.87
N THR A 497 32.41 11.59 8.33
CA THR A 497 33.65 12.35 8.30
C THR A 497 33.75 13.38 9.44
N PHE A 498 32.94 13.23 10.50
CA PHE A 498 33.05 14.11 11.65
C PHE A 498 33.38 13.30 12.90
N PRO A 499 33.79 13.95 14.01
CA PRO A 499 34.19 13.19 15.20
C PRO A 499 33.06 13.00 16.21
N PHE A 500 31.86 12.70 15.72
CA PHE A 500 30.75 12.29 16.56
C PHE A 500 29.92 11.28 15.80
N THR A 501 29.31 10.36 16.53
CA THR A 501 28.38 9.39 15.97
C THR A 501 26.96 9.84 16.32
N ARG A 502 26.15 10.13 15.29
CA ARG A 502 24.77 10.52 15.50
C ARG A 502 23.77 9.48 15.02
N ILE A 503 24.16 8.60 14.10
CA ILE A 503 23.35 7.46 13.70
C ILE A 503 24.26 6.25 13.60
N THR A 504 23.75 5.08 13.96
CA THR A 504 24.52 3.84 13.89
C THR A 504 23.76 2.81 13.07
N LEU A 505 24.47 2.18 12.13
CA LEU A 505 24.02 0.94 11.52
C LEU A 505 24.81 -0.20 12.18
N ASN A 506 24.11 -1.05 12.92
CA ASN A 506 24.72 -2.20 13.56
C ASN A 506 24.02 -3.47 13.11
N TYR A 507 24.79 -4.46 12.67
CA TYR A 507 24.28 -5.80 12.36
C TYR A 507 24.66 -6.69 13.54
N PHE A 508 23.86 -6.63 14.59
CA PHE A 508 24.19 -7.33 15.83
C PHE A 508 24.19 -8.83 15.61
N GLU A 509 25.26 -9.48 16.03
CA GLU A 509 25.30 -10.93 16.16
C GLU A 509 25.00 -11.32 17.60
N LYS A 510 24.44 -12.51 17.77
CA LYS A 510 24.30 -13.11 19.09
C LYS A 510 25.54 -13.95 19.36
N ARG A 511 26.23 -13.66 20.46
CA ARG A 511 27.46 -14.37 20.79
C ARG A 511 27.34 -15.06 22.15
N PRO A 512 28.09 -16.13 22.38
CA PRO A 512 27.88 -16.94 23.58
C PRO A 512 28.37 -16.30 24.88
N TYR A 513 28.71 -15.02 24.85
CA TYR A 513 29.22 -14.34 26.03
C TYR A 513 28.56 -12.98 26.12
N LYS A 514 29.07 -12.16 27.04
CA LYS A 514 28.64 -10.78 27.21
C LYS A 514 29.86 -9.92 27.49
N ILE A 515 29.73 -8.63 27.17
CA ILE A 515 30.76 -7.64 27.46
C ILE A 515 30.11 -6.51 28.25
N SER A 516 30.83 -5.99 29.24
CA SER A 516 30.25 -4.99 30.13
C SER A 516 31.37 -4.16 30.74
N HIS A 517 30.97 -3.06 31.37
CA HIS A 517 31.91 -2.23 32.10
C HIS A 517 32.35 -2.92 33.38
N ALA A 518 33.59 -2.66 33.78
CA ALA A 518 34.07 -3.12 35.08
C ALA A 518 33.65 -2.13 36.16
N TYR A 519 33.06 -2.64 37.23
CA TYR A 519 32.69 -1.84 38.38
C TYR A 519 33.60 -2.18 39.56
N LEU A 520 33.66 -1.27 40.54
CA LEU A 520 34.54 -1.50 41.68
C LEU A 520 34.26 -2.84 42.34
N SER A 521 32.99 -3.27 42.36
CA SER A 521 32.66 -4.58 42.90
C SER A 521 33.48 -5.69 42.25
N ASP A 522 34.02 -5.45 41.06
CA ASP A 522 34.74 -6.47 40.31
C ASP A 522 36.22 -6.55 40.67
N LEU A 523 36.71 -5.65 41.53
CA LEU A 523 38.13 -5.64 41.87
C LEU A 523 38.65 -7.00 42.33
N PRO A 524 38.00 -7.70 43.25
CA PRO A 524 38.51 -9.02 43.66
C PRO A 524 38.83 -9.92 42.47
N ALA A 525 37.87 -10.08 41.54
CA ALA A 525 38.09 -10.96 40.41
C ALA A 525 39.09 -10.38 39.41
N LEU A 526 39.14 -9.05 39.29
CA LEU A 526 40.09 -8.43 38.36
C LEU A 526 41.51 -8.50 38.90
N VAL A 527 41.69 -8.52 40.21
CA VAL A 527 43.00 -8.81 40.77
C VAL A 527 43.36 -10.27 40.55
N ASP A 528 42.45 -11.18 40.95
CA ASP A 528 42.60 -12.59 40.60
C ASP A 528 42.86 -12.76 39.11
N LEU A 529 42.15 -11.99 38.28
CA LEU A 529 42.41 -12.01 36.85
C LEU A 529 43.86 -11.66 36.55
N GLU A 530 44.35 -10.56 37.14
CA GLU A 530 45.67 -10.05 36.80
C GLU A 530 46.77 -11.04 37.16
N VAL A 531 46.56 -11.88 38.18
CA VAL A 531 47.60 -12.80 38.61
C VAL A 531 47.60 -14.06 37.74
N LYS A 532 46.44 -14.50 37.27
CA LYS A 532 46.37 -15.67 36.41
C LYS A 532 46.88 -15.39 35.01
N CYS A 533 47.08 -14.12 34.64
CA CYS A 533 47.46 -13.77 33.29
C CYS A 533 48.93 -13.38 33.15
N TRP A 534 49.58 -12.95 34.22
CA TRP A 534 50.96 -12.49 34.15
C TRP A 534 51.74 -12.97 35.35
N PRO A 535 53.07 -13.10 35.22
CA PRO A 535 53.91 -13.36 36.39
C PRO A 535 53.95 -12.14 37.31
N GLU A 536 54.38 -12.38 38.55
CA GLU A 536 54.38 -11.32 39.55
C GLU A 536 55.08 -10.06 39.03
N ASN A 537 56.19 -10.22 38.32
CA ASN A 537 56.94 -9.06 37.85
C ASN A 537 56.24 -8.31 36.72
N LEU A 538 55.05 -8.76 36.31
CA LEU A 538 54.30 -8.09 35.25
C LEU A 538 52.85 -7.84 35.63
N ARG A 539 52.40 -8.26 36.81
CA ARG A 539 51.05 -7.98 37.25
C ARG A 539 50.89 -6.50 37.57
N ALA A 540 49.69 -5.99 37.29
CA ALA A 540 49.39 -4.59 37.58
C ALA A 540 49.07 -4.43 39.06
N SER A 541 49.59 -3.36 39.65
CA SER A 541 49.37 -3.12 41.07
C SER A 541 47.89 -3.03 41.39
N THR A 542 47.46 -3.74 42.43
CA THR A 542 46.09 -3.60 42.90
C THR A 542 45.72 -2.13 43.05
N HIS A 543 46.66 -1.32 43.55
CA HIS A 543 46.42 0.12 43.63
C HIS A 543 46.10 0.70 42.26
N GLU A 544 46.83 0.27 41.23
CA GLU A 544 46.57 0.76 39.89
C GLU A 544 45.17 0.36 39.43
N ILE A 545 44.81 -0.90 39.61
CA ILE A 545 43.51 -1.36 39.15
C ILE A 545 42.40 -0.55 39.82
N ARG A 546 42.52 -0.31 41.13
CA ARG A 546 41.58 0.57 41.80
C ARG A 546 41.54 1.94 41.14
N ARG A 547 42.71 2.46 40.77
CA ARG A 547 42.77 3.77 40.12
C ARG A 547 42.02 3.74 38.79
N ARG A 548 42.22 2.68 38.01
CA ARG A 548 41.56 2.58 36.71
C ARG A 548 40.04 2.59 36.85
N LEU A 549 39.52 1.86 37.86
CA LEU A 549 38.08 1.78 38.03
C LEU A 549 37.50 3.11 38.50
N GLU A 550 38.18 3.77 39.43
CA GLU A 550 37.64 5.00 40.01
C GLU A 550 37.69 6.15 39.02
N LEU A 551 38.75 6.23 38.21
CA LEU A 551 38.96 7.37 37.33
C LEU A 551 38.50 7.16 35.89
N ASN A 552 38.25 5.92 35.49
CA ASN A 552 37.82 5.62 34.12
C ASN A 552 36.58 4.73 34.19
N PRO A 553 35.45 5.29 34.61
CA PRO A 553 34.23 4.46 34.73
C PRO A 553 33.83 3.83 33.41
N GLN A 554 34.00 4.54 32.31
CA GLN A 554 33.67 4.05 30.97
C GLN A 554 34.89 3.66 30.17
N GLY A 555 36.05 3.55 30.81
CA GLY A 555 37.27 3.16 30.15
C GLY A 555 37.69 1.72 30.39
N ASN A 556 36.85 0.92 31.05
CA ASN A 556 37.19 -0.44 31.43
C ASN A 556 36.09 -1.37 30.96
N LEU A 557 36.42 -2.27 30.05
CA LEU A 557 35.50 -3.25 29.51
C LEU A 557 35.86 -4.63 30.03
N VAL A 558 34.84 -5.44 30.32
CA VAL A 558 35.00 -6.78 30.84
C VAL A 558 34.24 -7.75 29.95
N LEU A 559 34.83 -8.92 29.70
CA LEU A 559 34.20 -9.97 28.91
C LEU A 559 33.81 -11.10 29.85
N ILE A 560 32.51 -11.27 30.07
CA ILE A 560 31.99 -12.25 31.01
C ILE A 560 31.48 -13.45 30.23
N ILE A 561 31.84 -14.65 30.70
CA ILE A 561 31.29 -15.90 30.19
C ILE A 561 30.72 -16.66 31.37
N GLU A 562 29.47 -17.09 31.25
CA GLU A 562 28.80 -17.90 32.27
C GLU A 562 29.05 -17.34 33.67
N ASP A 563 28.90 -16.03 33.79
CA ASP A 563 28.90 -15.28 35.05
C ASP A 563 30.29 -15.01 35.59
N GLN A 564 31.34 -15.52 34.97
CA GLN A 564 32.70 -15.27 35.41
C GLN A 564 33.41 -14.34 34.43
N ILE A 565 34.26 -13.46 34.96
CA ILE A 565 35.08 -12.60 34.11
C ILE A 565 36.22 -13.45 33.56
N ILE A 566 36.44 -13.35 32.24
CA ILE A 566 37.55 -14.03 31.59
C ILE A 566 38.40 -13.08 30.76
N GLY A 567 38.04 -11.82 30.69
CA GLY A 567 38.80 -10.84 29.94
C GLY A 567 38.61 -9.46 30.54
N ALA A 568 39.50 -8.56 30.18
CA ALA A 568 39.48 -7.21 30.72
C ALA A 568 40.45 -6.32 29.95
N ILE A 569 39.95 -5.26 29.35
CA ILE A 569 40.77 -4.28 28.63
C ILE A 569 40.60 -2.94 29.35
N TYR A 570 41.73 -2.32 29.68
CA TYR A 570 41.74 -1.07 30.44
C TYR A 570 42.18 0.08 29.54
N SER A 571 41.61 1.25 29.80
CA SER A 571 41.96 2.41 29.00
C SER A 571 41.67 3.69 29.78
N GLN A 572 42.30 4.76 29.31
CA GLN A 572 42.10 6.11 29.84
C GLN A 572 42.34 7.08 28.69
N THR A 573 42.14 8.37 28.96
CA THR A 573 42.30 9.39 27.95
C THR A 573 43.60 10.16 28.18
N ILE A 574 44.27 10.49 27.08
CA ILE A 574 45.57 11.16 27.13
C ILE A 574 45.52 12.39 26.24
N THR A 575 46.41 13.35 26.52
CA THR A 575 46.45 14.57 25.73
C THR A 575 46.94 14.30 24.32
N SER A 576 47.87 13.37 24.15
CA SER A 576 48.42 13.09 22.83
C SER A 576 49.24 11.81 22.90
N THR A 577 49.64 11.32 21.73
CA THR A 577 50.61 10.25 21.66
C THR A 577 52.02 10.74 21.99
N GLU A 578 52.26 12.05 21.82
CA GLU A 578 53.56 12.61 22.18
C GLU A 578 53.75 12.65 23.69
N ALA A 579 52.68 12.86 24.45
CA ALA A 579 52.76 12.77 25.90
C ALA A 579 53.23 11.38 26.32
N LEU A 580 52.54 10.34 25.85
CA LEU A 580 53.11 9.01 25.84
C LEU A 580 54.31 9.01 24.90
N GLU A 581 55.06 7.92 24.88
CA GLU A 581 56.29 7.78 24.14
C GLU A 581 57.41 8.56 24.83
N ASN A 582 57.12 9.35 25.86
CA ASN A 582 58.10 10.12 26.61
C ASN A 582 57.96 9.90 28.11
N VAL A 583 57.53 8.70 28.52
CA VAL A 583 57.23 8.42 29.91
C VAL A 583 57.43 6.94 30.17
N LYS A 584 57.70 6.60 31.43
CA LYS A 584 57.87 5.21 31.84
C LYS A 584 56.53 4.64 32.30
N TYR A 585 56.46 3.31 32.33
CA TYR A 585 55.24 2.63 32.77
C TYR A 585 54.78 3.13 34.14
N ALA A 586 55.73 3.45 35.02
CA ALA A 586 55.37 3.82 36.38
C ALA A 586 54.66 5.17 36.48
N GLN A 587 54.85 6.05 35.50
CA GLN A 587 54.22 7.36 35.51
C GLN A 587 53.03 7.43 34.56
N VAL A 588 52.50 6.29 34.13
CA VAL A 588 51.29 6.30 33.32
C VAL A 588 50.14 6.98 34.05
N PRO A 589 49.85 6.67 35.32
CA PRO A 589 48.70 7.31 35.98
C PRO A 589 48.72 8.83 35.90
N THR A 590 49.90 9.43 35.77
CA THR A 590 50.03 10.86 35.61
C THR A 590 49.92 11.29 34.15
N LEU A 591 49.47 10.41 33.26
CA LEU A 591 49.10 10.78 31.91
C LEU A 591 47.62 11.10 31.79
N HIS A 592 46.80 10.64 32.73
CA HIS A 592 45.36 10.85 32.70
C HIS A 592 45.01 12.31 32.47
N THR A 593 44.19 12.56 31.45
CA THR A 593 43.71 13.90 31.11
C THR A 593 42.28 13.77 30.60
N PRO A 594 41.29 14.30 31.34
CA PRO A 594 39.89 14.00 30.96
C PRO A 594 39.48 14.53 29.59
N GLN A 595 40.07 15.63 29.14
CA GLN A 595 39.75 16.19 27.82
C GLN A 595 40.87 15.86 26.82
N GLY A 596 41.14 14.56 26.70
CA GLY A 596 42.17 14.07 25.80
C GLY A 596 41.59 13.56 24.50
N SER A 597 42.34 13.78 23.42
CA SER A 597 41.91 13.36 22.08
C SER A 597 42.46 12.00 21.69
N VAL A 598 43.10 11.29 22.61
CA VAL A 598 43.64 9.96 22.33
C VAL A 598 43.35 9.06 23.52
N ILE A 599 43.15 7.77 23.24
CA ILE A 599 42.90 6.76 24.25
C ILE A 599 44.16 5.93 24.43
N GLN A 600 44.59 5.76 25.68
CA GLN A 600 45.69 4.88 26.01
C GLN A 600 45.12 3.50 26.34
N LEU A 601 45.59 2.48 25.63
CA LEU A 601 45.24 1.09 25.95
C LEU A 601 46.14 0.64 27.09
N LEU A 602 45.57 0.52 28.28
CA LEU A 602 46.40 0.23 29.45
C LEU A 602 46.82 -1.24 29.51
N ALA A 603 45.90 -2.16 29.23
CA ALA A 603 46.25 -3.57 29.28
C ALA A 603 45.15 -4.40 28.64
N LEU A 604 45.52 -5.62 28.26
CA LEU A 604 44.59 -6.58 27.65
C LEU A 604 44.90 -7.94 28.27
N ASN A 605 44.08 -8.35 29.24
CA ASN A 605 44.28 -9.59 29.97
C ASN A 605 43.20 -10.58 29.61
N ILE A 606 43.60 -11.78 29.19
CA ILE A 606 42.68 -12.88 28.88
C ILE A 606 43.19 -14.12 29.59
N LEU A 607 42.32 -14.76 30.36
CA LEU A 607 42.69 -15.98 31.07
C LEU A 607 43.36 -16.96 30.11
N PRO A 608 44.50 -17.56 30.48
CA PRO A 608 45.11 -18.55 29.58
C PRO A 608 44.21 -19.74 29.30
N GLU A 609 43.29 -20.06 30.21
CA GLU A 609 42.35 -21.14 29.95
C GLU A 609 41.55 -20.88 28.69
N PHE A 610 41.19 -19.62 28.44
CA PHE A 610 40.33 -19.24 27.33
C PHE A 610 41.04 -18.35 26.33
N GLN A 611 42.32 -18.61 26.09
CA GLN A 611 43.02 -17.95 25.00
C GLN A 611 42.95 -18.82 23.74
N ALA A 612 43.45 -18.27 22.64
CA ALA A 612 43.43 -18.95 21.34
C ALA A 612 42.01 -19.21 20.86
N ARG A 613 41.03 -18.48 21.38
CA ARG A 613 39.65 -18.63 20.98
C ARG A 613 39.12 -17.45 20.18
N GLY A 614 39.84 -16.33 20.14
CA GLY A 614 39.35 -15.12 19.54
C GLY A 614 38.64 -14.19 20.48
N LEU A 615 38.47 -14.57 21.75
CA LEU A 615 37.84 -13.69 22.72
C LEU A 615 38.64 -12.41 22.88
N GLY A 616 39.95 -12.53 23.07
CA GLY A 616 40.79 -11.35 23.12
C GLY A 616 40.71 -10.53 21.84
N ASN A 617 40.74 -11.20 20.70
CA ASN A 617 40.62 -10.50 19.43
C ASN A 617 39.29 -9.76 19.33
N GLU A 618 38.19 -10.45 19.66
CA GLU A 618 36.88 -9.82 19.60
C GLU A 618 36.75 -8.72 20.65
N LEU A 619 37.27 -8.95 21.85
CA LEU A 619 37.22 -7.91 22.88
C LEU A 619 37.99 -6.67 22.43
N ARG A 620 39.15 -6.87 21.81
CA ARG A 620 39.91 -5.73 21.31
C ARG A 620 39.12 -4.99 20.24
N ASP A 621 38.62 -5.72 19.24
CA ASP A 621 37.87 -5.07 18.17
C ASP A 621 36.67 -4.31 18.72
N PHE A 622 36.02 -4.86 19.75
CA PHE A 622 34.84 -4.18 20.28
C PHE A 622 35.23 -2.87 20.96
N MET A 623 36.31 -2.88 21.73
CA MET A 623 36.69 -1.66 22.46
C MET A 623 37.08 -0.54 21.51
N LEU A 624 37.78 -0.88 20.42
CA LEU A 624 38.12 0.13 19.44
C LEU A 624 36.87 0.80 18.88
N TYR A 625 35.89 0.01 18.46
CA TYR A 625 34.66 0.58 17.93
C TYR A 625 33.87 1.31 19.01
N TYR A 626 33.95 0.84 20.26
CA TYR A 626 33.34 1.56 21.37
C TYR A 626 33.95 2.94 21.53
N CYS A 627 35.26 3.05 21.34
CA CYS A 627 35.93 4.34 21.47
C CYS A 627 35.71 5.23 20.25
N THR A 628 35.33 4.66 19.11
CA THR A 628 35.04 5.50 17.95
C THR A 628 33.68 6.18 18.10
N LEU A 629 32.71 5.50 18.70
CA LEU A 629 31.38 6.05 18.87
C LEU A 629 31.33 7.09 19.99
N LYS A 630 32.26 7.04 20.94
CA LYS A 630 32.27 8.04 22.01
C LYS A 630 32.47 9.44 21.44
N GLY A 631 33.32 9.57 20.42
CA GLY A 631 33.59 10.83 19.77
C GLY A 631 34.90 11.45 20.21
N GLY A 632 35.40 12.36 19.37
CA GLY A 632 36.55 13.16 19.71
C GLY A 632 37.84 12.39 19.92
N ILE A 633 37.91 11.14 19.50
CA ILE A 633 39.07 10.29 19.70
C ILE A 633 39.65 9.96 18.34
N GLU A 634 40.83 10.50 18.04
CA GLU A 634 41.44 10.27 16.74
C GLU A 634 42.20 8.95 16.66
N SER A 635 42.64 8.40 17.79
CA SER A 635 43.39 7.15 17.75
C SER A 635 43.44 6.52 19.14
N VAL A 636 43.78 5.23 19.15
CA VAL A 636 43.97 4.47 20.38
C VAL A 636 45.39 3.90 20.35
N VAL A 637 46.18 4.24 21.36
CA VAL A 637 47.59 3.87 21.40
C VAL A 637 47.90 3.20 22.73
N GLY A 638 49.02 2.48 22.76
CA GLY A 638 49.44 1.82 23.97
C GLY A 638 50.83 1.24 23.81
N VAL A 639 51.43 0.93 24.95
CA VAL A 639 52.76 0.31 25.00
C VAL A 639 52.57 -1.14 25.41
N THR A 640 52.91 -2.06 24.50
CA THR A 640 52.77 -3.48 24.74
C THR A 640 54.15 -4.11 24.92
N ARG A 641 54.14 -5.42 25.20
CA ARG A 641 55.35 -6.17 25.46
C ARG A 641 55.57 -7.19 24.36
N CYS A 642 56.79 -7.72 24.29
CA CYS A 642 57.09 -8.90 23.50
C CYS A 642 57.10 -10.12 24.41
N ARG A 643 56.69 -11.27 23.85
CA ARG A 643 56.69 -12.51 24.60
C ARG A 643 57.82 -13.44 24.22
N ASN A 644 58.40 -13.30 23.03
CA ASN A 644 59.44 -14.19 22.55
C ASN A 644 60.62 -13.42 21.98
N TYR A 645 60.98 -12.31 22.61
CA TYR A 645 62.30 -11.74 22.32
C TYR A 645 63.40 -12.53 23.02
N VAL A 646 63.10 -13.07 24.21
CA VAL A 646 64.09 -13.79 24.99
C VAL A 646 64.61 -15.04 24.29
N ASN A 647 63.99 -15.45 23.20
CA ASN A 647 64.49 -16.54 22.37
C ASN A 647 65.25 -16.04 21.15
N TYR A 648 65.32 -14.72 20.97
CA TYR A 648 65.97 -14.13 19.81
C TYR A 648 66.77 -12.89 20.18
N SER A 649 67.16 -12.73 21.44
CA SER A 649 67.76 -11.48 21.89
C SER A 649 69.11 -11.20 21.26
N GLN A 650 69.69 -12.14 20.50
CA GLN A 650 70.94 -11.86 19.83
C GLN A 650 70.79 -10.71 18.85
N MET A 651 69.62 -10.60 18.19
CA MET A 651 69.32 -9.55 17.24
C MET A 651 68.66 -8.37 17.96
N PRO A 652 68.79 -7.17 17.40
CA PRO A 652 68.12 -6.02 18.00
C PRO A 652 66.61 -6.23 17.99
N MET A 653 65.91 -5.46 18.83
CA MET A 653 64.45 -5.54 18.84
C MET A 653 63.89 -5.27 17.45
N MET A 654 64.37 -4.20 16.81
CA MET A 654 63.74 -3.75 15.58
C MET A 654 63.87 -4.78 14.45
N GLU A 655 64.89 -5.64 14.50
CA GLU A 655 64.95 -6.74 13.54
C GLU A 655 64.12 -7.93 13.97
N TYR A 656 63.86 -8.07 15.28
CA TYR A 656 62.92 -9.08 15.75
C TYR A 656 61.49 -8.70 15.40
N LEU A 657 61.11 -7.45 15.70
CA LEU A 657 59.79 -6.95 15.32
C LEU A 657 59.52 -7.15 13.84
N LYS A 658 60.56 -7.17 13.01
CA LYS A 658 60.40 -7.36 11.58
C LYS A 658 60.14 -8.81 11.18
N LEU A 659 60.39 -9.76 12.09
CA LEU A 659 60.22 -11.16 11.77
C LEU A 659 58.76 -11.46 11.43
N HIS A 660 58.55 -12.54 10.67
CA HIS A 660 57.23 -12.99 10.28
C HIS A 660 57.08 -14.48 10.55
N ASN A 661 55.87 -14.89 10.95
CA ASN A 661 55.58 -16.28 11.22
C ASN A 661 55.32 -17.02 9.91
N GLU A 662 54.82 -18.26 10.01
CA GLU A 662 54.58 -19.06 8.81
C GLU A 662 53.62 -18.36 7.85
N GLN A 663 52.66 -17.61 8.38
CA GLN A 663 51.81 -16.77 7.58
C GLN A 663 52.44 -15.38 7.49
N ARG A 664 51.78 -14.45 6.81
CA ARG A 664 52.35 -13.12 6.61
C ARG A 664 52.04 -12.20 7.79
N GLN A 665 52.23 -12.71 9.00
CA GLN A 665 51.97 -11.96 10.22
C GLN A 665 53.19 -12.04 11.13
N LEU A 666 53.29 -11.07 12.03
CA LEU A 666 54.50 -10.92 12.83
C LEU A 666 54.73 -12.15 13.72
N LEU A 667 56.00 -12.47 13.93
CA LEU A 667 56.37 -13.65 14.70
C LEU A 667 55.89 -13.54 16.14
N ASP A 668 56.13 -12.40 16.76
CA ASP A 668 55.87 -12.26 18.20
C ASP A 668 54.38 -12.22 18.48
N PRO A 669 53.85 -13.13 19.30
CA PRO A 669 52.38 -13.24 19.42
C PRO A 669 51.71 -12.03 20.03
N ILE A 670 52.38 -11.27 20.90
CA ILE A 670 51.74 -10.12 21.52
C ILE A 670 51.68 -8.96 20.55
N VAL A 671 52.84 -8.51 20.06
CA VAL A 671 52.84 -7.47 19.03
C VAL A 671 52.16 -7.98 17.79
N GLY A 672 52.27 -9.28 17.49
CA GLY A 672 51.52 -9.85 16.40
C GLY A 672 50.04 -9.60 16.54
N PHE A 673 49.49 -9.77 17.75
CA PHE A 673 48.06 -9.67 17.95
C PHE A 673 47.56 -8.26 17.67
N HIS A 674 48.27 -7.24 18.15
CA HIS A 674 47.83 -5.87 17.92
C HIS A 674 48.01 -5.46 16.46
N VAL A 675 49.13 -5.85 15.84
CA VAL A 675 49.40 -5.45 14.47
C VAL A 675 48.42 -6.12 13.52
N SER A 676 48.17 -7.42 13.70
CA SER A 676 47.16 -8.08 12.89
C SER A 676 45.82 -7.38 13.02
N GLY A 677 45.50 -6.91 14.23
CA GLY A 677 44.26 -6.19 14.47
C GLY A 677 44.25 -4.77 13.94
N GLY A 678 45.25 -4.39 13.15
CA GLY A 678 45.26 -3.11 12.48
C GLY A 678 46.16 -2.07 13.09
N ALA A 679 46.75 -2.33 14.25
CA ALA A 679 47.69 -1.39 14.84
C ALA A 679 48.96 -1.32 14.01
N GLU A 680 49.64 -0.19 14.08
CA GLU A 680 50.95 0.01 13.48
C GLU A 680 51.97 0.23 14.58
N ILE A 681 53.13 -0.42 14.47
CA ILE A 681 54.21 -0.18 15.42
C ILE A 681 54.74 1.23 15.18
N ARG A 682 54.64 2.08 16.20
CA ARG A 682 55.03 3.48 16.09
C ARG A 682 56.45 3.75 16.58
N GLY A 683 56.95 2.93 17.50
CA GLY A 683 58.32 3.10 17.96
C GLY A 683 58.64 2.11 19.06
N ILE A 684 59.89 2.14 19.49
CA ILE A 684 60.36 1.41 20.66
C ILE A 684 60.58 2.43 21.76
N ILE A 685 60.21 2.06 22.99
CA ILE A 685 60.40 2.91 24.16
C ILE A 685 61.45 2.26 25.05
N ALA A 686 62.53 2.99 25.30
CA ALA A 686 63.62 2.46 26.10
C ALA A 686 63.26 2.50 27.59
N ASN A 687 63.43 1.35 28.25
CA ASN A 687 63.24 1.25 29.71
C ASN A 687 61.84 1.69 30.13
N TYR A 688 60.85 1.39 29.30
CA TYR A 688 59.46 1.65 29.67
C TYR A 688 59.07 0.83 30.90
N ARG A 689 59.42 -0.45 30.90
CA ARG A 689 59.02 -1.38 31.95
C ARG A 689 60.27 -2.06 32.50
N PRO A 690 61.08 -1.32 33.28
CA PRO A 690 62.36 -1.88 33.73
C PRO A 690 62.25 -3.26 34.36
N GLU A 691 61.21 -3.50 35.16
CA GLU A 691 61.04 -4.81 35.80
C GLU A 691 60.78 -5.91 34.79
N ASP A 692 60.54 -5.58 33.53
CA ASP A 692 60.35 -6.58 32.47
C ASP A 692 61.72 -6.98 31.95
N THR A 693 62.37 -7.89 32.67
CA THR A 693 63.74 -8.26 32.35
C THR A 693 63.83 -9.00 31.01
N ASP A 694 62.84 -9.84 30.72
CA ASP A 694 62.90 -10.66 29.51
C ASP A 694 63.19 -9.82 28.27
N ASN A 695 62.48 -8.71 28.13
CA ASN A 695 62.67 -7.81 27.00
C ASN A 695 63.54 -6.60 27.35
N LEU A 696 64.34 -6.71 28.40
CA LEU A 696 65.31 -5.68 28.77
C LEU A 696 64.63 -4.34 28.99
N GLY A 697 63.44 -4.38 29.59
CA GLY A 697 62.72 -3.17 29.90
C GLY A 697 62.18 -2.42 28.70
N MET A 698 62.24 -3.01 27.51
CA MET A 698 61.74 -2.34 26.32
C MET A 698 60.23 -2.53 26.21
N GLY A 699 59.53 -1.44 25.98
CA GLY A 699 58.11 -1.47 25.64
C GLY A 699 57.93 -1.01 24.21
N ILE A 700 57.03 -1.66 23.49
CA ILE A 700 56.78 -1.38 22.08
C ILE A 700 55.49 -0.58 21.96
N LEU A 701 55.61 0.65 21.47
CA LEU A 701 54.44 1.52 21.30
C LEU A 701 53.64 1.10 20.08
N ILE A 702 52.32 1.21 20.17
CA ILE A 702 51.44 0.87 19.06
C ILE A 702 50.33 1.90 18.94
N GLU A 703 49.79 1.99 17.73
CA GLU A 703 48.71 2.90 17.36
C GLU A 703 47.76 2.15 16.45
N TYR A 704 46.47 2.37 16.62
CA TYR A 704 45.45 1.75 15.78
C TYR A 704 44.88 2.80 14.83
N ASN A 705 44.70 2.41 13.56
CA ASN A 705 44.13 3.30 12.57
C ASN A 705 42.99 4.13 13.17
N LEU A 706 41.95 3.46 13.62
CA LEU A 706 40.73 4.09 14.11
C LEU A 706 40.00 4.86 13.01
N ARG A 707 40.25 4.50 11.76
CA ARG A 707 39.69 5.26 10.65
C ARG A 707 38.17 5.21 10.69
N ASP A 708 37.56 6.33 10.34
CA ASP A 708 36.11 6.47 10.30
C ASP A 708 35.43 5.32 9.57
N SER B 1 -46.86 -5.30 -9.72
CA SER B 1 -46.06 -6.49 -9.32
C SER B 1 -45.03 -6.84 -10.39
N ASN B 2 -44.22 -7.86 -10.11
CA ASN B 2 -43.34 -8.39 -11.14
C ASN B 2 -44.14 -8.82 -12.36
N ALA B 3 -45.17 -9.63 -12.15
CA ALA B 3 -46.00 -10.09 -13.25
C ALA B 3 -46.53 -8.92 -14.08
N MET B 4 -46.83 -7.80 -13.43
CA MET B 4 -47.33 -6.65 -14.18
C MET B 4 -46.20 -5.98 -14.97
N LEU B 5 -44.97 -6.02 -14.47
CA LEU B 5 -43.84 -5.60 -15.28
C LEU B 5 -43.62 -6.58 -16.44
N GLN B 6 -43.84 -7.87 -16.20
CA GLN B 6 -43.71 -8.86 -17.26
C GLN B 6 -44.72 -8.63 -18.37
N LYS B 7 -45.96 -8.29 -18.00
CA LYS B 7 -46.94 -7.92 -19.02
C LYS B 7 -46.45 -6.73 -19.85
N ILE B 8 -45.91 -5.72 -19.18
CA ILE B 8 -45.30 -4.60 -19.89
C ILE B 8 -44.19 -5.09 -20.81
N ASN B 9 -43.39 -6.05 -20.34
CA ASN B 9 -42.29 -6.56 -21.15
C ASN B 9 -42.80 -7.18 -22.45
N ARG B 10 -43.89 -7.94 -22.37
CA ARG B 10 -44.41 -8.61 -23.57
C ARG B 10 -44.86 -7.58 -24.60
N TYR B 11 -45.44 -6.47 -24.15
CA TYR B 11 -45.81 -5.41 -25.10
C TYR B 11 -44.57 -4.79 -25.75
N THR B 12 -43.52 -4.55 -24.95
CA THR B 12 -42.32 -3.94 -25.50
C THR B 12 -41.46 -4.94 -26.27
N HIS B 13 -41.54 -6.23 -25.95
CA HIS B 13 -40.88 -7.23 -26.76
C HIS B 13 -41.44 -7.20 -28.18
N GLY B 14 -42.75 -7.35 -28.31
CA GLY B 14 -43.36 -7.38 -29.64
C GLY B 14 -43.19 -6.09 -30.40
N PHE B 15 -43.08 -4.96 -29.70
CA PHE B 15 -42.91 -3.68 -30.36
C PHE B 15 -41.64 -3.64 -31.21
N VAL B 16 -40.63 -4.42 -30.87
CA VAL B 16 -39.45 -4.56 -31.68
C VAL B 16 -39.41 -5.85 -32.47
N ALA B 17 -39.98 -6.94 -31.96
CA ALA B 17 -39.90 -8.20 -32.65
C ALA B 17 -40.77 -8.22 -33.87
N VAL B 18 -41.99 -7.66 -33.79
CA VAL B 18 -42.88 -7.69 -34.95
C VAL B 18 -42.24 -7.03 -36.17
N PRO B 19 -41.71 -5.80 -36.09
CA PRO B 19 -41.07 -5.23 -37.28
C PRO B 19 -39.96 -6.08 -37.86
N VAL B 20 -39.22 -6.82 -37.03
CA VAL B 20 -38.16 -7.67 -37.58
C VAL B 20 -38.74 -8.98 -38.10
N ILE B 21 -39.70 -9.55 -37.39
CA ILE B 21 -40.33 -10.78 -37.85
C ILE B 21 -40.89 -10.59 -39.24
N LEU B 22 -41.56 -9.46 -39.48
CA LEU B 22 -42.21 -9.21 -40.76
C LEU B 22 -41.18 -9.03 -41.87
N ALA B 23 -40.23 -8.10 -41.68
CA ALA B 23 -39.19 -7.89 -42.67
C ALA B 23 -38.55 -9.21 -43.08
N CYS B 24 -38.16 -10.02 -42.09
CA CYS B 24 -37.55 -11.32 -42.38
C CYS B 24 -38.48 -12.16 -43.24
N ARG B 25 -39.80 -12.05 -43.03
CA ARG B 25 -40.74 -12.79 -43.86
C ARG B 25 -40.79 -12.22 -45.27
N GLU B 26 -40.86 -10.90 -45.40
CA GLU B 26 -40.93 -10.27 -46.71
C GLU B 26 -39.79 -10.73 -47.61
N LYS B 27 -38.56 -10.69 -47.10
CA LYS B 27 -37.41 -11.21 -47.83
C LYS B 27 -37.42 -12.73 -47.93
N GLY B 28 -38.37 -13.40 -47.27
CA GLY B 28 -38.43 -14.84 -47.34
C GLY B 28 -37.41 -15.56 -46.50
N VAL B 29 -37.14 -15.04 -45.30
CA VAL B 29 -36.21 -15.73 -44.40
C VAL B 29 -36.83 -17.04 -43.91
N PHE B 30 -38.14 -17.05 -43.67
CA PHE B 30 -38.82 -18.24 -43.18
C PHE B 30 -39.09 -19.26 -44.29
N GLU B 31 -39.10 -18.82 -45.56
CA GLU B 31 -39.24 -19.75 -46.67
C GLU B 31 -37.89 -20.34 -47.06
N LEU B 32 -36.80 -19.60 -46.84
CA LEU B 32 -35.47 -20.12 -47.16
C LEU B 32 -35.10 -21.28 -46.25
N LEU B 33 -35.20 -21.09 -44.93
CA LEU B 33 -34.91 -22.19 -44.01
C LEU B 33 -35.85 -23.37 -44.23
N ALA B 34 -37.03 -23.16 -44.82
CA ALA B 34 -37.88 -24.29 -45.17
C ALA B 34 -37.20 -25.16 -46.22
N ASP B 35 -36.83 -24.56 -47.36
CA ASP B 35 -36.21 -25.32 -48.45
C ASP B 35 -34.85 -25.86 -48.04
N GLU B 36 -33.94 -24.97 -47.65
CA GLU B 36 -32.61 -25.36 -47.15
C GLU B 36 -32.67 -25.27 -45.63
N SER B 37 -32.82 -26.41 -44.97
CA SER B 37 -33.13 -26.39 -43.54
C SER B 37 -31.96 -25.90 -42.71
N PRO B 38 -30.90 -26.69 -42.51
CA PRO B 38 -29.82 -26.24 -41.61
C PRO B 38 -28.87 -25.32 -42.36
N LEU B 39 -28.75 -24.08 -41.88
CA LEU B 39 -27.85 -23.11 -42.48
C LEU B 39 -27.21 -22.25 -41.40
N SER B 40 -26.03 -21.72 -41.71
CA SER B 40 -25.30 -20.83 -40.81
C SER B 40 -25.59 -19.38 -41.16
N LEU B 41 -25.09 -18.48 -40.32
CA LEU B 41 -25.16 -17.05 -40.61
C LEU B 41 -24.68 -16.80 -42.03
N ASN B 42 -23.36 -16.99 -42.24
CA ASN B 42 -22.77 -16.69 -43.54
C ASN B 42 -23.45 -17.43 -44.67
N GLN B 43 -23.94 -18.65 -44.42
CA GLN B 43 -24.62 -19.41 -45.47
C GLN B 43 -25.89 -18.70 -45.91
N MET B 44 -26.58 -18.05 -44.98
CA MET B 44 -27.83 -17.36 -45.31
C MET B 44 -27.56 -15.97 -45.88
N VAL B 45 -26.73 -15.18 -45.19
CA VAL B 45 -26.53 -13.78 -45.59
C VAL B 45 -26.16 -13.69 -47.05
N GLU B 46 -25.42 -14.68 -47.57
CA GLU B 46 -25.05 -14.66 -48.98
C GLU B 46 -26.26 -14.89 -49.86
N HIS B 47 -27.14 -15.83 -49.48
CA HIS B 47 -28.29 -16.16 -50.31
C HIS B 47 -29.38 -15.09 -50.27
N LEU B 48 -29.29 -14.13 -49.34
CA LEU B 48 -30.31 -13.11 -49.20
C LEU B 48 -29.77 -11.70 -49.36
N GLY B 49 -28.47 -11.52 -49.55
CA GLY B 49 -27.91 -10.19 -49.61
C GLY B 49 -27.99 -9.43 -48.31
N ALA B 50 -27.95 -10.12 -47.18
CA ALA B 50 -28.18 -9.50 -45.89
C ALA B 50 -26.93 -8.78 -45.40
N ASN B 51 -27.14 -7.93 -44.39
CA ASN B 51 -26.05 -7.30 -43.64
C ASN B 51 -25.71 -8.22 -42.48
N SER B 52 -24.57 -8.92 -42.60
CA SER B 52 -24.29 -10.06 -41.71
C SER B 52 -24.47 -9.70 -40.24
N GLY B 53 -24.01 -8.52 -39.84
CA GLY B 53 -24.15 -8.11 -38.46
C GLY B 53 -25.59 -7.96 -38.04
N HIS B 54 -26.31 -7.02 -38.66
CA HIS B 54 -27.69 -6.79 -38.29
C HIS B 54 -28.55 -8.03 -38.47
N PHE B 55 -28.16 -8.92 -39.39
CA PHE B 55 -28.92 -10.15 -39.56
C PHE B 55 -28.68 -11.10 -38.39
N GLN B 56 -27.42 -11.27 -37.98
CA GLN B 56 -27.14 -12.07 -36.81
C GLN B 56 -27.92 -11.54 -35.60
N VAL B 57 -28.01 -10.22 -35.47
CA VAL B 57 -28.87 -9.63 -34.45
C VAL B 57 -30.29 -10.16 -34.59
N ALA B 58 -30.74 -10.37 -35.83
CA ALA B 58 -32.08 -10.90 -36.06
C ALA B 58 -32.15 -12.38 -35.67
N LEU B 59 -31.22 -13.18 -36.18
CA LEU B 59 -31.23 -14.61 -35.88
C LEU B 59 -31.23 -14.86 -34.37
N ARG B 60 -30.46 -14.06 -33.62
CA ARG B 60 -30.43 -14.23 -32.18
C ARG B 60 -31.84 -14.06 -31.60
N MET B 61 -32.48 -12.93 -31.88
CA MET B 61 -33.83 -12.71 -31.37
C MET B 61 -34.73 -13.89 -31.68
N LEU B 62 -34.67 -14.40 -32.91
CA LEU B 62 -35.52 -15.52 -33.29
C LEU B 62 -35.18 -16.76 -32.47
N GLU B 63 -33.88 -17.02 -32.23
CA GLU B 63 -33.54 -18.09 -31.31
C GLU B 63 -34.00 -17.77 -29.90
N SER B 64 -34.05 -16.47 -29.56
CA SER B 64 -34.52 -16.06 -28.23
C SER B 64 -36.01 -16.30 -28.08
N LEU B 65 -36.76 -16.30 -29.17
CA LEU B 65 -38.19 -16.63 -29.17
C LEU B 65 -38.43 -18.12 -29.37
N HIS B 66 -37.37 -18.93 -29.37
CA HIS B 66 -37.45 -20.36 -29.67
C HIS B 66 -38.14 -20.62 -31.00
N TRP B 67 -38.02 -19.65 -31.93
CA TRP B 67 -38.44 -19.90 -33.30
C TRP B 67 -37.36 -20.59 -34.11
N LEU B 68 -36.14 -20.68 -33.59
CA LEU B 68 -35.02 -21.28 -34.30
C LEU B 68 -34.26 -22.20 -33.36
N SER B 69 -33.31 -22.94 -33.93
CA SER B 69 -32.50 -23.88 -33.18
C SER B 69 -31.15 -24.03 -33.87
N ARG B 70 -30.08 -23.68 -33.17
CA ARG B 70 -28.73 -23.86 -33.69
C ARG B 70 -28.23 -25.25 -33.30
N ASN B 71 -27.72 -25.99 -34.27
CA ASN B 71 -27.07 -27.26 -33.97
C ASN B 71 -25.64 -26.99 -33.49
N LYS B 72 -24.97 -28.07 -33.06
CA LYS B 72 -23.59 -27.95 -32.61
C LYS B 72 -22.65 -27.53 -33.73
N GLU B 73 -23.08 -27.66 -34.98
CA GLU B 73 -22.33 -27.11 -36.10
C GLU B 73 -22.58 -25.62 -36.29
N LEU B 74 -23.49 -25.03 -35.50
CA LEU B 74 -23.83 -23.61 -35.47
C LEU B 74 -24.79 -23.19 -36.58
N LYS B 75 -25.45 -24.12 -37.26
CA LYS B 75 -26.40 -23.79 -38.31
C LYS B 75 -27.81 -23.76 -37.76
N TYR B 76 -28.65 -22.92 -38.37
CA TYR B 76 -29.98 -22.63 -37.85
C TYR B 76 -31.05 -23.48 -38.54
N SER B 77 -32.11 -23.79 -37.79
CA SER B 77 -33.27 -24.48 -38.32
C SER B 77 -34.52 -23.90 -37.67
N LEU B 78 -35.62 -23.92 -38.42
CA LEU B 78 -36.88 -23.41 -37.88
C LEU B 78 -37.44 -24.36 -36.83
N THR B 79 -38.35 -23.84 -36.01
CA THR B 79 -39.05 -24.62 -35.01
C THR B 79 -40.55 -24.50 -35.22
N ALA B 80 -41.31 -25.38 -34.57
CA ALA B 80 -42.77 -25.31 -34.64
C ALA B 80 -43.25 -23.91 -34.31
N GLU B 81 -42.72 -23.32 -33.24
CA GLU B 81 -43.15 -21.99 -32.82
C GLU B 81 -43.04 -20.98 -33.95
N ALA B 82 -42.13 -21.19 -34.90
CA ALA B 82 -41.93 -20.23 -35.96
C ALA B 82 -43.10 -20.16 -36.93
N ALA B 83 -43.90 -21.23 -37.02
CA ALA B 83 -44.98 -21.29 -38.00
C ALA B 83 -45.97 -20.13 -37.84
N ILE B 84 -46.06 -19.56 -36.64
CA ILE B 84 -47.01 -18.48 -36.39
C ILE B 84 -46.69 -17.21 -37.16
N HIS B 85 -45.54 -17.15 -37.82
CA HIS B 85 -45.16 -15.95 -38.55
C HIS B 85 -46.04 -15.69 -39.76
N ASN B 86 -46.75 -16.70 -40.24
CA ASN B 86 -47.64 -16.53 -41.38
C ASN B 86 -48.98 -15.90 -41.00
N LYS B 87 -49.28 -15.81 -39.70
CA LYS B 87 -50.56 -15.31 -39.23
C LYS B 87 -50.49 -13.86 -38.78
N ILE B 88 -49.33 -13.22 -38.87
CA ILE B 88 -49.20 -11.81 -38.55
C ILE B 88 -49.60 -11.02 -39.79
N SER B 89 -50.72 -10.31 -39.71
CA SER B 89 -51.15 -9.46 -40.82
C SER B 89 -50.21 -8.25 -40.92
N GLU B 90 -49.85 -7.90 -42.15
CA GLU B 90 -48.85 -6.87 -42.36
C GLU B 90 -49.36 -5.45 -42.10
N ASP B 91 -50.67 -5.27 -41.94
CA ASP B 91 -51.19 -3.92 -41.72
C ASP B 91 -50.85 -3.38 -40.34
N ILE B 92 -50.50 -4.25 -39.39
CA ILE B 92 -50.30 -3.82 -38.01
C ILE B 92 -49.23 -2.75 -37.89
N LEU B 93 -48.39 -2.57 -38.91
CA LEU B 93 -47.33 -1.56 -38.82
C LEU B 93 -47.91 -0.16 -38.81
N GLN B 94 -49.15 0.01 -39.26
CA GLN B 94 -49.80 1.31 -39.25
C GLN B 94 -50.05 1.80 -37.83
N LEU B 95 -49.96 0.94 -36.83
CA LEU B 95 -50.07 1.40 -35.45
C LEU B 95 -48.95 2.39 -35.10
N TYR B 96 -47.80 2.27 -35.76
CA TYR B 96 -46.64 3.06 -35.37
C TYR B 96 -46.80 4.54 -35.72
N ASN B 97 -47.65 4.88 -36.68
CA ASN B 97 -47.78 6.26 -37.13
C ASN B 97 -49.22 6.76 -37.07
N LEU B 98 -50.03 6.19 -36.18
CA LEU B 98 -51.34 6.74 -35.93
C LEU B 98 -51.21 8.02 -35.10
N PRO B 99 -52.08 9.02 -35.34
CA PRO B 99 -52.11 10.19 -34.44
C PRO B 99 -52.94 9.93 -33.19
N ILE B 100 -52.37 9.16 -32.25
CA ILE B 100 -53.12 8.76 -31.08
C ILE B 100 -53.28 9.92 -30.11
N GLN B 101 -52.31 10.85 -30.06
CA GLN B 101 -52.49 12.02 -29.22
C GLN B 101 -53.62 12.90 -29.73
N SER B 102 -53.74 13.02 -31.06
CA SER B 102 -54.90 13.69 -31.64
C SER B 102 -56.18 12.91 -31.38
N TYR B 103 -56.09 11.57 -31.38
CA TYR B 103 -57.27 10.75 -31.14
C TYR B 103 -57.81 10.95 -29.74
N LEU B 104 -56.92 11.14 -28.75
CA LEU B 104 -57.38 11.30 -27.37
C LEU B 104 -58.09 12.63 -27.18
N GLU B 105 -57.68 13.68 -27.89
CA GLU B 105 -58.33 14.98 -27.79
C GLU B 105 -59.68 15.02 -28.48
N GLY B 106 -60.14 13.89 -29.04
CA GLY B 106 -61.38 13.84 -29.76
C GLY B 106 -61.30 14.35 -31.19
N LYS B 107 -60.17 14.90 -31.61
CA LYS B 107 -60.04 15.56 -32.91
C LYS B 107 -59.56 14.63 -34.01
N GLN B 108 -59.89 13.33 -33.93
CA GLN B 108 -59.43 12.39 -34.94
C GLN B 108 -60.47 11.38 -35.38
N GLY B 109 -61.61 11.26 -34.70
CA GLY B 109 -62.65 10.34 -35.12
C GLY B 109 -62.55 8.98 -34.46
N ASN B 110 -63.02 7.96 -35.16
CA ASN B 110 -63.01 6.59 -34.64
C ASN B 110 -61.77 5.84 -35.13
N LEU B 111 -60.61 6.40 -34.79
CA LEU B 111 -59.36 5.90 -35.37
C LEU B 111 -59.11 4.45 -34.96
N LEU B 112 -59.37 4.10 -33.71
CA LEU B 112 -58.91 2.84 -33.14
C LEU B 112 -59.98 1.76 -33.06
N GLY B 113 -61.22 2.06 -33.45
CA GLY B 113 -62.28 1.07 -33.33
C GLY B 113 -61.93 -0.23 -34.05
N ARG B 114 -61.54 -0.13 -35.32
CA ARG B 114 -61.21 -1.32 -36.09
C ARG B 114 -60.04 -2.06 -35.45
N TRP B 115 -59.05 -1.33 -34.95
CA TRP B 115 -57.87 -1.97 -34.38
C TRP B 115 -58.18 -2.62 -33.04
N ILE B 116 -58.96 -1.93 -32.20
CA ILE B 116 -59.24 -2.46 -30.86
C ILE B 116 -59.99 -3.78 -30.94
N GLU B 117 -60.91 -3.90 -31.91
CA GLU B 117 -61.74 -5.10 -31.98
C GLU B 117 -60.92 -6.32 -32.33
N ARG B 118 -59.94 -6.17 -33.22
CA ARG B 118 -59.10 -7.30 -33.59
C ARG B 118 -58.18 -7.71 -32.44
N SER B 119 -57.75 -6.74 -31.62
CA SER B 119 -57.11 -7.08 -30.36
C SER B 119 -58.02 -7.96 -29.52
N CYS B 120 -59.27 -7.50 -29.30
CA CYS B 120 -60.23 -8.31 -28.56
C CYS B 120 -60.45 -9.67 -29.21
N GLN B 121 -60.21 -9.77 -30.51
CA GLN B 121 -60.21 -11.05 -31.20
C GLN B 121 -58.87 -11.76 -31.08
N LEU B 122 -57.99 -11.29 -30.19
CA LEU B 122 -56.66 -11.88 -30.02
C LEU B 122 -55.95 -12.03 -31.36
N TRP B 123 -56.17 -11.05 -32.24
CA TRP B 123 -55.51 -11.00 -33.54
C TRP B 123 -55.69 -12.30 -34.32
N ASN B 124 -56.81 -12.99 -34.06
CA ASN B 124 -57.12 -14.24 -34.76
C ASN B 124 -55.98 -15.23 -34.60
N LEU B 125 -55.45 -15.31 -33.38
CA LEU B 125 -54.36 -16.21 -33.04
C LEU B 125 -54.72 -17.00 -31.79
N ASP B 126 -54.42 -18.30 -31.80
CA ASP B 126 -54.59 -19.15 -30.64
C ASP B 126 -53.37 -19.14 -29.71
N ASN B 127 -52.53 -18.12 -29.81
CA ASN B 127 -51.26 -18.07 -29.08
C ASN B 127 -51.22 -16.82 -28.21
N PRO B 128 -51.56 -16.93 -26.92
CA PRO B 128 -51.61 -15.73 -26.08
C PRO B 128 -50.31 -14.94 -26.03
N LEU B 129 -49.17 -15.58 -26.30
CA LEU B 129 -47.91 -14.84 -26.28
C LEU B 129 -47.83 -13.85 -27.43
N MET B 130 -48.07 -14.31 -28.66
CA MET B 130 -48.08 -13.40 -29.80
C MET B 130 -49.22 -12.41 -29.69
N ALA B 131 -50.35 -12.82 -29.11
CA ALA B 131 -51.43 -11.88 -28.84
C ALA B 131 -50.90 -10.64 -28.12
N ASP B 132 -50.13 -10.86 -27.06
CA ASP B 132 -49.59 -9.75 -26.28
C ASP B 132 -48.50 -8.99 -27.01
N PHE B 133 -47.86 -9.61 -28.01
CA PHE B 133 -46.88 -8.88 -28.80
C PHE B 133 -47.58 -7.87 -29.72
N LEU B 134 -48.64 -8.30 -30.41
CA LEU B 134 -49.35 -7.39 -31.30
C LEU B 134 -50.03 -6.28 -30.51
N ASP B 135 -50.66 -6.63 -29.39
CA ASP B 135 -51.21 -5.60 -28.50
C ASP B 135 -50.20 -4.48 -28.29
N GLY B 136 -48.94 -4.84 -28.08
CA GLY B 136 -47.91 -3.84 -27.82
C GLY B 136 -47.86 -2.75 -28.86
N LEU B 137 -48.07 -3.12 -30.13
CA LEU B 137 -48.07 -2.10 -31.18
C LEU B 137 -49.17 -1.08 -30.95
N LEU B 138 -50.33 -1.53 -30.46
CA LEU B 138 -51.38 -0.60 -30.07
C LEU B 138 -51.12 -0.02 -28.68
N VAL B 139 -50.71 -0.87 -27.74
CA VAL B 139 -50.71 -0.48 -26.33
C VAL B 139 -49.65 0.59 -26.07
N ILE B 140 -48.46 0.41 -26.60
CA ILE B 140 -47.34 1.31 -26.29
C ILE B 140 -47.67 2.74 -26.68
N PRO B 141 -48.00 3.02 -27.94
CA PRO B 141 -48.37 4.41 -28.29
C PRO B 141 -49.56 4.91 -27.49
N LEU B 142 -50.50 4.02 -27.20
CA LEU B 142 -51.70 4.41 -26.45
C LEU B 142 -51.34 4.84 -25.03
N LEU B 143 -50.48 4.08 -24.36
CA LEU B 143 -50.16 4.41 -22.97
C LEU B 143 -49.30 5.67 -22.87
N LEU B 144 -48.48 5.95 -23.88
CA LEU B 144 -47.76 7.22 -23.91
C LEU B 144 -48.72 8.38 -23.97
N ALA B 145 -49.65 8.35 -24.92
CA ALA B 145 -50.59 9.46 -25.09
C ALA B 145 -51.45 9.64 -23.84
N LEU B 146 -51.86 8.55 -23.21
CA LEU B 146 -52.67 8.66 -22.00
C LEU B 146 -51.92 9.32 -20.86
N HIS B 147 -50.58 9.31 -20.89
CA HIS B 147 -49.79 9.80 -19.77
C HIS B 147 -49.76 11.32 -19.68
N LYS B 148 -49.90 12.01 -20.82
CA LYS B 148 -49.99 13.46 -20.81
C LYS B 148 -51.25 13.96 -20.12
N HIS B 149 -52.21 13.07 -19.85
CA HIS B 149 -53.32 13.29 -18.95
C HIS B 149 -53.22 12.29 -17.80
N ASN B 150 -54.18 12.36 -16.88
CA ASN B 150 -54.14 11.46 -15.72
C ASN B 150 -54.51 10.03 -16.08
N LEU B 151 -55.08 9.79 -17.25
CA LEU B 151 -55.62 8.48 -17.58
C LEU B 151 -54.53 7.42 -17.73
N SER B 163 -64.27 12.50 -19.82
CA SER B 163 -63.85 13.83 -20.24
C SER B 163 -63.44 13.84 -21.71
N LEU B 164 -63.45 12.67 -22.33
CA LEU B 164 -63.08 12.51 -23.74
C LEU B 164 -64.34 12.54 -24.60
N SER B 165 -64.16 12.29 -25.89
CA SER B 165 -65.31 12.20 -26.78
C SER B 165 -65.99 10.84 -26.63
N SER B 166 -67.28 10.80 -26.99
CA SER B 166 -68.06 9.59 -26.78
C SER B 166 -67.42 8.40 -27.49
N THR B 167 -66.91 8.61 -28.70
CA THR B 167 -66.31 7.51 -29.45
C THR B 167 -64.96 7.12 -28.87
N VAL B 168 -64.14 8.11 -28.51
CA VAL B 168 -62.90 7.82 -27.79
C VAL B 168 -63.21 6.94 -26.58
N GLN B 169 -64.25 7.31 -25.83
CA GLN B 169 -64.60 6.54 -24.64
C GLN B 169 -65.07 5.13 -24.99
N GLU B 170 -66.02 5.03 -25.92
CA GLU B 170 -66.52 3.70 -26.30
C GLU B 170 -65.37 2.78 -26.68
N GLU B 171 -64.40 3.28 -27.43
CA GLU B 171 -63.35 2.42 -27.97
C GLU B 171 -62.36 2.01 -26.88
N LEU B 172 -61.72 2.99 -26.24
CA LEU B 172 -60.76 2.66 -25.18
C LEU B 172 -61.40 1.79 -24.11
N GLY B 173 -62.67 2.05 -23.80
CA GLY B 173 -63.37 1.20 -22.84
C GLY B 173 -63.47 -0.23 -23.32
N LYS B 174 -63.78 -0.43 -24.61
CA LYS B 174 -63.77 -1.77 -25.17
C LYS B 174 -62.39 -2.39 -25.09
N LEU B 175 -61.34 -1.57 -25.09
CA LEU B 175 -59.98 -2.09 -24.99
C LEU B 175 -59.58 -2.32 -23.55
N PHE B 176 -59.90 -1.38 -22.65
CA PHE B 176 -59.47 -1.51 -21.27
C PHE B 176 -60.17 -2.67 -20.58
N LEU B 177 -61.40 -3.01 -21.01
CA LEU B 177 -62.04 -4.22 -20.51
C LEU B 177 -61.30 -5.46 -20.95
N HIS B 178 -61.02 -5.57 -22.26
CA HIS B 178 -60.34 -6.74 -22.79
C HIS B 178 -58.96 -6.91 -22.15
N LEU B 179 -58.20 -5.81 -22.06
CA LEU B 179 -56.88 -5.86 -21.44
C LEU B 179 -56.94 -5.97 -19.92
N GLY B 180 -58.13 -6.01 -19.34
CA GLY B 180 -58.26 -6.12 -17.90
C GLY B 180 -57.95 -4.86 -17.13
N TRP B 181 -57.81 -3.73 -17.81
CA TRP B 181 -57.50 -2.47 -17.13
C TRP B 181 -58.72 -1.83 -16.51
N ALA B 182 -59.89 -2.44 -16.60
CA ALA B 182 -61.10 -1.85 -16.04
C ALA B 182 -62.14 -2.93 -15.81
N ASP B 183 -62.97 -2.70 -14.80
CA ASP B 183 -64.12 -3.56 -14.51
C ASP B 183 -65.40 -2.82 -14.89
N THR B 190 -63.92 2.72 -13.89
CA THR B 190 -63.74 1.56 -13.03
C THR B 190 -62.31 1.04 -13.15
N ILE B 191 -61.38 1.80 -12.58
CA ILE B 191 -59.96 1.47 -12.72
C ILE B 191 -59.64 0.22 -11.92
N THR B 192 -58.73 -0.59 -12.45
CA THR B 192 -58.23 -1.78 -11.76
C THR B 192 -56.80 -1.55 -11.30
N GLU B 193 -56.34 -2.46 -10.43
CA GLU B 193 -54.95 -2.38 -9.97
C GLU B 193 -53.97 -2.49 -11.14
N LEU B 194 -54.24 -3.41 -12.08
CA LEU B 194 -53.38 -3.55 -13.24
C LEU B 194 -53.38 -2.28 -14.08
N GLY B 195 -54.57 -1.76 -14.39
CA GLY B 195 -54.64 -0.53 -15.18
C GLY B 195 -53.98 0.64 -14.48
N ARG B 196 -54.21 0.78 -13.18
CA ARG B 196 -53.52 1.80 -12.40
C ARG B 196 -52.01 1.65 -12.54
N PHE B 197 -51.51 0.42 -12.46
CA PHE B 197 -50.08 0.18 -12.64
C PHE B 197 -49.65 0.49 -14.06
N MET B 198 -50.39 -0.02 -15.05
CA MET B 198 -49.99 0.16 -16.44
C MET B 198 -49.88 1.64 -16.79
N GLY B 199 -50.79 2.46 -16.28
CA GLY B 199 -50.72 3.88 -16.58
C GLY B 199 -49.55 4.56 -15.89
N GLU B 200 -49.38 4.31 -14.60
CA GLU B 200 -48.27 4.92 -13.86
C GLU B 200 -46.94 4.52 -14.46
N ARG B 201 -46.70 3.22 -14.60
CA ARG B 201 -45.46 2.71 -15.18
C ARG B 201 -45.44 2.80 -16.70
N ALA B 202 -46.40 3.50 -17.30
CA ALA B 202 -46.44 3.61 -18.75
C ALA B 202 -45.14 4.19 -19.30
N LEU B 203 -44.54 5.14 -18.58
CA LEU B 203 -43.37 5.83 -19.09
C LEU B 203 -42.17 4.92 -19.27
N ASN B 204 -42.17 3.74 -18.64
CA ASN B 204 -41.08 2.80 -18.84
C ASN B 204 -40.81 2.57 -20.33
N THR B 205 -41.88 2.43 -21.11
CA THR B 205 -41.76 2.15 -22.54
C THR B 205 -41.36 3.37 -23.36
N ALA B 206 -41.15 4.53 -22.72
CA ALA B 206 -40.74 5.71 -23.48
C ALA B 206 -39.48 5.44 -24.28
N ILE B 207 -38.61 4.55 -23.80
CA ILE B 207 -37.40 4.20 -24.54
C ILE B 207 -37.76 3.52 -25.85
N VAL B 208 -38.47 2.39 -25.76
CA VAL B 208 -38.75 1.60 -26.95
C VAL B 208 -39.55 2.39 -27.98
N ALA B 209 -40.38 3.32 -27.52
CA ALA B 209 -41.12 4.16 -28.47
C ALA B 209 -40.17 4.97 -29.34
N SER B 210 -39.03 5.37 -28.79
CA SER B 210 -38.05 6.13 -29.56
C SER B 210 -37.39 5.30 -30.66
N TYR B 211 -37.54 3.99 -30.62
CA TYR B 211 -36.96 3.14 -31.66
C TYR B 211 -37.76 3.17 -32.96
N THR B 212 -38.87 3.90 -32.99
CA THR B 212 -39.80 3.78 -34.13
C THR B 212 -39.15 4.07 -35.46
N PRO B 213 -38.39 5.17 -35.64
CA PRO B 213 -37.82 5.44 -36.96
C PRO B 213 -36.86 4.37 -37.47
N MET B 214 -36.11 3.70 -36.59
CA MET B 214 -35.26 2.61 -37.06
C MET B 214 -36.09 1.35 -37.35
N LEU B 215 -37.11 1.10 -36.54
CA LEU B 215 -37.98 -0.05 -36.79
C LEU B 215 -38.74 0.12 -38.10
N SER B 216 -39.12 1.35 -38.46
CA SER B 216 -39.86 1.58 -39.69
C SER B 216 -39.01 1.36 -40.93
N ARG B 217 -37.68 1.38 -40.79
CA ARG B 217 -36.77 1.12 -41.90
C ARG B 217 -35.94 -0.14 -41.65
N ILE B 218 -36.46 -1.06 -40.83
CA ILE B 218 -35.67 -2.21 -40.44
C ILE B 218 -35.32 -3.10 -41.62
N HIS B 219 -36.05 -2.98 -42.74
CA HIS B 219 -35.68 -3.75 -43.92
C HIS B 219 -34.37 -3.25 -44.52
N ASP B 220 -34.20 -1.93 -44.58
CA ASP B 220 -32.91 -1.37 -44.98
C ASP B 220 -31.81 -1.82 -44.05
N VAL B 221 -32.08 -1.80 -42.74
CA VAL B 221 -31.08 -2.27 -41.76
C VAL B 221 -30.70 -3.71 -42.05
N LEU B 222 -31.69 -4.60 -42.13
CA LEU B 222 -31.40 -6.02 -42.25
C LEU B 222 -30.84 -6.35 -43.62
N PHE B 223 -31.56 -6.01 -44.69
CA PHE B 223 -31.25 -6.53 -46.01
C PHE B 223 -30.88 -5.46 -47.05
N GLY B 224 -30.90 -4.19 -46.68
CA GLY B 224 -30.68 -3.12 -47.64
C GLY B 224 -29.55 -2.21 -47.22
N ASN B 225 -29.78 -0.91 -47.37
CA ASN B 225 -28.77 0.11 -47.13
C ASN B 225 -28.82 0.50 -45.65
N CYS B 226 -28.23 -0.36 -44.81
CA CYS B 226 -28.19 -0.10 -43.38
C CYS B 226 -27.41 1.16 -43.06
N LEU B 227 -26.43 1.52 -43.90
CA LEU B 227 -25.61 2.68 -43.62
C LEU B 227 -26.45 3.94 -43.49
N SER B 228 -27.53 4.04 -44.27
CA SER B 228 -28.30 5.29 -44.30
C SER B 228 -29.13 5.48 -43.04
N VAL B 229 -29.53 4.40 -42.39
CA VAL B 229 -30.33 4.45 -41.17
C VAL B 229 -29.39 4.28 -39.98
N PHE B 230 -29.40 5.26 -39.08
CA PHE B 230 -28.52 5.24 -37.92
C PHE B 230 -27.05 5.22 -38.34
N PHE B 252 -37.13 9.10 -18.58
CA PHE B 252 -37.50 7.75 -19.00
C PHE B 252 -36.35 6.79 -18.80
N GLN B 253 -36.11 6.42 -17.54
CA GLN B 253 -35.10 5.44 -17.18
C GLN B 253 -35.34 5.01 -15.74
N HIS B 254 -35.08 3.73 -15.45
CA HIS B 254 -35.16 3.25 -14.08
C HIS B 254 -34.14 3.98 -13.22
N GLN B 255 -34.55 4.35 -12.00
CA GLN B 255 -33.63 4.95 -11.05
C GLN B 255 -33.38 4.07 -9.84
N LYS B 256 -33.77 2.79 -9.89
CA LYS B 256 -33.31 1.83 -8.90
C LYS B 256 -31.82 1.56 -9.06
N TYR B 257 -31.34 1.52 -10.32
CA TYR B 257 -29.93 1.32 -10.57
C TYR B 257 -29.11 2.50 -10.06
N PHE B 258 -29.65 3.71 -10.15
CA PHE B 258 -28.96 4.87 -9.62
C PHE B 258 -29.09 4.99 -8.10
N ALA B 259 -29.98 4.22 -7.48
CA ALA B 259 -30.12 4.29 -6.03
C ALA B 259 -28.98 3.57 -5.33
N ASP B 260 -28.68 2.34 -5.74
CA ASP B 260 -27.58 1.60 -5.14
C ASP B 260 -26.23 2.22 -5.48
N LEU B 261 -26.13 2.92 -6.61
CA LEU B 261 -24.89 3.61 -6.93
C LEU B 261 -24.62 4.72 -5.91
N GLU B 262 -25.67 5.42 -5.48
CA GLU B 262 -25.49 6.44 -4.45
C GLU B 262 -25.03 5.81 -3.15
N GLU B 263 -25.57 4.64 -2.81
CA GLU B 263 -25.26 4.00 -1.54
C GLU B 263 -23.80 3.58 -1.46
N SER B 264 -23.18 3.29 -2.60
CA SER B 264 -21.76 2.97 -2.59
C SER B 264 -20.91 4.22 -2.42
N ILE B 265 -21.25 5.29 -3.14
CA ILE B 265 -20.54 6.56 -2.95
C ILE B 265 -20.71 7.04 -1.52
N LEU B 266 -21.89 6.82 -0.93
CA LEU B 266 -22.09 7.13 0.48
C LEU B 266 -21.05 6.46 1.34
N SER B 267 -20.69 5.21 1.00
CA SER B 267 -19.61 4.54 1.72
C SER B 267 -18.26 5.17 1.41
N VAL B 268 -18.05 5.58 0.16
CA VAL B 268 -16.77 6.18 -0.21
C VAL B 268 -16.65 7.58 0.35
N PHE B 269 -17.77 8.27 0.56
CA PHE B 269 -17.77 9.62 1.10
C PHE B 269 -17.92 9.64 2.62
N ASN B 270 -17.74 8.49 3.28
CA ASN B 270 -17.81 8.39 4.73
C ASN B 270 -16.76 7.42 5.24
N GLN B 271 -15.57 7.45 4.64
CA GLN B 271 -14.47 6.56 5.00
C GLN B 271 -13.71 7.11 6.20
N LEU B 272 -12.80 6.30 6.73
CA LEU B 272 -12.07 6.60 7.97
C LEU B 272 -11.69 8.08 8.02
N PRO B 273 -10.67 8.55 7.30
CA PRO B 273 -10.41 9.98 7.29
C PRO B 273 -11.18 10.70 6.19
N LEU B 274 -11.59 11.92 6.51
CA LEU B 274 -12.01 12.84 5.46
C LEU B 274 -10.83 13.27 4.59
N GLU B 275 -9.60 12.99 5.03
CA GLU B 275 -8.41 13.42 4.30
C GLU B 275 -8.17 12.58 3.06
N GLU B 276 -8.32 11.26 3.17
CA GLU B 276 -8.00 10.37 2.07
C GLU B 276 -9.13 10.24 1.06
N GLN B 277 -10.34 10.67 1.39
CA GLN B 277 -11.44 10.59 0.45
C GLN B 277 -11.06 11.29 -0.85
N PRO B 278 -11.63 10.88 -1.98
CA PRO B 278 -11.32 11.54 -3.25
C PRO B 278 -11.70 13.01 -3.19
N LYS B 279 -10.88 13.84 -3.84
CA LYS B 279 -11.23 15.26 -3.94
C LYS B 279 -12.19 15.51 -5.09
N TYR B 280 -12.03 14.79 -6.21
CA TYR B 280 -12.83 15.02 -7.40
C TYR B 280 -13.54 13.75 -7.83
N ILE B 281 -14.76 13.90 -8.33
CA ILE B 281 -15.54 12.83 -8.94
C ILE B 281 -15.74 13.19 -10.40
N THR B 282 -15.33 12.31 -11.30
CA THR B 282 -15.38 12.57 -12.73
C THR B 282 -16.36 11.59 -13.39
N ASP B 283 -17.49 12.12 -13.85
CA ASP B 283 -18.47 11.35 -14.59
C ASP B 283 -18.13 11.38 -16.07
N MET B 284 -18.02 10.20 -16.67
CA MET B 284 -17.91 10.07 -18.12
C MET B 284 -19.31 9.90 -18.69
N GLY B 285 -19.71 10.80 -19.57
CA GLY B 285 -21.04 10.76 -20.14
C GLY B 285 -22.10 11.29 -19.19
N CYS B 286 -22.12 12.62 -19.03
CA CYS B 286 -22.98 13.25 -18.05
C CYS B 286 -24.39 13.51 -18.57
N GLY B 287 -24.57 13.55 -19.89
CA GLY B 287 -25.87 13.83 -20.45
C GLY B 287 -26.49 15.11 -19.91
N ASP B 288 -27.52 14.97 -19.08
CA ASP B 288 -28.19 16.12 -18.49
C ASP B 288 -27.69 16.43 -17.09
N GLY B 289 -26.68 15.71 -16.60
CA GLY B 289 -26.11 15.96 -15.30
C GLY B 289 -26.90 15.43 -14.13
N THR B 290 -28.01 14.74 -14.37
CA THR B 290 -28.82 14.22 -13.27
C THR B 290 -27.98 13.33 -12.35
N LEU B 291 -27.12 12.49 -12.92
CA LEU B 291 -26.28 11.62 -12.10
C LEU B 291 -25.43 12.45 -11.14
N LEU B 292 -24.69 13.43 -11.67
CA LEU B 292 -23.85 14.25 -10.82
C LEU B 292 -24.68 14.98 -9.76
N LYS B 293 -25.81 15.56 -10.16
CA LYS B 293 -26.64 16.27 -9.20
C LYS B 293 -27.05 15.36 -8.05
N ARG B 294 -27.63 14.20 -8.38
CA ARG B 294 -28.09 13.30 -7.33
C ARG B 294 -26.96 12.79 -6.46
N VAL B 295 -25.76 12.60 -7.03
CA VAL B 295 -24.64 12.13 -6.23
C VAL B 295 -24.23 13.18 -5.21
N TRP B 296 -24.29 14.46 -5.58
CA TRP B 296 -23.93 15.51 -4.65
C TRP B 296 -24.91 15.58 -3.50
N GLU B 297 -26.21 15.59 -3.79
CA GLU B 297 -27.22 15.59 -2.75
C GLU B 297 -27.03 14.42 -1.78
N THR B 298 -26.51 13.29 -2.27
CA THR B 298 -26.24 12.17 -1.38
C THR B 298 -24.94 12.39 -0.61
N ILE B 299 -23.90 12.90 -1.27
CA ILE B 299 -22.62 13.11 -0.59
C ILE B 299 -22.76 14.19 0.48
N GLN B 300 -23.52 15.25 0.18
CA GLN B 300 -23.55 16.43 1.03
C GLN B 300 -24.52 16.27 2.20
N PHE B 301 -25.81 16.19 1.90
CA PHE B 301 -26.79 16.21 2.98
C PHE B 301 -26.76 14.95 3.83
N LYS B 302 -26.00 13.92 3.45
CA LYS B 302 -26.19 12.63 4.09
C LYS B 302 -24.90 11.97 4.55
N SER B 303 -23.80 12.16 3.84
CA SER B 303 -22.54 11.54 4.24
C SER B 303 -21.92 12.37 5.36
N ALA B 304 -20.66 12.09 5.69
CA ALA B 304 -19.91 12.88 6.66
C ALA B 304 -19.03 13.93 5.99
N ARG B 305 -18.55 13.66 4.78
CA ARG B 305 -17.90 14.70 3.99
C ARG B 305 -18.84 15.86 3.72
N GLY B 306 -20.15 15.58 3.63
CA GLY B 306 -21.10 16.64 3.37
C GLY B 306 -21.18 17.65 4.50
N LYS B 307 -21.14 17.17 5.75
CA LYS B 307 -21.13 18.05 6.91
C LYS B 307 -19.76 18.68 7.16
N ALA B 308 -18.84 18.60 6.18
CA ALA B 308 -17.53 19.23 6.32
C ALA B 308 -17.03 19.72 4.96
N LEU B 309 -17.92 20.13 4.08
CA LEU B 309 -17.53 20.53 2.73
C LEU B 309 -16.83 21.88 2.71
N GLU B 310 -17.04 22.72 3.72
CA GLU B 310 -16.38 24.03 3.75
C GLU B 310 -14.89 23.90 4.03
N GLN B 311 -14.49 22.87 4.77
CA GLN B 311 -13.08 22.63 5.05
C GLN B 311 -12.45 21.65 4.08
N TYR B 312 -13.26 20.77 3.46
CA TYR B 312 -12.76 19.76 2.53
C TYR B 312 -13.59 19.87 1.25
N PRO B 313 -13.20 20.74 0.32
CA PRO B 313 -14.01 20.94 -0.89
C PRO B 313 -14.03 19.70 -1.78
N LEU B 314 -15.20 19.44 -2.36
CA LEU B 314 -15.42 18.35 -3.30
C LEU B 314 -15.98 18.95 -4.58
N ARG B 315 -15.29 18.74 -5.70
CA ARG B 315 -15.66 19.34 -6.96
C ARG B 315 -16.20 18.29 -7.93
N LEU B 316 -17.40 18.53 -8.46
CA LEU B 316 -17.93 17.70 -9.52
C LEU B 316 -17.21 18.01 -10.83
N ILE B 317 -17.14 17.00 -11.70
CA ILE B 317 -16.55 17.14 -13.02
C ILE B 317 -17.49 16.50 -14.03
N GLY B 318 -17.72 17.20 -15.15
CA GLY B 318 -18.57 16.69 -16.19
C GLY B 318 -17.84 16.53 -17.50
N VAL B 319 -17.87 15.33 -18.08
CA VAL B 319 -17.14 15.02 -19.28
C VAL B 319 -18.09 14.44 -20.31
N ASP B 320 -17.85 14.80 -21.57
CA ASP B 320 -18.67 14.23 -22.63
C ASP B 320 -18.22 14.70 -24.01
N TYR B 321 -18.55 13.89 -25.04
CA TYR B 321 -18.14 14.21 -26.40
C TYR B 321 -19.12 15.13 -27.13
N ASN B 322 -20.33 15.31 -26.61
CA ASN B 322 -21.30 16.23 -27.19
C ASN B 322 -21.36 17.49 -26.36
N GLU B 323 -20.94 18.62 -26.95
CA GLU B 323 -21.08 19.91 -26.28
C GLU B 323 -22.53 20.25 -25.98
N ALA B 324 -23.48 19.63 -26.69
CA ALA B 324 -24.89 19.81 -26.36
C ALA B 324 -25.18 19.34 -24.95
N SER B 325 -24.84 18.09 -24.64
CA SER B 325 -25.09 17.56 -23.31
C SER B 325 -24.24 18.24 -22.26
N LEU B 326 -23.06 18.75 -22.64
CA LEU B 326 -22.19 19.41 -21.68
C LEU B 326 -22.88 20.62 -21.05
N LYS B 327 -23.60 21.40 -21.86
CA LYS B 327 -24.29 22.57 -21.33
C LYS B 327 -25.45 22.16 -20.43
N ALA B 328 -26.16 21.09 -20.80
CA ALA B 328 -27.29 20.65 -19.99
C ALA B 328 -26.85 20.28 -18.57
N THR B 329 -25.60 19.87 -18.39
CA THR B 329 -25.12 19.51 -17.07
C THR B 329 -24.75 20.75 -16.25
N THR B 330 -24.25 21.80 -16.91
CA THR B 330 -24.00 23.05 -16.21
C THR B 330 -25.32 23.64 -15.69
N ARG B 331 -26.37 23.57 -16.50
CA ARG B 331 -27.68 24.02 -16.04
C ARG B 331 -28.15 23.17 -14.86
N THR B 332 -28.12 21.85 -15.01
CA THR B 332 -28.52 20.97 -13.92
C THR B 332 -27.58 21.10 -12.73
N LEU B 333 -26.31 21.42 -12.97
CA LEU B 333 -25.32 21.63 -11.92
C LEU B 333 -24.96 23.11 -11.81
N ALA B 334 -25.93 23.99 -12.02
CA ALA B 334 -25.66 25.42 -11.97
C ALA B 334 -25.26 25.84 -10.56
N SER B 335 -26.00 25.38 -9.55
CA SER B 335 -25.75 25.75 -8.16
C SER B 335 -24.87 24.75 -7.43
N LEU B 336 -23.93 24.12 -8.12
CA LEU B 336 -23.07 23.12 -7.53
C LEU B 336 -21.64 23.34 -8.00
N PRO B 337 -20.64 22.97 -7.18
CA PRO B 337 -19.24 23.27 -7.54
C PRO B 337 -18.76 22.48 -8.76
N HIS B 338 -19.34 22.74 -9.92
CA HIS B 338 -19.13 21.88 -11.07
C HIS B 338 -18.00 22.38 -11.97
N LEU B 339 -17.51 21.46 -12.80
CA LEU B 339 -16.54 21.72 -13.86
C LEU B 339 -16.90 20.86 -15.05
N VAL B 340 -16.58 21.34 -16.25
CA VAL B 340 -16.99 20.66 -17.48
C VAL B 340 -15.87 20.71 -18.51
N LEU B 341 -15.88 19.72 -19.40
CA LEU B 341 -14.94 19.62 -20.51
C LEU B 341 -15.41 18.49 -21.40
N GLN B 342 -14.72 18.32 -22.53
CA GLN B 342 -15.06 17.31 -23.53
C GLN B 342 -14.16 16.10 -23.40
N GLY B 343 -14.68 14.94 -23.76
CA GLY B 343 -13.90 13.72 -23.65
C GLY B 343 -14.65 12.53 -24.22
N ASP B 344 -13.96 11.39 -24.19
CA ASP B 344 -14.50 10.14 -24.71
C ASP B 344 -13.94 8.99 -23.88
N ILE B 345 -14.70 7.90 -23.79
CA ILE B 345 -14.20 6.74 -23.07
C ILE B 345 -13.04 6.10 -23.84
N GLY B 346 -13.05 6.20 -25.17
CA GLY B 346 -12.02 5.56 -25.96
C GLY B 346 -10.63 6.06 -25.61
N ASN B 347 -10.52 7.32 -25.19
CA ASN B 347 -9.24 7.92 -24.84
C ASN B 347 -9.38 8.53 -23.45
N PRO B 348 -9.11 7.75 -22.40
CA PRO B 348 -9.11 8.32 -21.04
C PRO B 348 -7.84 9.09 -20.69
N GLU B 349 -6.79 9.01 -21.52
CA GLU B 349 -5.61 9.83 -21.30
C GLU B 349 -5.84 11.28 -21.70
N GLN B 350 -6.78 11.55 -22.61
CA GLN B 350 -7.16 12.93 -22.89
C GLN B 350 -7.97 13.53 -21.75
N MET B 351 -8.60 12.68 -20.93
CA MET B 351 -9.29 13.18 -19.74
C MET B 351 -8.31 13.86 -18.79
N VAL B 352 -7.23 13.18 -18.46
CA VAL B 352 -6.24 13.76 -17.55
C VAL B 352 -5.61 14.99 -18.17
N ARG B 353 -5.31 14.94 -19.47
CA ARG B 353 -4.67 16.07 -20.14
C ARG B 353 -5.64 17.23 -20.32
N SER B 354 -6.93 16.94 -20.40
CA SER B 354 -7.93 18.03 -20.38
C SER B 354 -8.01 18.65 -19.00
N LEU B 355 -8.04 17.82 -17.95
CA LEU B 355 -8.02 18.35 -16.59
C LEU B 355 -6.71 19.07 -16.29
N GLU B 356 -5.60 18.60 -16.87
CA GLU B 356 -4.35 19.34 -16.76
C GLU B 356 -4.49 20.73 -17.35
N ALA B 357 -5.09 20.82 -18.55
CA ALA B 357 -5.32 22.11 -19.17
C ALA B 357 -6.22 22.98 -18.30
N HIS B 358 -7.37 22.45 -17.88
CA HIS B 358 -8.31 23.21 -17.07
C HIS B 358 -7.78 23.51 -15.67
N GLY B 359 -6.54 23.16 -15.38
CA GLY B 359 -5.96 23.52 -14.09
C GLY B 359 -6.24 22.51 -12.99
N ILE B 360 -5.94 21.24 -13.25
CA ILE B 360 -6.04 20.19 -12.25
C ILE B 360 -4.77 19.36 -12.31
N HIS B 361 -3.86 19.59 -11.37
CA HIS B 361 -2.58 18.91 -11.36
C HIS B 361 -2.57 17.65 -10.51
N ASP B 362 -3.67 17.31 -9.85
CA ASP B 362 -3.79 16.04 -9.14
C ASP B 362 -4.88 15.16 -9.75
N PRO B 363 -4.75 14.80 -11.04
CA PRO B 363 -5.56 13.68 -11.54
C PRO B 363 -5.24 12.39 -10.83
N GLU B 364 -4.01 12.28 -10.32
CA GLU B 364 -3.53 11.10 -9.61
C GLU B 364 -4.53 10.60 -8.57
N ASN B 365 -5.34 11.49 -7.99
CA ASN B 365 -6.34 11.11 -6.99
C ASN B 365 -7.63 11.86 -7.33
N ILE B 366 -8.40 11.28 -8.25
CA ILE B 366 -9.72 11.81 -8.61
C ILE B 366 -10.62 10.62 -8.94
N LEU B 367 -11.71 10.46 -8.20
CA LEU B 367 -12.61 9.34 -8.45
C LEU B 367 -13.22 9.44 -9.84
N HIS B 368 -13.37 8.29 -10.49
CA HIS B 368 -13.93 8.19 -11.83
C HIS B 368 -15.10 7.21 -11.82
N ILE B 369 -16.18 7.58 -12.50
CA ILE B 369 -17.42 6.81 -12.49
C ILE B 369 -18.16 7.05 -13.81
N ARG B 370 -19.01 6.09 -14.18
CA ARG B 370 -19.83 6.24 -15.37
C ARG B 370 -20.85 5.10 -15.43
N SER B 371 -21.97 5.37 -16.11
CA SER B 371 -23.09 4.43 -16.15
C SER B 371 -23.54 4.22 -17.58
N PHE B 372 -23.49 2.97 -18.04
CA PHE B 372 -24.08 2.55 -19.31
C PHE B 372 -23.49 3.33 -20.48
N LEU B 373 -22.17 3.24 -20.61
CA LEU B 373 -21.44 3.96 -21.64
C LEU B 373 -20.29 3.17 -22.24
N ASP B 374 -19.79 2.13 -21.58
CA ASP B 374 -18.74 1.31 -22.18
C ASP B 374 -19.24 0.59 -23.43
N HIS B 375 -20.53 0.26 -23.48
CA HIS B 375 -21.07 -0.45 -24.63
C HIS B 375 -21.29 0.47 -25.83
N ASP B 376 -21.10 1.78 -25.68
CA ASP B 376 -21.30 2.75 -26.75
C ASP B 376 -20.00 3.50 -27.07
N ARG B 377 -18.88 2.81 -26.96
CA ARG B 377 -17.59 3.41 -27.26
C ARG B 377 -17.31 3.35 -28.75
N LEU B 378 -16.63 4.38 -29.26
CA LEU B 378 -16.14 4.31 -30.63
C LEU B 378 -15.26 3.07 -30.74
N PHE B 379 -15.76 2.03 -31.41
CA PHE B 379 -15.05 0.76 -31.40
C PHE B 379 -13.64 0.92 -31.98
N ILE B 380 -12.65 0.59 -31.18
CA ILE B 380 -11.26 0.49 -31.62
C ILE B 380 -10.96 -0.99 -31.87
N PRO B 381 -10.39 -1.35 -33.02
CA PRO B 381 -10.05 -2.76 -33.25
C PRO B 381 -8.95 -3.20 -32.31
N PRO B 382 -8.85 -4.50 -32.00
CA PRO B 382 -7.84 -4.96 -31.05
C PRO B 382 -6.43 -4.80 -31.61
N GLN B 383 -5.51 -4.40 -30.73
CA GLN B 383 -4.10 -4.30 -31.09
C GLN B 383 -3.29 -5.51 -30.64
N LYS B 384 -3.54 -6.04 -29.45
CA LYS B 384 -2.80 -7.18 -28.91
C LYS B 384 -3.26 -8.44 -29.63
N ARG B 385 -2.53 -8.83 -30.67
CA ARG B 385 -2.97 -9.94 -31.51
C ARG B 385 -2.82 -11.29 -30.80
N ASN B 386 -1.76 -11.45 -29.99
CA ASN B 386 -1.57 -12.73 -29.32
C ASN B 386 -2.69 -13.00 -28.31
N GLU B 387 -3.05 -12.00 -27.51
CA GLU B 387 -4.15 -12.16 -26.57
C GLU B 387 -5.45 -12.50 -27.29
N LEU B 388 -5.65 -11.95 -28.49
CA LEU B 388 -6.81 -12.31 -29.29
C LEU B 388 -6.75 -13.79 -29.67
N LYS B 389 -5.59 -14.24 -30.16
CA LYS B 389 -5.50 -15.60 -30.68
C LYS B 389 -5.80 -16.63 -29.60
N GLU B 390 -5.31 -16.39 -28.38
CA GLU B 390 -5.48 -17.40 -27.33
C GLU B 390 -6.91 -17.44 -26.80
N ARG B 391 -7.66 -16.34 -26.91
CA ARG B 391 -9.05 -16.33 -26.47
C ARG B 391 -10.03 -16.70 -27.56
N ALA B 392 -9.59 -16.82 -28.80
CA ALA B 392 -10.49 -16.89 -29.95
C ALA B 392 -11.28 -18.19 -30.01
N HIS B 393 -11.04 -19.14 -29.11
CA HIS B 393 -11.77 -20.40 -29.09
C HIS B 393 -12.87 -20.43 -28.03
N LEU B 394 -12.92 -19.44 -27.15
CA LEU B 394 -13.90 -19.45 -26.09
C LEU B 394 -15.30 -19.17 -26.65
N PRO B 395 -16.34 -19.81 -26.11
CA PRO B 395 -17.70 -19.60 -26.68
C PRO B 395 -18.44 -18.37 -26.12
N TYR B 396 -18.14 -17.22 -26.71
CA TYR B 396 -18.79 -15.97 -26.32
C TYR B 396 -20.15 -15.85 -26.98
N GLN B 397 -21.12 -15.28 -26.25
CA GLN B 397 -22.50 -15.21 -26.71
C GLN B 397 -22.94 -13.78 -27.00
N SER B 398 -22.01 -12.87 -27.27
CA SER B 398 -22.38 -11.52 -27.67
C SER B 398 -22.62 -11.48 -29.18
N VAL B 399 -23.29 -10.41 -29.61
CA VAL B 399 -23.48 -10.13 -31.04
C VAL B 399 -23.27 -8.63 -31.22
N CYS B 400 -22.38 -8.26 -32.14
CA CYS B 400 -22.01 -6.86 -32.34
C CYS B 400 -21.83 -6.56 -33.82
N VAL B 401 -22.13 -5.33 -34.20
CA VAL B 401 -22.16 -4.90 -35.58
C VAL B 401 -21.28 -3.67 -35.75
N ASP B 402 -20.58 -3.60 -36.88
CA ASP B 402 -19.72 -2.47 -37.19
C ASP B 402 -20.50 -1.39 -37.93
N ASP B 403 -19.81 -0.31 -38.29
CA ASP B 403 -20.43 0.75 -39.08
C ASP B 403 -20.72 0.31 -40.52
N GLN B 404 -20.20 -0.84 -40.94
CA GLN B 404 -20.49 -1.41 -42.25
C GLN B 404 -21.71 -2.31 -42.22
N GLY B 405 -22.34 -2.49 -41.06
CA GLY B 405 -23.41 -3.45 -40.92
C GLY B 405 -22.97 -4.89 -40.86
N GLU B 406 -21.66 -5.15 -40.91
CA GLU B 406 -21.14 -6.50 -40.82
C GLU B 406 -21.00 -6.92 -39.36
N LEU B 407 -20.80 -8.22 -39.17
CA LEU B 407 -20.68 -8.78 -37.82
C LEU B 407 -19.25 -8.66 -37.33
N ILE B 408 -19.07 -8.04 -36.16
CA ILE B 408 -17.80 -8.06 -35.45
C ILE B 408 -17.76 -9.38 -34.68
N PRO B 409 -16.76 -10.22 -34.89
CA PRO B 409 -16.72 -11.51 -34.18
C PRO B 409 -16.65 -11.30 -32.68
N PRO B 410 -17.32 -12.13 -31.89
CA PRO B 410 -17.38 -11.86 -30.44
C PRO B 410 -16.00 -11.66 -29.82
N HIS B 411 -15.09 -12.61 -30.03
CA HIS B 411 -13.80 -12.55 -29.36
C HIS B 411 -13.01 -11.32 -29.76
N VAL B 412 -13.24 -10.80 -30.97
CA VAL B 412 -12.65 -9.51 -31.34
C VAL B 412 -13.22 -8.41 -30.43
N MET B 413 -14.55 -8.37 -30.31
CA MET B 413 -15.19 -7.41 -29.42
C MET B 413 -14.67 -7.54 -28.00
N VAL B 414 -14.54 -8.77 -27.51
CA VAL B 414 -13.99 -9.00 -26.19
C VAL B 414 -12.62 -8.35 -26.07
N GLN B 415 -11.70 -8.76 -26.96
CA GLN B 415 -10.33 -8.26 -26.88
C GLN B 415 -10.29 -6.74 -26.96
N SER B 416 -11.14 -6.15 -27.80
CA SER B 416 -11.28 -4.69 -27.78
C SER B 416 -11.72 -4.21 -26.41
N LEU B 417 -12.70 -4.89 -25.82
CA LEU B 417 -13.19 -4.50 -24.50
C LEU B 417 -12.09 -4.59 -23.45
N VAL B 418 -11.28 -5.65 -23.50
CA VAL B 418 -10.16 -5.78 -22.56
C VAL B 418 -9.22 -4.59 -22.73
N GLU B 419 -8.84 -4.29 -23.97
CA GLU B 419 -7.95 -3.16 -24.21
C GLU B 419 -8.60 -1.85 -23.79
N HIS B 420 -9.93 -1.74 -23.89
CA HIS B 420 -10.60 -0.54 -23.42
C HIS B 420 -10.49 -0.40 -21.91
N LEU B 421 -10.71 -1.48 -21.18
CA LEU B 421 -10.51 -1.45 -19.73
C LEU B 421 -9.04 -1.17 -19.40
N GLU B 422 -8.12 -1.70 -20.20
CA GLU B 422 -6.70 -1.40 -20.02
C GLU B 422 -6.45 0.10 -20.04
N ARG B 423 -6.82 0.76 -21.15
CA ARG B 423 -6.59 2.19 -21.26
C ARG B 423 -7.10 2.94 -20.04
N TRP B 424 -8.15 2.43 -19.39
CA TRP B 424 -8.61 3.04 -18.16
C TRP B 424 -7.81 2.56 -16.95
N SER B 425 -7.43 1.27 -16.94
CA SER B 425 -6.67 0.74 -15.80
C SER B 425 -5.38 1.50 -15.57
N GLN B 426 -4.85 2.16 -16.59
CA GLN B 426 -3.65 2.96 -16.42
C GLN B 426 -3.93 4.27 -15.70
N VAL B 427 -5.17 4.76 -15.79
CA VAL B 427 -5.53 6.04 -15.20
C VAL B 427 -6.29 5.89 -13.88
N VAL B 428 -6.68 4.67 -13.51
CA VAL B 428 -7.48 4.46 -12.32
C VAL B 428 -6.60 4.60 -11.09
N ASN B 429 -7.05 5.40 -10.13
CA ASN B 429 -6.32 5.64 -8.90
C ASN B 429 -6.69 4.55 -7.89
N LYS B 430 -6.40 4.80 -6.60
CA LYS B 430 -6.89 3.91 -5.56
C LYS B 430 -8.39 3.99 -5.41
N HIS B 431 -8.96 5.18 -5.60
CA HIS B 431 -10.38 5.40 -5.33
C HIS B 431 -11.26 4.54 -6.24
N GLY B 432 -10.76 4.16 -7.40
CA GLY B 432 -11.42 3.16 -8.23
C GLY B 432 -12.22 3.77 -9.35
N LEU B 433 -12.85 2.86 -10.12
CA LEU B 433 -13.71 3.21 -11.25
C LEU B 433 -14.95 2.33 -11.14
N MET B 434 -16.00 2.86 -10.50
CA MET B 434 -17.26 2.14 -10.41
C MET B 434 -18.09 2.45 -11.64
N ILE B 435 -18.65 1.42 -12.25
CA ILE B 435 -19.40 1.54 -13.48
C ILE B 435 -20.74 0.83 -13.31
N LEU B 436 -21.80 1.44 -13.82
CA LEU B 436 -23.02 0.72 -14.17
C LEU B 436 -22.90 0.25 -15.60
N GLU B 437 -23.48 -0.92 -15.89
CA GLU B 437 -23.40 -1.43 -17.24
C GLU B 437 -24.48 -2.48 -17.47
N VAL B 438 -24.99 -2.50 -18.70
CA VAL B 438 -26.03 -3.42 -19.13
C VAL B 438 -25.39 -4.53 -19.95
N HIS B 439 -25.99 -5.72 -19.90
CA HIS B 439 -25.41 -6.88 -20.54
C HIS B 439 -26.46 -7.66 -21.33
N CYS B 440 -25.98 -8.40 -22.30
CA CYS B 440 -26.79 -9.28 -23.12
C CYS B 440 -26.88 -10.67 -22.47
N LEU B 441 -27.69 -11.53 -23.06
CA LEU B 441 -27.81 -12.91 -22.65
C LEU B 441 -27.78 -13.81 -23.88
N GLU B 442 -27.51 -15.09 -23.67
CA GLU B 442 -27.55 -16.01 -24.78
C GLU B 442 -29.02 -16.35 -25.11
N PRO B 443 -29.33 -16.57 -26.39
CA PRO B 443 -30.73 -16.75 -26.77
C PRO B 443 -31.45 -17.84 -25.99
N ARG B 444 -30.74 -18.90 -25.60
CA ARG B 444 -31.36 -19.97 -24.83
C ARG B 444 -31.88 -19.45 -23.49
N VAL B 445 -31.10 -18.58 -22.84
CA VAL B 445 -31.48 -18.13 -21.50
C VAL B 445 -32.64 -17.16 -21.57
N VAL B 446 -32.59 -16.19 -22.50
CA VAL B 446 -33.66 -15.21 -22.60
C VAL B 446 -34.99 -15.91 -22.80
N TYR B 447 -35.02 -16.98 -23.60
CA TYR B 447 -36.27 -17.69 -23.81
C TYR B 447 -36.82 -18.24 -22.50
N GLN B 448 -35.95 -18.83 -21.68
CA GLN B 448 -36.37 -19.34 -20.38
C GLN B 448 -36.94 -18.25 -19.49
N PHE B 449 -36.56 -16.99 -19.73
CA PHE B 449 -37.01 -15.86 -18.94
C PHE B 449 -37.47 -14.74 -19.87
N LEU B 450 -38.21 -15.11 -20.91
CA LEU B 450 -38.49 -14.19 -22.00
C LEU B 450 -39.14 -12.90 -21.50
N ASP B 451 -40.18 -13.02 -20.68
CA ASP B 451 -40.89 -11.85 -20.18
C ASP B 451 -40.45 -11.43 -18.79
N LYS B 452 -39.48 -12.13 -18.19
CA LYS B 452 -38.92 -11.74 -16.91
C LYS B 452 -37.68 -10.87 -17.05
N SER B 453 -37.16 -10.70 -18.26
CA SER B 453 -36.05 -9.81 -18.55
C SER B 453 -36.44 -8.89 -19.70
N GLU B 454 -35.82 -7.71 -19.74
CA GLU B 454 -36.15 -6.71 -20.75
C GLU B 454 -35.30 -6.84 -22.02
N ASN B 455 -34.44 -7.85 -22.12
CA ASN B 455 -33.35 -7.82 -23.08
C ASN B 455 -33.61 -8.67 -24.32
N LEU B 456 -34.85 -9.06 -24.57
CA LEU B 456 -35.17 -9.58 -25.90
C LEU B 456 -35.22 -8.44 -26.90
N HIS B 457 -36.06 -7.44 -26.63
CA HIS B 457 -36.15 -6.26 -27.48
C HIS B 457 -34.99 -5.30 -27.26
N PHE B 458 -34.43 -5.26 -26.05
CA PHE B 458 -33.42 -4.26 -25.75
C PHE B 458 -32.08 -4.62 -26.40
N ASP B 459 -31.60 -5.84 -26.16
CA ASP B 459 -30.39 -6.28 -26.85
C ASP B 459 -30.52 -6.05 -28.36
N ALA B 460 -31.60 -6.58 -28.94
CA ALA B 460 -31.79 -6.50 -30.38
C ALA B 460 -31.59 -5.08 -30.89
N PHE B 461 -32.28 -4.11 -30.28
CA PHE B 461 -32.15 -2.75 -30.77
C PHE B 461 -30.74 -2.21 -30.59
N GLN B 462 -30.12 -2.50 -29.43
CA GLN B 462 -28.75 -2.05 -29.20
C GLN B 462 -27.82 -2.57 -30.28
N GLY B 463 -28.02 -3.82 -30.72
CA GLY B 463 -27.23 -4.33 -31.82
C GLY B 463 -27.46 -3.56 -33.10
N PHE B 464 -28.73 -3.38 -33.48
CA PHE B 464 -29.05 -2.55 -34.63
C PHE B 464 -28.46 -1.16 -34.49
N SER B 465 -28.29 -0.68 -33.26
N SER B 465 -28.29 -0.68 -33.26
CA SER B 465 -27.80 0.67 -33.00
CA SER B 465 -27.80 0.67 -33.00
C SER B 465 -26.27 0.76 -32.99
C SER B 465 -26.28 0.75 -32.97
N GLN B 466 -25.58 -0.32 -33.32
CA GLN B 466 -24.12 -0.35 -33.34
C GLN B 466 -23.54 0.08 -31.98
N GLN B 467 -24.18 -0.39 -30.91
CA GLN B 467 -23.64 -0.38 -29.56
C GLN B 467 -23.30 -1.81 -29.18
N TYR B 468 -22.36 -1.98 -28.25
CA TYR B 468 -21.71 -3.27 -28.04
C TYR B 468 -21.94 -3.78 -26.63
N LEU B 469 -22.79 -4.79 -26.50
CA LEU B 469 -23.05 -5.44 -25.23
C LEU B 469 -22.34 -6.79 -25.18
N VAL B 470 -21.85 -7.14 -23.99
CA VAL B 470 -21.26 -8.44 -23.72
C VAL B 470 -21.91 -9.00 -22.47
N GLU B 471 -21.67 -10.28 -22.22
CA GLU B 471 -22.22 -10.92 -21.03
C GLU B 471 -21.59 -10.33 -19.76
N ALA B 472 -22.28 -10.52 -18.64
CA ALA B 472 -21.84 -9.91 -17.39
C ALA B 472 -20.58 -10.58 -16.86
N GLU B 473 -20.54 -11.91 -16.85
CA GLU B 473 -19.31 -12.59 -16.46
C GLU B 473 -18.15 -12.17 -17.35
N VAL B 474 -18.43 -11.93 -18.64
CA VAL B 474 -17.38 -11.57 -19.58
C VAL B 474 -16.88 -10.17 -19.31
N PHE B 475 -17.79 -9.24 -19.02
CA PHE B 475 -17.38 -7.88 -18.72
C PHE B 475 -16.59 -7.82 -17.42
N LEU B 476 -17.01 -8.59 -16.41
CA LEU B 476 -16.19 -8.76 -15.21
C LEU B 476 -14.83 -9.34 -15.56
N MET B 477 -14.83 -10.48 -16.25
CA MET B 477 -13.58 -11.12 -16.65
C MET B 477 -12.65 -10.14 -17.36
N SER B 478 -13.22 -9.26 -18.19
CA SER B 478 -12.39 -8.33 -18.95
C SER B 478 -11.68 -7.34 -18.04
N ALA B 479 -12.35 -6.91 -16.97
CA ALA B 479 -11.68 -6.05 -15.99
C ALA B 479 -10.63 -6.84 -15.22
N ALA B 480 -10.92 -8.10 -14.89
CA ALA B 480 -9.96 -8.93 -14.17
C ALA B 480 -8.67 -9.12 -14.95
N GLN B 481 -8.71 -8.98 -16.27
CA GLN B 481 -7.53 -9.17 -17.10
C GLN B 481 -6.70 -7.91 -17.26
N VAL B 482 -7.12 -6.80 -16.65
CA VAL B 482 -6.34 -5.57 -16.67
C VAL B 482 -6.16 -5.09 -15.22
N GLY B 483 -6.58 -5.92 -14.27
CA GLY B 483 -6.36 -5.63 -12.86
C GLY B 483 -7.48 -4.91 -12.15
N LEU B 484 -8.60 -4.64 -12.82
CA LEU B 484 -9.73 -3.96 -12.20
C LEU B 484 -10.69 -5.01 -11.66
N PHE B 485 -10.69 -5.17 -10.34
CA PHE B 485 -11.47 -6.19 -9.64
C PHE B 485 -12.46 -5.51 -8.71
N PRO B 486 -13.71 -5.97 -8.64
CA PRO B 486 -14.71 -5.20 -7.88
C PRO B 486 -14.71 -5.52 -6.38
N LYS B 487 -14.95 -4.46 -5.59
CA LYS B 487 -15.27 -4.60 -4.18
C LYS B 487 -16.66 -5.20 -4.04
N LEU B 488 -16.75 -6.53 -4.01
CA LEU B 488 -18.05 -7.19 -4.02
C LEU B 488 -18.98 -6.68 -2.91
N GLU B 489 -18.44 -6.03 -1.88
CA GLU B 489 -19.29 -5.47 -0.84
C GLU B 489 -20.20 -4.39 -1.40
N LEU B 490 -19.69 -3.57 -2.32
CA LEU B 490 -20.44 -2.45 -2.87
C LEU B 490 -21.00 -2.74 -4.26
N SER B 491 -20.90 -3.97 -4.74
CA SER B 491 -21.26 -4.31 -6.11
C SER B 491 -22.56 -5.10 -6.15
N LYS B 492 -23.49 -4.65 -6.97
CA LYS B 492 -24.83 -5.24 -7.05
C LYS B 492 -25.12 -5.74 -8.46
N ARG B 493 -25.80 -6.87 -8.54
CA ARG B 493 -26.21 -7.50 -9.78
C ARG B 493 -27.72 -7.38 -9.94
N TYR B 494 -28.19 -7.32 -11.19
CA TYR B 494 -29.61 -7.18 -11.47
C TYR B 494 -30.03 -8.04 -12.67
N PRO B 495 -31.23 -8.64 -12.63
CA PRO B 495 -32.24 -8.59 -11.55
C PRO B 495 -31.86 -9.46 -10.36
N LYS B 496 -32.12 -8.97 -9.15
CA LYS B 496 -31.52 -9.56 -7.96
C LYS B 496 -32.02 -10.95 -7.64
N THR B 497 -33.21 -11.34 -8.12
CA THR B 497 -33.82 -12.60 -7.70
C THR B 497 -34.05 -13.58 -8.84
N PHE B 498 -33.48 -13.33 -10.02
CA PHE B 498 -33.56 -14.29 -11.12
C PHE B 498 -32.16 -14.79 -11.47
N PRO B 499 -32.02 -16.06 -11.86
CA PRO B 499 -30.67 -16.64 -12.01
C PRO B 499 -29.95 -16.22 -13.28
N PHE B 500 -30.05 -14.93 -13.62
CA PHE B 500 -29.31 -14.35 -14.73
C PHE B 500 -28.96 -12.93 -14.34
N THR B 501 -28.04 -12.32 -15.08
CA THR B 501 -27.58 -10.97 -14.76
C THR B 501 -27.58 -10.11 -16.02
N ARG B 502 -28.43 -9.09 -16.02
CA ARG B 502 -28.54 -8.16 -17.14
C ARG B 502 -27.81 -6.85 -16.87
N ILE B 503 -27.72 -6.41 -15.62
CA ILE B 503 -27.02 -5.19 -15.27
C ILE B 503 -26.18 -5.44 -14.02
N THR B 504 -25.03 -4.79 -13.96
CA THR B 504 -24.13 -4.89 -12.82
C THR B 504 -23.69 -3.50 -12.37
N LEU B 505 -23.51 -3.35 -11.06
CA LEU B 505 -22.83 -2.22 -10.47
C LEU B 505 -21.53 -2.73 -9.88
N ASN B 506 -20.40 -2.20 -10.35
CA ASN B 506 -19.09 -2.72 -9.98
C ASN B 506 -18.17 -1.57 -9.60
N TYR B 507 -17.83 -1.47 -8.31
CA TYR B 507 -16.86 -0.50 -7.81
C TYR B 507 -15.47 -1.11 -7.97
N PHE B 508 -14.92 -0.97 -9.17
CA PHE B 508 -13.66 -1.64 -9.50
C PHE B 508 -12.50 -1.03 -8.71
N GLU B 509 -11.68 -1.90 -8.13
CA GLU B 509 -10.43 -1.51 -7.48
C GLU B 509 -9.27 -1.97 -8.35
N LYS B 510 -8.39 -1.05 -8.70
CA LYS B 510 -7.11 -1.46 -9.30
C LYS B 510 -6.34 -2.26 -8.26
N ARG B 511 -5.72 -3.35 -8.70
CA ARG B 511 -4.98 -4.22 -7.79
C ARG B 511 -3.82 -4.85 -8.54
N PRO B 512 -2.73 -5.17 -7.83
CA PRO B 512 -1.45 -5.41 -8.51
C PRO B 512 -1.41 -6.69 -9.34
N TYR B 513 -2.47 -7.47 -9.39
CA TYR B 513 -2.44 -8.73 -10.12
C TYR B 513 -3.48 -8.72 -11.24
N LYS B 514 -3.57 -9.86 -11.93
CA LYS B 514 -4.52 -10.05 -13.01
C LYS B 514 -5.00 -11.49 -12.96
N ILE B 515 -6.32 -11.68 -12.96
CA ILE B 515 -6.91 -13.00 -13.10
C ILE B 515 -7.36 -13.15 -14.54
N SER B 516 -7.02 -14.29 -15.13
CA SER B 516 -7.39 -14.60 -16.51
C SER B 516 -7.56 -16.10 -16.61
N HIS B 517 -8.27 -16.53 -17.64
CA HIS B 517 -8.50 -17.95 -17.83
C HIS B 517 -7.19 -18.66 -18.12
N ALA B 518 -7.02 -19.84 -17.53
CA ALA B 518 -5.88 -20.69 -17.84
C ALA B 518 -6.01 -21.19 -19.27
N TYR B 519 -4.96 -21.00 -20.06
CA TYR B 519 -4.89 -21.50 -21.43
C TYR B 519 -3.92 -22.66 -21.48
N LEU B 520 -4.18 -23.61 -22.38
CA LEU B 520 -3.28 -24.74 -22.56
C LEU B 520 -1.83 -24.30 -22.70
N SER B 521 -1.61 -23.05 -23.13
CA SER B 521 -0.25 -22.52 -23.21
C SER B 521 0.41 -22.46 -21.84
N ASP B 522 -0.37 -22.15 -20.81
CA ASP B 522 0.17 -22.01 -19.46
C ASP B 522 0.35 -23.34 -18.75
N LEU B 523 -0.06 -24.45 -19.37
CA LEU B 523 0.06 -25.77 -18.75
C LEU B 523 1.39 -26.03 -18.06
N PRO B 524 2.55 -25.79 -18.68
CA PRO B 524 3.82 -26.08 -17.98
C PRO B 524 3.91 -25.40 -16.62
N ALA B 525 3.62 -24.10 -16.55
CA ALA B 525 3.65 -23.39 -15.28
C ALA B 525 2.65 -23.98 -14.30
N LEU B 526 1.50 -24.43 -14.80
CA LEU B 526 0.47 -24.99 -13.91
C LEU B 526 0.93 -26.30 -13.30
N VAL B 527 1.85 -27.03 -13.94
CA VAL B 527 2.47 -28.19 -13.30
C VAL B 527 3.45 -27.72 -12.24
N ASP B 528 4.26 -26.71 -12.56
CA ASP B 528 5.18 -26.15 -11.59
C ASP B 528 4.43 -25.62 -10.36
N LEU B 529 3.24 -25.08 -10.56
CA LEU B 529 2.44 -24.64 -9.41
C LEU B 529 2.04 -25.82 -8.54
N GLU B 530 1.60 -26.92 -9.17
CA GLU B 530 1.11 -28.05 -8.40
C GLU B 530 2.20 -28.70 -7.57
N VAL B 531 3.45 -28.62 -8.02
CA VAL B 531 4.54 -29.25 -7.26
C VAL B 531 4.95 -28.37 -6.09
N LYS B 532 4.94 -27.05 -6.27
CA LYS B 532 5.30 -26.14 -5.19
C LYS B 532 4.16 -25.90 -4.21
N CYS B 533 2.97 -26.44 -4.48
CA CYS B 533 1.81 -26.25 -3.61
C CYS B 533 1.38 -27.52 -2.90
N TRP B 534 1.82 -28.69 -3.34
CA TRP B 534 1.41 -29.96 -2.74
C TRP B 534 2.52 -30.97 -2.89
N PRO B 535 2.68 -31.89 -1.96
CA PRO B 535 3.63 -32.99 -2.15
C PRO B 535 3.10 -34.04 -3.11
N GLU B 536 4.02 -34.87 -3.60
CA GLU B 536 3.67 -35.88 -4.60
C GLU B 536 2.34 -36.55 -4.31
N ASN B 537 2.17 -37.05 -3.08
CA ASN B 537 1.00 -37.86 -2.76
C ASN B 537 -0.31 -37.13 -2.98
N LEU B 538 -0.29 -35.80 -3.11
CA LEU B 538 -1.52 -35.04 -3.26
C LEU B 538 -1.56 -34.18 -4.51
N ARG B 539 -0.54 -34.23 -5.36
CA ARG B 539 -0.53 -33.41 -6.57
C ARG B 539 -1.48 -33.99 -7.62
N ALA B 540 -2.06 -33.10 -8.42
CA ALA B 540 -2.97 -33.51 -9.48
C ALA B 540 -2.19 -33.94 -10.71
N SER B 541 -2.57 -35.09 -11.28
CA SER B 541 -1.91 -35.57 -12.48
C SER B 541 -1.87 -34.48 -13.55
N THR B 542 -0.78 -34.45 -14.31
CA THR B 542 -0.73 -33.52 -15.44
C THR B 542 -1.78 -33.88 -16.49
N HIS B 543 -2.03 -35.18 -16.68
CA HIS B 543 -3.12 -35.59 -17.56
C HIS B 543 -4.42 -34.91 -17.15
N GLU B 544 -4.71 -34.90 -15.86
CA GLU B 544 -5.92 -34.25 -15.37
C GLU B 544 -5.90 -32.75 -15.66
N ILE B 545 -4.74 -32.11 -15.50
CA ILE B 545 -4.68 -30.67 -15.67
C ILE B 545 -4.90 -30.29 -17.13
N ARG B 546 -4.47 -31.14 -18.06
CA ARG B 546 -4.84 -30.91 -19.46
C ARG B 546 -6.34 -31.04 -19.65
N ARG B 547 -6.93 -32.09 -19.10
CA ARG B 547 -8.38 -32.28 -19.22
C ARG B 547 -9.12 -31.04 -18.73
N ARG B 548 -8.74 -30.52 -17.56
CA ARG B 548 -9.38 -29.32 -17.04
C ARG B 548 -9.20 -28.15 -18.00
N LEU B 549 -8.01 -28.02 -18.59
CA LEU B 549 -7.77 -26.93 -19.53
C LEU B 549 -8.55 -27.11 -20.82
N GLU B 550 -8.81 -28.36 -21.21
CA GLU B 550 -9.53 -28.62 -22.46
C GLU B 550 -11.04 -28.55 -22.27
N LEU B 551 -11.57 -29.38 -21.37
CA LEU B 551 -13.02 -29.55 -21.27
C LEU B 551 -13.71 -28.46 -20.46
N ASN B 552 -12.98 -27.59 -19.78
CA ASN B 552 -13.56 -26.50 -18.99
C ASN B 552 -12.89 -25.19 -19.37
N PRO B 553 -13.03 -24.78 -20.63
CA PRO B 553 -12.22 -23.66 -21.13
C PRO B 553 -12.49 -22.35 -20.43
N GLN B 554 -13.62 -22.23 -19.71
CA GLN B 554 -13.95 -21.01 -18.98
C GLN B 554 -14.07 -21.26 -17.48
N GLY B 555 -13.75 -22.46 -17.01
CA GLY B 555 -13.90 -22.79 -15.61
C GLY B 555 -12.59 -22.92 -14.86
N ASN B 556 -11.55 -22.25 -15.38
CA ASN B 556 -10.25 -22.22 -14.76
C ASN B 556 -9.79 -20.77 -14.72
N LEU B 557 -9.27 -20.35 -13.57
CA LEU B 557 -8.81 -18.98 -13.39
C LEU B 557 -7.39 -18.99 -12.83
N VAL B 558 -6.64 -17.94 -13.16
CA VAL B 558 -5.22 -17.88 -12.89
C VAL B 558 -4.89 -16.48 -12.40
N LEU B 559 -4.45 -16.38 -11.14
CA LEU B 559 -4.04 -15.10 -10.56
C LEU B 559 -2.55 -14.92 -10.79
N ILE B 560 -2.19 -13.94 -11.62
CA ILE B 560 -0.81 -13.73 -12.05
C ILE B 560 -0.30 -12.42 -11.46
N ILE B 561 0.95 -12.44 -11.01
CA ILE B 561 1.66 -11.25 -10.56
C ILE B 561 2.96 -11.16 -11.36
N GLU B 562 3.15 -10.05 -12.06
CA GLU B 562 4.38 -9.81 -12.81
C GLU B 562 4.70 -10.98 -13.75
N ASP B 563 3.68 -11.43 -14.48
CA ASP B 563 3.84 -12.54 -15.42
C ASP B 563 4.30 -13.80 -14.68
N GLN B 564 3.74 -14.01 -13.49
CA GLN B 564 4.02 -15.20 -12.69
C GLN B 564 2.69 -15.70 -12.13
N ILE B 565 2.37 -16.96 -12.39
CA ILE B 565 1.13 -17.55 -11.88
C ILE B 565 1.29 -17.79 -10.39
N ILE B 566 0.56 -17.02 -9.57
CA ILE B 566 0.65 -17.14 -8.12
C ILE B 566 -0.50 -18.01 -7.62
N GLY B 567 -1.59 -18.03 -8.36
CA GLY B 567 -2.77 -18.77 -7.96
C GLY B 567 -3.47 -19.40 -9.15
N ALA B 568 -4.18 -20.49 -8.86
CA ALA B 568 -5.02 -21.17 -9.83
C ALA B 568 -6.22 -21.74 -9.06
N ILE B 569 -7.40 -21.63 -9.66
CA ILE B 569 -8.61 -22.25 -9.13
C ILE B 569 -9.31 -22.96 -10.27
N TYR B 570 -9.65 -24.23 -10.06
CA TYR B 570 -10.20 -25.08 -11.11
C TYR B 570 -11.66 -25.40 -10.80
N SER B 571 -12.51 -25.32 -11.82
CA SER B 571 -13.91 -25.66 -11.66
C SER B 571 -14.46 -26.26 -12.95
N GLN B 572 -15.40 -27.19 -12.78
CA GLN B 572 -16.18 -27.74 -13.87
C GLN B 572 -17.65 -27.73 -13.46
N THR B 573 -18.53 -27.98 -14.41
CA THR B 573 -19.97 -28.02 -14.16
C THR B 573 -20.41 -29.45 -13.90
N ILE B 574 -21.38 -29.60 -13.00
CA ILE B 574 -21.81 -30.91 -12.53
C ILE B 574 -23.33 -30.99 -12.52
N THR B 575 -23.85 -32.20 -12.65
CA THR B 575 -25.30 -32.40 -12.69
C THR B 575 -25.93 -32.28 -11.31
N SER B 576 -25.23 -32.71 -10.26
CA SER B 576 -25.80 -32.63 -8.93
C SER B 576 -24.70 -32.63 -7.87
N THR B 577 -24.98 -31.95 -6.76
CA THR B 577 -24.18 -32.13 -5.56
C THR B 577 -24.12 -33.60 -5.18
N GLU B 578 -25.26 -34.30 -5.25
CA GLU B 578 -25.30 -35.71 -4.91
C GLU B 578 -24.37 -36.53 -5.79
N ALA B 579 -24.24 -36.15 -7.06
CA ALA B 579 -23.32 -36.86 -7.95
C ALA B 579 -21.90 -36.86 -7.39
N LEU B 580 -21.48 -35.73 -6.81
CA LEU B 580 -20.17 -35.66 -6.17
C LEU B 580 -20.18 -36.37 -4.83
N GLU B 581 -21.28 -36.25 -4.08
CA GLU B 581 -21.38 -36.92 -2.79
C GLU B 581 -21.19 -38.43 -2.91
N ASN B 582 -21.29 -38.99 -4.11
CA ASN B 582 -21.20 -40.43 -4.31
C ASN B 582 -20.13 -40.78 -5.34
N VAL B 583 -19.03 -40.03 -5.35
CA VAL B 583 -17.89 -40.31 -6.21
C VAL B 583 -16.61 -40.19 -5.40
N LYS B 584 -15.56 -40.83 -5.90
CA LYS B 584 -14.23 -40.76 -5.32
C LYS B 584 -13.30 -39.99 -6.26
N TYR B 585 -12.20 -39.49 -5.71
CA TYR B 585 -11.40 -38.52 -6.42
C TYR B 585 -10.95 -39.01 -7.79
N ALA B 586 -10.81 -40.32 -7.97
CA ALA B 586 -10.37 -40.83 -9.26
C ALA B 586 -11.45 -40.69 -10.32
N GLN B 587 -12.72 -40.73 -9.92
CA GLN B 587 -13.84 -40.69 -10.86
C GLN B 587 -14.39 -39.29 -11.04
N VAL B 588 -13.71 -38.26 -10.53
CA VAL B 588 -14.21 -36.90 -10.69
C VAL B 588 -14.38 -36.51 -12.16
N PRO B 589 -13.43 -36.83 -13.06
CA PRO B 589 -13.64 -36.53 -14.47
C PRO B 589 -14.94 -37.12 -15.00
N THR B 590 -15.42 -38.17 -14.33
CA THR B 590 -16.65 -38.84 -14.74
C THR B 590 -17.91 -38.03 -14.43
N LEU B 591 -17.77 -36.88 -13.75
CA LEU B 591 -18.91 -36.08 -13.33
C LEU B 591 -19.20 -34.92 -14.27
N HIS B 592 -18.37 -34.71 -15.28
CA HIS B 592 -18.44 -33.52 -16.14
C HIS B 592 -19.73 -33.53 -16.95
N THR B 593 -20.61 -32.58 -16.67
CA THR B 593 -21.84 -32.37 -17.43
C THR B 593 -21.86 -30.95 -17.98
N PRO B 594 -21.68 -30.75 -19.28
CA PRO B 594 -21.54 -29.36 -19.77
C PRO B 594 -22.72 -28.46 -19.43
N GLN B 595 -23.94 -28.98 -19.43
CA GLN B 595 -25.13 -28.20 -19.12
C GLN B 595 -25.68 -28.63 -17.76
N GLY B 596 -24.90 -28.34 -16.72
CA GLY B 596 -25.24 -28.70 -15.36
C GLY B 596 -25.54 -27.47 -14.51
N SER B 597 -26.12 -27.73 -13.34
CA SER B 597 -26.62 -26.66 -12.48
C SER B 597 -25.71 -26.34 -11.31
N VAL B 598 -24.74 -27.20 -10.98
CA VAL B 598 -23.86 -27.01 -9.84
C VAL B 598 -22.42 -27.04 -10.31
N ILE B 599 -21.63 -26.08 -9.86
CA ILE B 599 -20.21 -26.02 -10.18
C ILE B 599 -19.44 -26.82 -9.14
N GLN B 600 -18.51 -27.64 -9.58
CA GLN B 600 -17.58 -28.33 -8.70
C GLN B 600 -16.26 -27.57 -8.68
N LEU B 601 -15.80 -27.22 -7.47
CA LEU B 601 -14.46 -26.67 -7.31
C LEU B 601 -13.46 -27.82 -7.37
N LEU B 602 -12.66 -27.86 -8.44
CA LEU B 602 -11.72 -28.97 -8.58
C LEU B 602 -10.57 -28.85 -7.58
N ALA B 603 -10.02 -27.64 -7.41
CA ALA B 603 -8.91 -27.45 -6.48
C ALA B 603 -8.50 -25.98 -6.50
N LEU B 604 -7.89 -25.56 -5.39
CA LEU B 604 -7.36 -24.21 -5.24
C LEU B 604 -5.89 -24.28 -4.84
N ASN B 605 -5.03 -23.62 -5.62
CA ASN B 605 -3.61 -23.58 -5.35
C ASN B 605 -3.15 -22.14 -5.21
N ILE B 606 -2.41 -21.85 -4.15
CA ILE B 606 -1.70 -20.59 -3.98
C ILE B 606 -0.29 -20.90 -3.51
N LEU B 607 0.69 -20.37 -4.23
CA LEU B 607 2.08 -20.61 -3.86
C LEU B 607 2.29 -20.31 -2.37
N PRO B 608 2.82 -21.25 -1.58
CA PRO B 608 3.05 -20.95 -0.16
C PRO B 608 3.78 -19.63 0.04
N GLU B 609 4.74 -19.35 -0.85
CA GLU B 609 5.47 -18.08 -0.82
C GLU B 609 4.54 -16.89 -0.61
N PHE B 610 3.42 -16.85 -1.35
CA PHE B 610 2.55 -15.69 -1.39
C PHE B 610 1.33 -15.83 -0.49
N GLN B 611 1.20 -16.93 0.25
CA GLN B 611 0.01 -17.14 1.06
C GLN B 611 0.01 -16.20 2.27
N ALA B 612 -1.09 -16.25 3.02
CA ALA B 612 -1.28 -15.38 4.18
C ALA B 612 -1.19 -13.90 3.79
N ARG B 613 -1.71 -13.59 2.59
CA ARG B 613 -1.73 -12.23 2.08
C ARG B 613 -3.11 -11.81 1.59
N GLY B 614 -4.08 -12.72 1.59
CA GLY B 614 -5.40 -12.44 1.09
C GLY B 614 -5.64 -12.86 -0.34
N LEU B 615 -4.58 -13.16 -1.09
CA LEU B 615 -4.76 -13.53 -2.49
C LEU B 615 -5.62 -14.77 -2.63
N GLY B 616 -5.33 -15.81 -1.84
CA GLY B 616 -6.16 -17.00 -1.88
C GLY B 616 -7.62 -16.70 -1.58
N ASN B 617 -7.86 -15.82 -0.61
CA ASN B 617 -9.22 -15.37 -0.35
C ASN B 617 -9.77 -14.61 -1.54
N GLU B 618 -9.05 -13.58 -2.00
CA GLU B 618 -9.54 -12.73 -3.07
C GLU B 618 -9.80 -13.54 -4.34
N LEU B 619 -8.97 -14.54 -4.60
CA LEU B 619 -9.17 -15.36 -5.80
C LEU B 619 -10.45 -16.19 -5.68
N ARG B 620 -10.62 -16.88 -4.55
CA ARG B 620 -11.84 -17.65 -4.34
C ARG B 620 -13.08 -16.79 -4.47
N ASP B 621 -13.07 -15.61 -3.82
CA ASP B 621 -14.23 -14.75 -3.84
C ASP B 621 -14.58 -14.31 -5.26
N PHE B 622 -13.57 -13.89 -6.02
CA PHE B 622 -13.81 -13.50 -7.41
C PHE B 622 -14.48 -14.64 -8.18
N MET B 623 -13.91 -15.84 -8.09
CA MET B 623 -14.44 -16.98 -8.82
C MET B 623 -15.91 -17.19 -8.53
N LEU B 624 -16.29 -17.12 -7.25
CA LEU B 624 -17.68 -17.31 -6.88
C LEU B 624 -18.58 -16.25 -7.52
N TYR B 625 -18.15 -14.99 -7.48
CA TYR B 625 -18.95 -13.92 -8.07
C TYR B 625 -19.03 -14.08 -9.58
N TYR B 626 -17.91 -14.42 -10.21
CA TYR B 626 -17.92 -14.79 -11.63
C TYR B 626 -18.89 -15.95 -11.88
N CYS B 627 -18.90 -16.94 -10.99
CA CYS B 627 -19.86 -18.03 -11.13
C CYS B 627 -21.29 -17.54 -10.90
N THR B 628 -21.48 -16.55 -10.02
CA THR B 628 -22.80 -15.98 -9.85
C THR B 628 -23.25 -15.24 -11.09
N LEU B 629 -22.35 -14.45 -11.69
CA LEU B 629 -22.73 -13.66 -12.86
C LEU B 629 -22.86 -14.52 -14.11
N LYS B 630 -22.05 -15.58 -14.23
CA LYS B 630 -22.22 -16.50 -15.36
C LYS B 630 -23.67 -16.87 -15.53
N GLY B 631 -24.40 -17.00 -14.42
CA GLY B 631 -25.82 -17.29 -14.46
C GLY B 631 -26.10 -18.77 -14.53
N GLY B 632 -27.28 -19.15 -14.03
CA GLY B 632 -27.76 -20.50 -14.14
C GLY B 632 -27.17 -21.48 -13.14
N ILE B 633 -26.26 -21.05 -12.28
CA ILE B 633 -25.69 -21.90 -11.26
C ILE B 633 -26.24 -21.47 -9.91
N GLU B 634 -26.59 -22.45 -9.08
CA GLU B 634 -27.08 -22.18 -7.74
C GLU B 634 -26.05 -22.45 -6.65
N SER B 635 -25.15 -23.41 -6.86
CA SER B 635 -24.23 -23.82 -5.81
C SER B 635 -22.86 -24.13 -6.39
N VAL B 636 -21.82 -23.62 -5.72
CA VAL B 636 -20.44 -23.99 -5.97
C VAL B 636 -20.04 -24.97 -4.88
N VAL B 637 -19.69 -26.20 -5.28
CA VAL B 637 -19.40 -27.26 -4.32
C VAL B 637 -18.01 -27.81 -4.58
N GLY B 638 -17.51 -28.57 -3.60
CA GLY B 638 -16.24 -29.23 -3.74
C GLY B 638 -15.97 -30.12 -2.55
N VAL B 639 -15.03 -31.05 -2.75
CA VAL B 639 -14.54 -31.92 -1.69
C VAL B 639 -13.12 -31.47 -1.37
N THR B 640 -12.94 -30.82 -0.23
CA THR B 640 -11.64 -30.31 0.13
C THR B 640 -10.92 -31.33 1.02
N ARG B 641 -9.97 -30.86 1.82
CA ARG B 641 -9.05 -31.70 2.55
C ARG B 641 -8.70 -31.00 3.86
N CYS B 642 -8.27 -31.77 4.84
CA CYS B 642 -7.82 -31.22 6.11
C CYS B 642 -6.29 -31.15 6.11
N ARG B 643 -5.76 -30.03 6.59
CA ARG B 643 -4.32 -29.84 6.64
C ARG B 643 -3.72 -30.43 7.91
N ASN B 644 -4.29 -30.11 9.07
CA ASN B 644 -3.73 -30.51 10.34
C ASN B 644 -4.59 -31.53 11.08
N TYR B 645 -5.51 -32.21 10.40
CA TYR B 645 -6.23 -33.26 11.11
C TYR B 645 -5.26 -34.30 11.64
N VAL B 646 -4.18 -34.56 10.90
CA VAL B 646 -3.16 -35.50 11.32
C VAL B 646 -2.58 -35.15 12.67
N ASN B 647 -2.70 -33.89 13.10
CA ASN B 647 -2.19 -33.49 14.40
C ASN B 647 -3.15 -33.84 15.55
N TYR B 648 -4.44 -33.99 15.26
CA TYR B 648 -5.44 -34.31 16.28
C TYR B 648 -6.19 -35.58 15.91
N SER B 649 -5.51 -36.51 15.27
CA SER B 649 -6.14 -37.71 14.71
C SER B 649 -6.69 -38.65 15.77
N GLN B 650 -6.50 -38.36 17.06
CA GLN B 650 -7.05 -39.23 18.10
C GLN B 650 -8.55 -39.08 18.26
N MET B 651 -9.17 -38.09 17.59
CA MET B 651 -10.59 -37.87 17.65
C MET B 651 -11.20 -38.08 16.26
N PRO B 652 -12.51 -38.31 16.19
CA PRO B 652 -13.13 -38.47 14.87
C PRO B 652 -13.04 -37.19 14.06
N MET B 653 -12.97 -37.35 12.74
CA MET B 653 -13.02 -36.18 11.86
C MET B 653 -14.23 -35.32 12.18
N MET B 654 -15.35 -35.95 12.57
CA MET B 654 -16.56 -35.21 12.88
C MET B 654 -16.29 -34.14 13.93
N GLU B 655 -15.65 -34.52 15.04
CA GLU B 655 -15.40 -33.58 16.12
C GLU B 655 -14.20 -32.69 15.86
N TYR B 656 -13.24 -33.13 15.05
CA TYR B 656 -12.15 -32.24 14.67
C TYR B 656 -12.69 -31.02 13.93
N LEU B 657 -13.49 -31.24 12.89
CA LEU B 657 -14.02 -30.14 12.10
C LEU B 657 -14.86 -29.18 12.94
N LYS B 658 -15.34 -29.61 14.11
CA LYS B 658 -16.07 -28.73 15.01
C LYS B 658 -15.17 -27.94 15.93
N LEU B 659 -13.88 -28.26 15.98
CA LEU B 659 -12.93 -27.52 16.80
C LEU B 659 -12.70 -26.13 16.20
N HIS B 660 -12.13 -25.24 17.02
CA HIS B 660 -11.95 -23.85 16.64
C HIS B 660 -10.56 -23.37 17.01
N ASN B 661 -10.19 -22.21 16.47
CA ASN B 661 -8.87 -21.62 16.68
C ASN B 661 -8.98 -20.38 17.56
N GLU B 662 -7.81 -19.80 17.87
CA GLU B 662 -7.77 -18.64 18.76
C GLU B 662 -8.51 -17.44 18.20
N GLN B 663 -8.74 -17.39 16.88
CA GLN B 663 -9.47 -16.30 16.27
C GLN B 663 -10.96 -16.60 16.11
N ARG B 664 -11.40 -17.78 16.55
CA ARG B 664 -12.80 -18.19 16.56
C ARG B 664 -13.32 -18.60 15.18
N GLN B 665 -12.41 -18.84 14.22
CA GLN B 665 -12.75 -19.57 13.01
C GLN B 665 -12.50 -21.05 13.25
N LEU B 666 -12.96 -21.89 12.32
CA LEU B 666 -12.62 -23.30 12.39
C LEU B 666 -11.11 -23.45 12.52
N LEU B 667 -10.68 -24.53 13.15
CA LEU B 667 -9.26 -24.67 13.44
C LEU B 667 -8.48 -25.09 12.20
N ASP B 668 -8.90 -26.16 11.54
CA ASP B 668 -8.19 -26.64 10.37
C ASP B 668 -8.06 -25.51 9.36
N PRO B 669 -6.84 -25.22 8.86
CA PRO B 669 -6.64 -23.95 8.15
C PRO B 669 -7.33 -23.87 6.80
N ILE B 670 -7.55 -24.99 6.12
CA ILE B 670 -8.06 -24.96 4.75
C ILE B 670 -9.55 -25.26 4.71
N VAL B 671 -10.03 -26.27 5.46
CA VAL B 671 -11.46 -26.39 5.65
C VAL B 671 -12.02 -25.09 6.23
N GLY B 672 -11.28 -24.49 7.15
CA GLY B 672 -11.71 -23.22 7.72
C GLY B 672 -11.65 -22.07 6.74
N PHE B 673 -10.72 -22.13 5.78
CA PHE B 673 -10.67 -21.10 4.75
C PHE B 673 -11.98 -21.00 4.00
N HIS B 674 -12.57 -22.15 3.68
CA HIS B 674 -13.79 -22.17 2.88
C HIS B 674 -14.99 -21.71 3.70
N VAL B 675 -15.19 -22.29 4.89
CA VAL B 675 -16.32 -21.90 5.73
C VAL B 675 -16.30 -20.39 5.95
N SER B 676 -15.17 -19.86 6.42
CA SER B 676 -15.05 -18.42 6.67
C SER B 676 -15.31 -17.60 5.42
N GLY B 677 -15.30 -18.22 4.24
CA GLY B 677 -15.61 -17.52 3.01
C GLY B 677 -17.02 -17.77 2.55
N GLY B 678 -17.89 -18.21 3.46
CA GLY B 678 -19.28 -18.46 3.15
C GLY B 678 -19.64 -19.88 2.83
N ALA B 679 -18.79 -20.85 3.17
CA ALA B 679 -19.05 -22.24 2.86
C ALA B 679 -19.69 -22.95 4.04
N GLU B 680 -20.30 -24.09 3.75
CA GLU B 680 -20.85 -24.98 4.78
C GLU B 680 -20.32 -26.38 4.52
N ILE B 681 -20.00 -27.08 5.61
CA ILE B 681 -19.61 -28.48 5.54
C ILE B 681 -20.89 -29.29 5.33
N ARG B 682 -21.02 -29.90 4.15
CA ARG B 682 -22.21 -30.67 3.83
C ARG B 682 -22.07 -32.15 4.20
N GLY B 683 -20.86 -32.60 4.47
CA GLY B 683 -20.64 -34.00 4.84
C GLY B 683 -19.19 -34.38 4.65
N ILE B 684 -18.89 -35.60 5.09
CA ILE B 684 -17.55 -36.18 4.95
C ILE B 684 -17.64 -37.34 3.97
N ILE B 685 -16.81 -37.30 2.93
CA ILE B 685 -16.74 -38.38 1.96
C ILE B 685 -15.70 -39.39 2.44
N ALA B 686 -16.07 -40.66 2.42
CA ALA B 686 -15.20 -41.73 2.88
C ALA B 686 -14.32 -42.22 1.74
N ASN B 687 -13.03 -42.42 2.03
CA ASN B 687 -12.08 -42.96 1.06
C ASN B 687 -12.15 -42.20 -0.25
N TYR B 688 -12.29 -40.88 -0.15
CA TYR B 688 -12.38 -40.04 -1.35
C TYR B 688 -11.02 -39.93 -2.03
N ARG B 689 -9.94 -39.82 -1.25
CA ARG B 689 -8.58 -39.83 -1.77
C ARG B 689 -7.74 -40.75 -0.89
N PRO B 690 -7.73 -42.06 -1.16
CA PRO B 690 -6.92 -42.96 -0.33
C PRO B 690 -5.46 -42.54 -0.25
N GLU B 691 -4.91 -42.01 -1.34
CA GLU B 691 -3.51 -41.61 -1.36
C GLU B 691 -3.21 -40.51 -0.35
N ASP B 692 -4.23 -39.91 0.26
CA ASP B 692 -4.03 -38.91 1.31
C ASP B 692 -4.04 -39.64 2.65
N THR B 693 -2.89 -40.23 2.98
CA THR B 693 -2.81 -41.05 4.17
C THR B 693 -3.04 -40.24 5.44
N ASP B 694 -2.52 -39.01 5.48
CA ASP B 694 -2.62 -38.19 6.68
C ASP B 694 -4.07 -38.08 7.15
N ASN B 695 -5.00 -37.93 6.20
CA ASN B 695 -6.42 -37.88 6.51
C ASN B 695 -7.11 -39.21 6.24
N LEU B 696 -6.33 -40.29 6.11
CA LEU B 696 -6.87 -41.64 5.97
C LEU B 696 -7.99 -41.69 4.93
N GLY B 697 -7.82 -40.92 3.86
CA GLY B 697 -8.72 -40.97 2.72
C GLY B 697 -9.94 -40.07 2.82
N MET B 698 -10.21 -39.50 3.98
CA MET B 698 -11.45 -38.75 4.17
C MET B 698 -11.36 -37.38 3.50
N GLY B 699 -12.35 -37.07 2.66
CA GLY B 699 -12.46 -35.78 2.02
C GLY B 699 -13.65 -35.01 2.58
N ILE B 700 -13.55 -33.69 2.56
CA ILE B 700 -14.50 -32.80 3.22
C ILE B 700 -15.33 -32.13 2.14
N LEU B 701 -16.57 -32.58 1.96
CA LEU B 701 -17.48 -32.01 0.98
C LEU B 701 -18.03 -30.69 1.51
N ILE B 702 -17.81 -29.60 0.76
CA ILE B 702 -18.26 -28.28 1.15
C ILE B 702 -19.23 -27.76 0.09
N GLU B 703 -19.83 -26.60 0.38
CA GLU B 703 -20.74 -26.00 -0.57
C GLU B 703 -20.92 -24.53 -0.24
N TYR B 704 -20.88 -23.69 -1.27
CA TYR B 704 -21.17 -22.27 -1.13
C TYR B 704 -22.52 -22.00 -1.80
N ASN B 705 -23.46 -21.42 -1.05
CA ASN B 705 -24.71 -20.97 -1.63
C ASN B 705 -24.51 -19.61 -2.27
N LEU B 706 -24.65 -19.53 -3.59
CA LEU B 706 -24.39 -18.28 -4.30
C LEU B 706 -25.28 -17.14 -3.81
N ARG B 707 -26.35 -17.45 -3.07
CA ARG B 707 -27.15 -16.49 -2.31
C ARG B 707 -28.05 -15.61 -3.18
N ASP B 708 -27.98 -15.73 -4.50
CA ASP B 708 -28.83 -14.95 -5.39
C ASP B 708 -28.44 -15.33 -6.82
#